data_2L9B
#
_entry.id   2L9B
#
loop_
_entity.id
_entity.type
_entity.pdbx_description
1 polymer "mRNA 3'-end-processing protein RNA15"
2 polymer "mRNA 3'-end-processing protein RNA14"
#
loop_
_entity_poly.entity_id
_entity_poly.type
_entity_poly.pdbx_seq_one_letter_code
_entity_poly.pdbx_strand_id
1 'polypeptide(L)'
;GHMSNGPDFQNSGNANFLSQKFPELPSGIDVNINMTTPAMMISSELAKKPKEVQLKFLQKFQEWTRAHPEDAASLLELCP
QLSFVTAELLLTNGICKVDDLIPLASRPQ
;
A
2 'polypeptide(L)' MKRDSELPTEVLDLLSVIPKRQYFNTNLLDAQKLVNFLNDQVEIPTVESTKSG B
#
# COMPACT_ATOMS: atom_id res chain seq x y z
N ALA A 15 -10.64 -1.80 -17.36
CA ALA A 15 -10.66 -1.43 -15.94
C ALA A 15 -11.42 -0.13 -15.71
N ASN A 16 -12.72 -0.18 -15.97
CA ASN A 16 -13.58 1.00 -15.88
C ASN A 16 -13.52 1.64 -14.49
N PHE A 17 -13.45 0.79 -13.45
CA PHE A 17 -13.32 1.25 -12.07
C PHE A 17 -12.15 2.25 -11.94
N LEU A 18 -11.02 1.91 -12.53
CA LEU A 18 -9.85 2.77 -12.46
C LEU A 18 -10.02 3.98 -13.37
N SER A 19 -10.40 3.77 -14.62
CA SER A 19 -10.57 4.90 -15.56
C SER A 19 -11.54 5.95 -15.03
N GLN A 20 -12.43 5.51 -14.14
CA GLN A 20 -13.42 6.39 -13.53
C GLN A 20 -12.87 7.09 -12.29
N LYS A 21 -12.26 6.31 -11.39
CA LYS A 21 -11.83 6.83 -10.09
C LYS A 21 -10.32 6.99 -10.00
N PHE A 22 -9.59 5.97 -10.43
CA PHE A 22 -8.15 5.91 -10.25
C PHE A 22 -7.42 5.73 -11.59
N PRO A 23 -7.46 6.75 -12.48
CA PRO A 23 -6.95 6.62 -13.84
C PRO A 23 -5.47 7.00 -13.96
N GLU A 24 -4.88 7.46 -12.86
CA GLU A 24 -3.52 7.95 -12.86
C GLU A 24 -2.63 7.11 -11.94
N LEU A 25 -2.99 5.85 -11.77
CA LEU A 25 -2.25 4.95 -10.91
C LEU A 25 -0.85 4.68 -11.45
N PRO A 26 0.16 4.88 -10.59
CA PRO A 26 1.56 4.61 -10.94
C PRO A 26 1.82 3.12 -11.06
N SER A 27 2.72 2.78 -11.97
CA SER A 27 3.00 1.38 -12.28
C SER A 27 4.10 0.84 -11.35
N GLY A 28 4.91 1.74 -10.81
CA GLY A 28 6.05 1.33 -10.00
C GLY A 28 7.37 1.53 -10.72
N ILE A 29 8.46 1.43 -9.97
CA ILE A 29 9.79 1.55 -10.56
C ILE A 29 10.23 0.21 -11.13
N ASP A 30 11.22 0.25 -12.02
CA ASP A 30 11.75 -0.98 -12.58
C ASP A 30 12.93 -1.44 -11.74
N VAL A 31 12.84 -2.66 -11.25
CA VAL A 31 13.83 -3.19 -10.32
C VAL A 31 14.61 -4.30 -11.00
N ASN A 32 15.92 -4.32 -10.80
CA ASN A 32 16.76 -5.32 -11.43
C ASN A 32 16.92 -6.51 -10.49
N ILE A 33 15.92 -7.38 -10.53
CA ILE A 33 15.78 -8.48 -9.58
C ILE A 33 16.76 -9.62 -9.84
N ASN A 34 17.89 -9.30 -10.44
CA ASN A 34 18.98 -10.27 -10.58
C ASN A 34 20.05 -9.99 -9.54
N MET A 35 19.90 -8.89 -8.81
CA MET A 35 20.84 -8.54 -7.74
C MET A 35 20.10 -8.03 -6.50
N THR A 36 18.93 -7.46 -6.70
CA THR A 36 18.14 -6.94 -5.59
C THR A 36 16.71 -7.47 -5.65
N THR A 37 16.23 -7.95 -4.52
CA THR A 37 14.88 -8.50 -4.45
C THR A 37 13.86 -7.39 -4.23
N PRO A 38 12.68 -7.49 -4.85
CA PRO A 38 11.67 -6.43 -4.77
C PRO A 38 11.34 -6.10 -3.32
N ALA A 39 11.10 -7.15 -2.54
CA ALA A 39 10.74 -7.03 -1.12
C ALA A 39 11.75 -6.21 -0.33
N MET A 40 13.04 -6.45 -0.57
CA MET A 40 14.08 -5.76 0.18
C MET A 40 14.11 -4.30 -0.22
N MET A 41 13.93 -4.06 -1.51
CA MET A 41 13.81 -2.72 -2.04
C MET A 41 12.59 -2.03 -1.41
N ILE A 42 11.49 -2.77 -1.36
CA ILE A 42 10.24 -2.28 -0.78
C ILE A 42 10.45 -1.76 0.64
N SER A 43 11.28 -2.45 1.41
CA SER A 43 11.44 -2.10 2.80
C SER A 43 12.36 -0.89 2.89
N SER A 44 13.54 -1.01 2.29
CA SER A 44 14.50 0.09 2.21
C SER A 44 13.89 1.36 1.58
N GLU A 45 12.79 1.18 0.87
CA GLU A 45 12.22 2.29 0.12
C GLU A 45 11.36 3.10 1.05
N LEU A 46 10.52 2.41 1.80
CA LEU A 46 9.61 3.05 2.72
C LEU A 46 10.34 3.40 4.02
N ALA A 47 11.24 2.53 4.43
CA ALA A 47 11.94 2.64 5.71
C ALA A 47 13.12 3.61 5.68
N LYS A 48 13.56 4.06 4.49
CA LYS A 48 14.61 5.07 4.45
C LYS A 48 13.99 6.45 4.62
N LYS A 49 12.67 6.50 4.58
CA LYS A 49 11.94 7.74 4.72
C LYS A 49 11.75 8.07 6.19
N PRO A 50 11.83 9.36 6.56
CA PRO A 50 11.61 9.82 7.93
C PRO A 50 10.25 9.39 8.45
N LYS A 51 10.24 8.84 9.67
CA LYS A 51 9.05 8.27 10.34
C LYS A 51 7.78 9.09 10.14
N GLU A 52 7.91 10.40 9.99
CA GLU A 52 6.75 11.25 9.81
C GLU A 52 5.99 10.89 8.54
N VAL A 53 6.72 10.53 7.48
CA VAL A 53 6.11 10.18 6.20
C VAL A 53 5.14 9.02 6.33
N GLN A 54 5.66 7.88 6.75
CA GLN A 54 4.85 6.67 6.91
C GLN A 54 3.61 6.96 7.74
N LEU A 55 3.79 7.66 8.85
CA LEU A 55 2.68 8.00 9.72
C LEU A 55 1.72 8.98 9.03
N LYS A 56 2.27 9.96 8.31
CA LYS A 56 1.45 10.93 7.60
C LYS A 56 0.60 10.24 6.54
N PHE A 57 1.25 9.38 5.77
CA PHE A 57 0.58 8.66 4.71
C PHE A 57 -0.52 7.78 5.26
N LEU A 58 -0.20 7.01 6.28
CA LEU A 58 -1.11 6.00 6.80
C LEU A 58 -2.32 6.61 7.50
N GLN A 59 -2.16 7.77 8.14
CA GLN A 59 -3.28 8.41 8.83
C GLN A 59 -4.17 9.09 7.82
N LYS A 60 -3.56 9.88 6.96
CA LYS A 60 -4.24 10.47 5.80
C LYS A 60 -5.02 9.40 5.04
N PHE A 61 -4.30 8.37 4.61
CA PHE A 61 -4.88 7.22 3.92
C PHE A 61 -6.01 6.61 4.73
N GLN A 62 -5.77 6.40 6.03
CA GLN A 62 -6.77 5.82 6.94
C GLN A 62 -8.11 6.57 6.85
N GLU A 63 -8.05 7.90 6.87
CA GLU A 63 -9.25 8.69 6.74
C GLU A 63 -9.89 8.45 5.37
N TRP A 64 -9.10 8.64 4.32
CA TRP A 64 -9.52 8.38 2.95
C TRP A 64 -10.22 7.02 2.80
N THR A 65 -9.64 5.97 3.37
CA THR A 65 -10.19 4.63 3.21
C THR A 65 -11.44 4.43 4.08
N ARG A 66 -11.55 5.18 5.18
CA ARG A 66 -12.75 5.12 6.01
C ARG A 66 -13.90 5.81 5.29
N ALA A 67 -13.58 6.92 4.63
CA ALA A 67 -14.57 7.65 3.88
C ALA A 67 -14.96 6.92 2.59
N HIS A 68 -14.05 6.11 2.06
CA HIS A 68 -14.31 5.39 0.81
C HIS A 68 -13.87 3.93 0.91
N PRO A 69 -14.53 3.12 1.76
CA PRO A 69 -14.15 1.71 1.95
C PRO A 69 -14.19 0.89 0.67
N GLU A 70 -15.24 1.05 -0.12
CA GLU A 70 -15.36 0.34 -1.40
C GLU A 70 -14.19 0.71 -2.31
N ASP A 71 -14.00 2.01 -2.53
CA ASP A 71 -12.96 2.52 -3.41
C ASP A 71 -11.60 2.01 -2.98
N ALA A 72 -11.26 2.31 -1.73
CA ALA A 72 -9.99 1.94 -1.14
C ALA A 72 -9.71 0.44 -1.27
N ALA A 73 -10.66 -0.37 -0.85
CA ALA A 73 -10.48 -1.81 -0.85
C ALA A 73 -10.34 -2.35 -2.26
N SER A 74 -11.12 -1.83 -3.18
CA SER A 74 -11.08 -2.31 -4.55
C SER A 74 -9.78 -1.89 -5.24
N LEU A 75 -9.19 -0.77 -4.80
CA LEU A 75 -7.91 -0.34 -5.33
C LEU A 75 -6.80 -1.26 -4.82
N LEU A 76 -6.88 -1.62 -3.54
CA LEU A 76 -5.92 -2.55 -2.95
C LEU A 76 -6.09 -3.94 -3.56
N GLU A 77 -7.31 -4.20 -4.03
CA GLU A 77 -7.63 -5.45 -4.69
C GLU A 77 -6.84 -5.60 -5.98
N LEU A 78 -6.75 -4.50 -6.74
CA LEU A 78 -6.16 -4.56 -8.07
C LEU A 78 -4.68 -4.12 -8.08
N CYS A 79 -4.30 -3.16 -7.24
CA CYS A 79 -2.92 -2.67 -7.23
C CYS A 79 -2.19 -3.09 -5.95
N PRO A 80 -1.31 -4.10 -6.06
CA PRO A 80 -0.66 -4.72 -4.90
C PRO A 80 0.46 -3.89 -4.28
N GLN A 81 0.95 -2.85 -4.97
CA GLN A 81 2.04 -2.04 -4.42
C GLN A 81 1.55 -1.30 -3.19
N LEU A 82 0.29 -0.89 -3.22
CA LEU A 82 -0.30 -0.16 -2.12
C LEU A 82 -0.62 -1.11 -0.96
N SER A 83 -1.24 -2.24 -1.30
CA SER A 83 -1.48 -3.32 -0.33
C SER A 83 -0.24 -3.57 0.55
N PHE A 84 0.90 -3.86 -0.07
CA PHE A 84 2.11 -4.15 0.68
C PHE A 84 2.81 -2.88 1.16
N VAL A 85 2.66 -1.78 0.43
CA VAL A 85 3.22 -0.50 0.85
C VAL A 85 2.66 -0.12 2.21
N THR A 86 1.36 -0.38 2.38
CA THR A 86 0.70 -0.11 3.64
C THR A 86 1.23 -1.04 4.72
N ALA A 87 1.31 -2.33 4.38
CA ALA A 87 1.82 -3.34 5.29
C ALA A 87 3.23 -3.02 5.79
N GLU A 88 4.14 -2.73 4.87
CA GLU A 88 5.53 -2.44 5.22
C GLU A 88 5.63 -1.18 6.10
N LEU A 89 4.79 -0.19 5.84
CA LEU A 89 4.77 1.01 6.67
C LEU A 89 4.22 0.68 8.05
N LEU A 90 3.25 -0.23 8.11
CA LEU A 90 2.74 -0.73 9.38
C LEU A 90 3.87 -1.43 10.14
N LEU A 91 4.66 -2.20 9.40
CA LEU A 91 5.76 -2.95 9.97
C LEU A 91 6.84 -2.04 10.54
N THR A 92 7.29 -1.07 9.73
CA THR A 92 8.41 -0.23 10.10
C THR A 92 8.11 0.62 11.35
N ASN A 93 6.86 1.05 11.50
CA ASN A 93 6.48 1.84 12.67
C ASN A 93 6.17 0.96 13.87
N GLY A 94 5.83 -0.29 13.60
CA GLY A 94 5.49 -1.21 14.66
C GLY A 94 4.00 -1.26 14.92
N ILE A 95 3.24 -0.56 14.10
CA ILE A 95 1.78 -0.59 14.15
C ILE A 95 1.27 -2.03 14.09
N CYS A 96 1.78 -2.75 13.11
CA CYS A 96 1.41 -4.14 12.90
C CYS A 96 2.66 -4.94 12.59
N LYS A 97 2.62 -6.24 12.84
CA LYS A 97 3.74 -7.12 12.57
C LYS A 97 3.39 -8.05 11.43
N VAL A 98 4.37 -8.80 10.93
CA VAL A 98 4.12 -9.73 9.83
C VAL A 98 3.01 -10.70 10.19
N ASP A 99 3.02 -11.14 11.45
CA ASP A 99 2.07 -12.13 11.94
C ASP A 99 0.66 -11.52 12.00
N ASP A 100 0.57 -10.19 11.98
CA ASP A 100 -0.71 -9.50 11.98
C ASP A 100 -1.20 -9.30 10.54
N LEU A 101 -0.31 -9.56 9.59
CA LEU A 101 -0.64 -9.36 8.18
C LEU A 101 -1.16 -10.65 7.55
N ILE A 102 -0.73 -11.78 8.10
CA ILE A 102 -1.18 -13.09 7.62
C ILE A 102 -2.69 -13.32 7.84
N PRO A 103 -3.31 -12.78 8.91
CA PRO A 103 -4.77 -12.72 9.02
C PRO A 103 -5.41 -11.98 7.83
N LEU A 104 -4.68 -10.99 7.29
CA LEU A 104 -5.13 -10.27 6.12
C LEU A 104 -4.92 -11.12 4.88
N ALA A 105 -3.83 -11.87 4.87
CA ALA A 105 -3.51 -12.74 3.76
C ALA A 105 -4.46 -13.92 3.73
N GLU B 6 -10.96 10.54 -5.12
CA GLU B 6 -9.61 10.74 -5.67
C GLU B 6 -8.52 10.47 -4.66
N LEU B 7 -7.35 10.10 -5.18
CA LEU B 7 -6.19 9.81 -4.36
C LEU B 7 -5.38 11.07 -4.13
N PRO B 8 -4.96 11.31 -2.89
CA PRO B 8 -4.05 12.40 -2.57
C PRO B 8 -2.66 12.12 -3.12
N THR B 9 -1.98 13.20 -3.46
CA THR B 9 -0.71 13.15 -4.19
C THR B 9 0.35 12.33 -3.47
N GLU B 10 0.36 12.42 -2.14
CA GLU B 10 1.27 11.64 -1.31
C GLU B 10 1.18 10.15 -1.65
N VAL B 11 -0.05 9.63 -1.70
CA VAL B 11 -0.29 8.24 -2.08
C VAL B 11 0.28 7.94 -3.46
N LEU B 12 -0.06 8.79 -4.43
CA LEU B 12 0.41 8.62 -5.80
C LEU B 12 1.92 8.46 -5.87
N ASP B 13 2.66 9.38 -5.27
CA ASP B 13 4.12 9.32 -5.29
C ASP B 13 4.61 8.00 -4.67
N LEU B 14 3.98 7.63 -3.57
CA LEU B 14 4.37 6.42 -2.86
C LEU B 14 4.20 5.19 -3.74
N LEU B 15 3.08 5.11 -4.44
CA LEU B 15 2.79 3.96 -5.28
C LEU B 15 3.84 3.81 -6.39
N SER B 16 4.41 4.93 -6.78
CA SER B 16 5.40 4.93 -7.86
C SER B 16 6.81 4.60 -7.36
N VAL B 17 7.12 4.88 -6.10
CA VAL B 17 8.50 4.75 -5.62
C VAL B 17 8.94 3.30 -5.39
N ILE B 18 8.00 2.37 -5.29
CA ILE B 18 8.37 0.97 -5.09
C ILE B 18 8.34 0.20 -6.41
N PRO B 19 8.92 -1.02 -6.43
CA PRO B 19 8.85 -1.94 -7.56
C PRO B 19 7.49 -1.95 -8.27
N LYS B 20 7.54 -2.22 -9.56
CA LYS B 20 6.33 -2.43 -10.34
C LYS B 20 5.48 -3.54 -9.75
N ARG B 21 4.17 -3.29 -9.73
CA ARG B 21 3.15 -4.19 -9.17
C ARG B 21 3.28 -5.66 -9.61
N GLN B 22 4.14 -5.93 -10.60
CA GLN B 22 4.30 -7.29 -11.11
C GLN B 22 5.33 -8.06 -10.29
N TYR B 23 6.13 -7.32 -9.54
CA TYR B 23 7.14 -7.90 -8.68
C TYR B 23 6.58 -8.17 -7.28
N PHE B 24 5.27 -8.04 -7.15
CA PHE B 24 4.61 -8.15 -5.85
C PHE B 24 3.84 -9.46 -5.70
N ASN B 25 3.75 -10.23 -6.78
CA ASN B 25 2.93 -11.44 -6.79
C ASN B 25 3.59 -12.59 -6.03
N THR B 26 3.86 -12.36 -4.75
CA THR B 26 4.44 -13.38 -3.91
C THR B 26 3.36 -14.03 -3.03
N ASN B 27 3.04 -13.40 -1.91
CA ASN B 27 2.02 -13.91 -1.00
C ASN B 27 0.80 -12.99 -1.01
N LEU B 28 1.06 -11.69 -0.96
CA LEU B 28 0.03 -10.66 -1.04
C LEU B 28 -0.85 -10.62 0.21
N LEU B 29 -1.77 -9.68 0.20
CA LEU B 29 -2.69 -9.43 1.30
C LEU B 29 -4.08 -9.18 0.74
N ASP B 30 -5.11 -9.43 1.53
CA ASP B 30 -6.48 -9.33 1.04
C ASP B 30 -6.99 -7.91 1.29
N ALA B 31 -7.01 -7.13 0.21
CA ALA B 31 -7.54 -5.77 0.18
C ALA B 31 -8.75 -5.54 1.08
N GLN B 32 -9.72 -6.42 0.98
CA GLN B 32 -10.97 -6.21 1.68
C GLN B 32 -10.78 -6.34 3.17
N LYS B 33 -9.96 -7.29 3.57
CA LYS B 33 -9.66 -7.50 4.97
C LYS B 33 -8.80 -6.36 5.49
N LEU B 34 -7.84 -5.95 4.66
CA LEU B 34 -6.90 -4.90 5.01
C LEU B 34 -7.61 -3.57 5.25
N VAL B 35 -8.58 -3.27 4.41
CA VAL B 35 -9.30 -2.01 4.52
C VAL B 35 -10.16 -1.98 5.78
N ASN B 36 -10.92 -3.05 5.98
CA ASN B 36 -11.75 -3.15 7.17
C ASN B 36 -10.88 -3.18 8.42
N PHE B 37 -9.70 -3.78 8.28
CA PHE B 37 -8.71 -3.83 9.34
C PHE B 37 -8.20 -2.42 9.65
N LEU B 38 -7.86 -1.66 8.62
CA LEU B 38 -7.28 -0.33 8.80
C LEU B 38 -8.32 0.65 9.31
N ASN B 39 -9.54 0.56 8.78
CA ASN B 39 -10.61 1.48 9.16
C ASN B 39 -10.95 1.33 10.64
N ASP B 40 -11.26 0.10 11.04
CA ASP B 40 -11.78 -0.15 12.38
C ASP B 40 -10.68 -0.54 13.38
N GLN B 41 -9.83 -1.49 13.00
CA GLN B 41 -8.93 -2.12 13.96
C GLN B 41 -7.60 -1.38 14.12
N VAL B 42 -7.25 -0.54 13.16
CA VAL B 42 -5.95 0.10 13.20
C VAL B 42 -6.07 1.58 13.59
N GLU B 43 -5.10 2.02 14.37
CA GLU B 43 -4.98 3.42 14.73
C GLU B 43 -3.53 3.83 14.50
N ILE B 44 -3.30 4.57 13.43
CA ILE B 44 -1.93 4.90 13.04
C ILE B 44 -1.31 5.85 14.05
N PRO B 45 -0.24 5.39 14.71
CA PRO B 45 0.45 6.14 15.76
C PRO B 45 0.71 7.59 15.39
N ALA A 15 -12.42 -2.78 -16.29
CA ALA A 15 -11.97 -2.05 -15.13
C ALA A 15 -12.50 -0.62 -15.15
N ASN A 16 -13.82 -0.50 -15.24
CA ASN A 16 -14.47 0.81 -15.30
C ASN A 16 -14.27 1.55 -13.99
N PHE A 17 -14.05 0.80 -12.92
CA PHE A 17 -13.76 1.36 -11.60
C PHE A 17 -12.57 2.33 -11.66
N LEU A 18 -11.42 1.83 -12.08
CA LEU A 18 -10.23 2.66 -12.18
C LEU A 18 -10.37 3.66 -13.31
N SER A 19 -11.04 3.25 -14.39
CA SER A 19 -11.16 4.08 -15.59
C SER A 19 -11.77 5.44 -15.27
N GLN A 20 -12.81 5.46 -14.43
CA GLN A 20 -13.51 6.70 -14.13
C GLN A 20 -13.05 7.34 -12.83
N LYS A 21 -12.58 6.52 -11.88
CA LYS A 21 -12.30 7.02 -10.54
C LYS A 21 -10.81 7.10 -10.22
N PHE A 22 -10.00 6.32 -10.91
CA PHE A 22 -8.56 6.29 -10.67
C PHE A 22 -7.78 6.23 -11.99
N PRO A 23 -8.02 7.21 -12.90
CA PRO A 23 -7.49 7.14 -14.26
C PRO A 23 -6.04 7.60 -14.39
N GLU A 24 -5.45 7.98 -13.26
CA GLU A 24 -4.10 8.51 -13.26
C GLU A 24 -3.20 7.77 -12.30
N LEU A 25 -3.52 6.49 -12.08
CA LEU A 25 -2.68 5.63 -11.27
C LEU A 25 -1.28 5.48 -11.87
N PRO A 26 -0.25 5.59 -11.02
CA PRO A 26 1.14 5.48 -11.44
C PRO A 26 1.55 4.04 -11.68
N SER A 27 2.46 3.84 -12.64
CA SER A 27 2.79 2.50 -13.10
C SER A 27 3.87 1.83 -12.24
N GLY A 28 4.76 2.65 -11.67
CA GLY A 28 5.85 2.09 -10.89
C GLY A 28 7.16 2.09 -11.66
N ILE A 29 8.15 1.39 -11.13
CA ILE A 29 9.47 1.30 -11.74
C ILE A 29 9.75 -0.11 -12.26
N ASP A 30 10.98 -0.33 -12.69
CA ASP A 30 11.43 -1.68 -13.03
C ASP A 30 12.65 -2.01 -12.20
N VAL A 31 12.90 -3.29 -11.98
CA VAL A 31 13.90 -3.70 -11.00
C VAL A 31 14.74 -4.86 -11.54
N ASN A 32 16.05 -4.67 -11.58
CA ASN A 32 16.96 -5.73 -12.00
C ASN A 32 17.03 -6.83 -10.94
N ILE A 33 16.04 -7.70 -10.97
CA ILE A 33 15.87 -8.73 -9.94
C ILE A 33 16.80 -9.93 -10.14
N ASN A 34 17.92 -9.68 -10.80
CA ASN A 34 18.96 -10.70 -10.98
C ASN A 34 20.05 -10.55 -9.93
N MET A 35 20.03 -9.42 -9.23
CA MET A 35 21.01 -9.13 -8.18
C MET A 35 20.32 -8.67 -6.90
N THR A 36 19.15 -8.08 -7.06
CA THR A 36 18.41 -7.56 -5.94
C THR A 36 16.93 -7.94 -6.08
N THR A 37 16.29 -8.27 -4.96
CA THR A 37 14.89 -8.63 -4.98
C THR A 37 14.01 -7.40 -4.80
N PRO A 38 12.81 -7.40 -5.40
CA PRO A 38 11.90 -6.26 -5.32
C PRO A 38 11.52 -5.96 -3.89
N ALA A 39 11.21 -7.01 -3.15
CA ALA A 39 10.77 -6.89 -1.75
C ALA A 39 11.79 -6.14 -0.91
N MET A 40 13.06 -6.33 -1.20
CA MET A 40 14.11 -5.70 -0.41
C MET A 40 14.15 -4.20 -0.69
N MET A 41 13.97 -3.85 -1.96
CA MET A 41 13.89 -2.44 -2.35
C MET A 41 12.59 -1.82 -1.81
N ILE A 42 11.51 -2.59 -1.89
CA ILE A 42 10.20 -2.13 -1.40
C ILE A 42 10.27 -1.73 0.07
N SER A 43 11.01 -2.48 0.86
CA SER A 43 11.10 -2.20 2.27
C SER A 43 12.03 -1.01 2.46
N SER A 44 13.21 -1.10 1.87
CA SER A 44 14.18 -0.01 1.88
C SER A 44 13.60 1.30 1.35
N GLU A 45 12.48 1.22 0.63
CA GLU A 45 11.95 2.41 -0.02
C GLU A 45 11.05 3.14 0.94
N LEU A 46 10.15 2.38 1.54
CA LEU A 46 9.22 2.91 2.51
C LEU A 46 9.95 3.20 3.82
N ALA A 47 10.90 2.32 4.14
CA ALA A 47 11.62 2.36 5.40
C ALA A 47 12.82 3.32 5.40
N LYS A 48 13.28 3.80 4.24
CA LYS A 48 14.37 4.78 4.25
C LYS A 48 13.80 6.18 4.33
N LYS A 49 12.47 6.24 4.33
CA LYS A 49 11.76 7.49 4.50
C LYS A 49 11.52 7.72 5.98
N PRO A 50 11.84 8.94 6.46
CA PRO A 50 11.68 9.31 7.87
C PRO A 50 10.26 9.09 8.37
N LYS A 51 10.19 8.74 9.67
CA LYS A 51 8.94 8.43 10.38
C LYS A 51 7.80 9.39 10.02
N GLU A 52 8.14 10.66 9.80
CA GLU A 52 7.18 11.65 9.31
C GLU A 52 6.33 11.09 8.16
N VAL A 53 6.99 10.61 7.12
CA VAL A 53 6.32 10.15 5.91
C VAL A 53 5.34 9.01 6.16
N GLN A 54 5.79 7.94 6.80
CA GLN A 54 4.94 6.78 7.06
C GLN A 54 3.72 7.21 7.84
N LEU A 55 3.91 8.04 8.86
CA LEU A 55 2.80 8.52 9.67
C LEU A 55 1.88 9.41 8.85
N LYS A 56 2.46 10.37 8.13
CA LYS A 56 1.68 11.30 7.31
C LYS A 56 0.84 10.54 6.30
N PHE A 57 1.49 9.66 5.56
CA PHE A 57 0.84 8.84 4.55
C PHE A 57 -0.29 8.03 5.19
N LEU A 58 0.05 7.33 6.25
CA LEU A 58 -0.89 6.40 6.87
C LEU A 58 -2.05 7.11 7.55
N GLN A 59 -1.85 8.27 8.18
CA GLN A 59 -2.95 8.99 8.79
C GLN A 59 -4.00 9.35 7.77
N LYS A 60 -3.58 10.08 6.74
CA LYS A 60 -4.51 10.54 5.71
C LYS A 60 -5.09 9.37 4.94
N PHE A 61 -4.29 8.35 4.69
CA PHE A 61 -4.75 7.16 3.99
C PHE A 61 -5.79 6.41 4.81
N GLN A 62 -5.48 6.16 6.08
CA GLN A 62 -6.42 5.52 7.00
C GLN A 62 -7.79 6.21 6.97
N GLU A 63 -7.79 7.54 7.01
CA GLU A 63 -9.03 8.27 6.97
C GLU A 63 -9.70 8.09 5.62
N TRP A 64 -8.92 8.30 4.54
CA TRP A 64 -9.38 8.06 3.19
C TRP A 64 -10.12 6.72 3.03
N THR A 65 -9.52 5.64 3.54
CA THR A 65 -10.10 4.31 3.38
C THR A 65 -11.31 4.12 4.28
N ARG A 66 -11.44 4.92 5.33
CA ARG A 66 -12.64 4.89 6.16
C ARG A 66 -13.80 5.56 5.44
N ALA A 67 -13.49 6.69 4.79
CA ALA A 67 -14.50 7.43 4.03
C ALA A 67 -14.84 6.72 2.72
N HIS A 68 -13.94 5.87 2.24
CA HIS A 68 -14.14 5.17 0.99
C HIS A 68 -13.67 3.72 1.09
N PRO A 69 -14.29 2.90 1.96
CA PRO A 69 -13.85 1.50 2.18
C PRO A 69 -13.90 0.65 0.93
N GLU A 70 -14.96 0.77 0.15
CA GLU A 70 -15.11 -0.05 -1.04
C GLU A 70 -14.19 0.45 -2.15
N ASP A 71 -13.98 1.75 -2.20
CA ASP A 71 -13.06 2.34 -3.16
C ASP A 71 -11.64 1.89 -2.86
N ALA A 72 -11.27 2.11 -1.61
CA ALA A 72 -9.97 1.71 -1.09
C ALA A 72 -9.69 0.24 -1.34
N ALA A 73 -10.61 -0.62 -0.89
CA ALA A 73 -10.43 -2.05 -1.02
C ALA A 73 -10.38 -2.49 -2.47
N SER A 74 -11.20 -1.87 -3.31
CA SER A 74 -11.20 -2.21 -4.72
C SER A 74 -9.85 -1.85 -5.34
N LEU A 75 -9.26 -0.74 -4.90
CA LEU A 75 -7.98 -0.30 -5.41
C LEU A 75 -6.86 -1.20 -4.88
N LEU A 76 -6.90 -1.48 -3.59
CA LEU A 76 -5.88 -2.29 -2.94
C LEU A 76 -5.89 -3.73 -3.44
N GLU A 77 -7.02 -4.15 -4.01
CA GLU A 77 -7.12 -5.51 -4.52
C GLU A 77 -6.55 -5.59 -5.93
N LEU A 78 -6.79 -4.54 -6.71
CA LEU A 78 -6.34 -4.52 -8.09
C LEU A 78 -4.93 -3.95 -8.21
N CYS A 79 -4.51 -3.17 -7.22
CA CYS A 79 -3.14 -2.65 -7.17
C CYS A 79 -2.43 -3.11 -5.91
N PRO A 80 -1.75 -4.27 -5.96
CA PRO A 80 -1.03 -4.84 -4.81
C PRO A 80 0.14 -3.97 -4.33
N GLN A 81 0.46 -2.91 -5.06
CA GLN A 81 1.53 -1.98 -4.67
C GLN A 81 1.23 -1.42 -3.28
N LEU A 82 0.16 -0.66 -3.25
CA LEU A 82 -0.29 0.05 -2.07
C LEU A 82 -0.64 -0.91 -0.93
N SER A 83 -1.26 -2.03 -1.28
CA SER A 83 -1.50 -3.13 -0.33
C SER A 83 -0.26 -3.41 0.54
N PHE A 84 0.89 -3.66 -0.10
CA PHE A 84 2.11 -3.94 0.65
C PHE A 84 2.80 -2.66 1.12
N VAL A 85 2.60 -1.57 0.40
CA VAL A 85 3.05 -0.25 0.85
C VAL A 85 2.56 0.01 2.27
N THR A 86 1.25 -0.13 2.45
CA THR A 86 0.63 0.06 3.73
C THR A 86 1.21 -0.91 4.76
N ALA A 87 1.27 -2.18 4.37
CA ALA A 87 1.79 -3.24 5.23
C ALA A 87 3.18 -2.93 5.78
N GLU A 88 4.09 -2.57 4.88
CA GLU A 88 5.48 -2.33 5.26
C GLU A 88 5.58 -1.12 6.19
N LEU A 89 4.81 -0.07 5.90
CA LEU A 89 4.78 1.13 6.75
C LEU A 89 4.18 0.82 8.12
N LEU A 90 3.25 -0.13 8.13
CA LEU A 90 2.68 -0.62 9.38
C LEU A 90 3.73 -1.36 10.21
N LEU A 91 4.57 -2.10 9.53
CA LEU A 91 5.62 -2.89 10.18
C LEU A 91 6.64 -1.99 10.85
N THR A 92 7.01 -0.91 10.18
CA THR A 92 8.04 -0.02 10.69
C THR A 92 7.56 0.81 11.88
N ASN A 93 6.29 1.23 11.89
CA ASN A 93 5.77 1.96 13.03
C ASN A 93 5.40 1.01 14.17
N GLY A 94 5.15 -0.25 13.83
CA GLY A 94 5.04 -1.29 14.85
C GLY A 94 3.61 -1.61 15.23
N ILE A 95 2.66 -0.79 14.80
CA ILE A 95 1.25 -1.01 15.14
C ILE A 95 0.81 -2.40 14.68
N CYS A 96 1.04 -2.69 13.41
CA CYS A 96 0.73 -3.99 12.87
C CYS A 96 2.02 -4.71 12.51
N LYS A 97 2.06 -6.00 12.76
CA LYS A 97 3.25 -6.78 12.48
C LYS A 97 2.94 -7.79 11.39
N VAL A 98 3.95 -8.54 10.94
CA VAL A 98 3.75 -9.48 9.84
C VAL A 98 2.68 -10.52 10.22
N ASP A 99 2.68 -10.89 11.48
CA ASP A 99 1.73 -11.88 12.00
C ASP A 99 0.31 -11.33 11.97
N ASP A 100 0.17 -10.01 11.92
CA ASP A 100 -1.13 -9.36 11.82
C ASP A 100 -1.55 -9.23 10.36
N LEU A 101 -0.60 -9.43 9.47
CA LEU A 101 -0.83 -9.22 8.04
C LEU A 101 -1.30 -10.50 7.36
N ILE A 102 -0.88 -11.64 7.89
CA ILE A 102 -1.30 -12.93 7.34
C ILE A 102 -2.81 -13.18 7.49
N PRO A 103 -3.47 -12.75 8.60
CA PRO A 103 -4.93 -12.73 8.65
C PRO A 103 -5.54 -11.96 7.47
N LEU A 104 -4.81 -10.98 6.96
CA LEU A 104 -5.23 -10.23 5.80
C LEU A 104 -4.97 -11.03 4.53
N ALA A 105 -3.89 -11.82 4.57
CA ALA A 105 -3.50 -12.65 3.44
C ALA A 105 -4.35 -13.92 3.40
N GLU B 6 -10.04 11.19 -4.79
CA GLU B 6 -9.11 12.13 -4.16
C GLU B 6 -7.95 11.40 -3.49
N LEU B 7 -7.13 10.75 -4.31
CA LEU B 7 -5.95 10.06 -3.80
C LEU B 7 -4.88 11.05 -3.35
N PRO B 8 -4.42 10.89 -2.11
CA PRO B 8 -3.36 11.73 -1.55
C PRO B 8 -2.09 11.75 -2.37
N THR B 9 -1.51 12.93 -2.43
CA THR B 9 -0.25 13.18 -3.12
C THR B 9 0.85 12.21 -2.73
N GLU B 10 0.95 11.94 -1.43
CA GLU B 10 1.94 11.00 -0.91
C GLU B 10 1.72 9.60 -1.47
N VAL B 11 0.45 9.22 -1.64
CA VAL B 11 0.10 7.91 -2.17
C VAL B 11 0.58 7.75 -3.62
N LEU B 12 0.12 8.65 -4.50
CA LEU B 12 0.48 8.59 -5.91
C LEU B 12 1.99 8.44 -6.13
N ASP B 13 2.75 9.40 -5.62
CA ASP B 13 4.21 9.40 -5.80
C ASP B 13 4.81 8.12 -5.26
N LEU B 14 4.31 7.68 -4.10
CA LEU B 14 4.84 6.50 -3.46
C LEU B 14 4.61 5.26 -4.31
N LEU B 15 3.43 5.17 -4.89
CA LEU B 15 3.08 4.02 -5.72
C LEU B 15 4.05 3.89 -6.88
N SER B 16 4.55 5.01 -7.36
CA SER B 16 5.42 5.00 -8.51
C SER B 16 6.91 4.91 -8.19
N VAL B 17 7.29 5.10 -6.93
CA VAL B 17 8.71 5.02 -6.57
C VAL B 17 9.15 3.58 -6.29
N ILE B 18 8.21 2.65 -6.38
CA ILE B 18 8.49 1.24 -6.11
C ILE B 18 8.21 0.36 -7.34
N PRO B 19 8.63 -0.93 -7.31
CA PRO B 19 8.48 -1.87 -8.45
C PRO B 19 7.04 -2.03 -8.96
N LYS B 20 6.81 -3.09 -9.72
CA LYS B 20 5.50 -3.37 -10.27
C LYS B 20 4.95 -4.67 -9.68
N ARG B 21 3.64 -4.67 -9.42
CA ARG B 21 2.91 -5.78 -8.77
C ARG B 21 3.33 -7.18 -9.25
N GLN B 22 3.82 -7.29 -10.48
CA GLN B 22 4.15 -8.59 -11.05
C GLN B 22 5.49 -9.11 -10.52
N TYR B 23 6.21 -8.26 -9.82
CA TYR B 23 7.50 -8.63 -9.25
C TYR B 23 7.37 -8.97 -7.77
N PHE B 24 6.14 -9.03 -7.28
CA PHE B 24 5.92 -9.26 -5.86
C PHE B 24 5.92 -10.75 -5.52
N ASN B 25 4.73 -11.34 -5.37
CA ASN B 25 4.59 -12.74 -4.96
C ASN B 25 5.09 -12.93 -3.53
N THR B 26 4.28 -13.64 -2.71
CA THR B 26 4.43 -13.76 -1.23
C THR B 26 3.08 -13.62 -0.55
N ASN B 27 2.14 -14.53 -0.84
CA ASN B 27 0.81 -14.55 -0.22
C ASN B 27 -0.08 -13.43 -0.77
N LEU B 28 0.40 -12.19 -0.72
CA LEU B 28 -0.35 -11.03 -1.18
C LEU B 28 -1.55 -10.77 -0.28
N LEU B 29 -1.51 -9.65 0.42
CA LEU B 29 -2.57 -9.29 1.35
C LEU B 29 -3.87 -9.05 0.59
N ASP B 30 -4.98 -9.29 1.27
CA ASP B 30 -6.28 -9.14 0.65
C ASP B 30 -6.87 -7.80 1.08
N ALA B 31 -6.94 -6.90 0.11
CA ALA B 31 -7.48 -5.56 0.27
C ALA B 31 -8.70 -5.48 1.16
N GLN B 32 -9.70 -6.31 0.87
CA GLN B 32 -10.95 -6.29 1.60
C GLN B 32 -10.71 -6.48 3.09
N LYS B 33 -9.85 -7.42 3.42
CA LYS B 33 -9.55 -7.70 4.82
C LYS B 33 -8.74 -6.56 5.41
N LEU B 34 -7.79 -6.07 4.63
CA LEU B 34 -6.90 -4.98 5.05
C LEU B 34 -7.68 -3.70 5.32
N VAL B 35 -8.65 -3.40 4.49
CA VAL B 35 -9.40 -2.17 4.62
C VAL B 35 -10.26 -2.20 5.87
N ASN B 36 -10.99 -3.29 6.04
CA ASN B 36 -11.84 -3.47 7.21
C ASN B 36 -10.99 -3.51 8.48
N PHE B 37 -9.84 -4.15 8.37
CA PHE B 37 -8.88 -4.22 9.47
C PHE B 37 -8.30 -2.84 9.78
N LEU B 38 -8.07 -2.04 8.76
CA LEU B 38 -7.42 -0.74 8.91
C LEU B 38 -8.40 0.28 9.47
N ASN B 39 -9.62 0.27 8.95
CA ASN B 39 -10.64 1.23 9.39
C ASN B 39 -11.05 0.96 10.84
N ASP B 40 -11.25 -0.31 11.16
CA ASP B 40 -11.84 -0.69 12.44
C ASP B 40 -10.79 -1.01 13.51
N GLN B 41 -9.69 -1.65 13.12
CA GLN B 41 -8.77 -2.21 14.10
C GLN B 41 -7.34 -1.68 13.94
N VAL B 42 -7.18 -0.53 13.32
CA VAL B 42 -5.85 0.08 13.22
C VAL B 42 -5.90 1.54 13.63
N GLU B 43 -4.86 1.95 14.33
CA GLU B 43 -4.67 3.35 14.70
C GLU B 43 -3.21 3.73 14.50
N ILE B 44 -2.97 4.61 13.55
CA ILE B 44 -1.61 5.02 13.21
C ILE B 44 -1.10 6.01 14.27
N PRO B 45 0.13 5.82 14.76
CA PRO B 45 0.70 6.68 15.79
C PRO B 45 1.05 8.07 15.26
N ALA A 15 -8.88 -3.18 -17.37
CA ALA A 15 -8.76 -2.56 -16.05
C ALA A 15 -9.58 -1.28 -16.02
N ASN A 16 -10.79 -1.36 -16.56
CA ASN A 16 -11.67 -0.20 -16.72
C ASN A 16 -12.02 0.45 -15.39
N PHE A 17 -11.87 -0.30 -14.30
CA PHE A 17 -12.12 0.22 -12.96
C PHE A 17 -11.28 1.48 -12.69
N LEU A 18 -10.00 1.39 -13.01
CA LEU A 18 -9.08 2.51 -12.76
C LEU A 18 -9.33 3.63 -13.76
N SER A 19 -9.61 3.25 -15.00
CA SER A 19 -9.86 4.22 -16.06
C SER A 19 -11.07 5.09 -15.75
N GLN A 20 -11.98 4.58 -14.93
CA GLN A 20 -13.20 5.31 -14.59
C GLN A 20 -13.06 6.06 -13.28
N LYS A 21 -12.47 5.42 -12.26
CA LYS A 21 -12.47 5.98 -10.91
C LYS A 21 -11.11 6.50 -10.46
N PHE A 22 -10.03 5.96 -11.01
CA PHE A 22 -8.69 6.30 -10.54
C PHE A 22 -7.76 6.68 -11.69
N PRO A 23 -8.02 7.82 -12.35
CA PRO A 23 -7.19 8.31 -13.45
C PRO A 23 -5.98 9.07 -12.94
N GLU A 24 -5.81 9.05 -11.62
CA GLU A 24 -4.73 9.78 -10.96
C GLU A 24 -3.47 8.93 -10.90
N LEU A 25 -3.62 7.63 -11.19
CA LEU A 25 -2.54 6.69 -11.02
C LEU A 25 -1.42 6.90 -12.03
N PRO A 26 -0.18 7.00 -11.55
CA PRO A 26 1.01 7.11 -12.39
C PRO A 26 1.48 5.74 -12.87
N SER A 27 2.22 5.73 -13.99
CA SER A 27 2.69 4.50 -14.61
C SER A 27 3.77 3.77 -13.79
N GLY A 28 4.01 4.28 -12.59
CA GLY A 28 5.06 3.76 -11.74
C GLY A 28 6.41 3.70 -12.43
N ILE A 29 7.20 2.70 -12.07
CA ILE A 29 8.51 2.51 -12.70
C ILE A 29 8.64 1.08 -13.21
N ASP A 30 9.37 0.93 -14.30
CA ASP A 30 9.74 -0.39 -14.79
C ASP A 30 11.04 -0.80 -14.13
N VAL A 31 11.17 -2.08 -13.81
CA VAL A 31 12.21 -2.54 -12.91
C VAL A 31 13.01 -3.66 -13.56
N ASN A 32 14.28 -3.41 -13.79
CA ASN A 32 15.18 -4.42 -14.31
C ASN A 32 15.50 -5.47 -13.24
N ILE A 33 14.57 -6.41 -13.09
CA ILE A 33 14.62 -7.38 -12.00
C ILE A 33 15.65 -8.49 -12.22
N ASN A 34 16.57 -8.27 -13.15
CA ASN A 34 17.72 -9.16 -13.33
C ASN A 34 18.96 -8.49 -12.76
N MET A 35 18.79 -7.25 -12.33
CA MET A 35 19.86 -6.44 -11.80
C MET A 35 19.25 -5.44 -10.84
N THR A 36 18.78 -6.01 -9.74
CA THR A 36 17.92 -5.37 -8.73
C THR A 36 16.71 -6.27 -8.51
N THR A 37 16.13 -6.22 -7.32
CA THR A 37 14.98 -7.04 -7.02
C THR A 37 13.85 -6.16 -6.49
N PRO A 38 12.58 -6.46 -6.86
CA PRO A 38 11.44 -5.64 -6.46
C PRO A 38 11.39 -5.45 -4.95
N ALA A 39 11.54 -6.56 -4.22
CA ALA A 39 11.52 -6.56 -2.77
C ALA A 39 12.44 -5.50 -2.19
N MET A 40 13.64 -5.38 -2.76
CA MET A 40 14.61 -4.40 -2.28
C MET A 40 14.10 -2.99 -2.49
N MET A 41 13.63 -2.69 -3.70
CA MET A 41 13.12 -1.37 -4.01
C MET A 41 11.88 -1.04 -3.17
N ILE A 42 11.02 -2.04 -3.00
CA ILE A 42 9.81 -1.91 -2.21
C ILE A 42 10.12 -1.56 -0.76
N SER A 43 11.02 -2.33 -0.15
CA SER A 43 11.24 -2.22 1.27
C SER A 43 12.07 -1.00 1.60
N SER A 44 12.99 -0.65 0.70
CA SER A 44 13.82 0.52 0.91
C SER A 44 12.96 1.77 0.83
N GLU A 45 12.38 2.03 -0.34
CA GLU A 45 11.48 3.17 -0.53
C GLU A 45 10.54 3.41 0.65
N LEU A 46 9.95 2.36 1.19
CA LEU A 46 9.03 2.52 2.31
C LEU A 46 9.78 2.82 3.61
N ALA A 47 10.64 1.88 4.00
CA ALA A 47 11.31 1.92 5.30
C ALA A 47 12.42 2.99 5.39
N LYS A 48 12.84 3.53 4.25
CA LYS A 48 13.91 4.54 4.26
C LYS A 48 13.35 5.94 4.47
N LYS A 49 12.06 6.10 4.21
CA LYS A 49 11.41 7.38 4.38
C LYS A 49 11.18 7.65 5.86
N PRO A 50 11.67 8.82 6.35
CA PRO A 50 11.56 9.21 7.75
C PRO A 50 10.16 9.01 8.31
N LYS A 51 10.12 8.62 9.59
CA LYS A 51 8.89 8.20 10.27
C LYS A 51 7.70 9.12 10.01
N GLU A 52 7.95 10.41 9.83
CA GLU A 52 6.88 11.35 9.56
C GLU A 52 6.10 10.94 8.31
N VAL A 53 6.82 10.65 7.21
CA VAL A 53 6.19 10.29 5.94
C VAL A 53 5.19 9.15 6.10
N GLN A 54 5.66 8.03 6.64
CA GLN A 54 4.83 6.85 6.81
C GLN A 54 3.56 7.19 7.60
N LEU A 55 3.71 7.99 8.66
CA LEU A 55 2.57 8.39 9.47
C LEU A 55 1.67 9.38 8.74
N LYS A 56 2.25 10.33 8.01
CA LYS A 56 1.47 11.30 7.23
C LYS A 56 0.64 10.57 6.18
N PHE A 57 1.30 9.62 5.52
CA PHE A 57 0.67 8.78 4.51
C PHE A 57 -0.42 7.94 5.16
N LEU A 58 -0.03 7.16 6.17
CA LEU A 58 -0.95 6.25 6.82
C LEU A 58 -2.14 6.96 7.46
N GLN A 59 -1.93 8.15 8.01
CA GLN A 59 -3.02 8.90 8.63
C GLN A 59 -4.09 9.26 7.62
N LYS A 60 -3.70 10.00 6.59
CA LYS A 60 -4.67 10.44 5.59
C LYS A 60 -5.22 9.26 4.79
N PHE A 61 -4.37 8.26 4.54
CA PHE A 61 -4.80 7.06 3.86
C PHE A 61 -5.88 6.36 4.70
N GLN A 62 -5.58 6.17 5.97
CA GLN A 62 -6.54 5.61 6.93
C GLN A 62 -7.88 6.33 6.81
N GLU A 63 -7.84 7.66 6.94
CA GLU A 63 -9.04 8.50 6.79
C GLU A 63 -9.74 8.25 5.45
N TRP A 64 -8.99 8.43 4.36
CA TRP A 64 -9.48 8.17 3.01
C TRP A 64 -10.16 6.81 2.91
N THR A 65 -9.61 5.78 3.55
CA THR A 65 -10.17 4.44 3.44
C THR A 65 -11.43 4.30 4.31
N ARG A 66 -11.59 5.18 5.29
CA ARG A 66 -12.77 5.16 6.14
C ARG A 66 -13.95 5.81 5.42
N ALA A 67 -13.66 6.87 4.68
CA ALA A 67 -14.67 7.54 3.88
C ALA A 67 -15.05 6.70 2.67
N HIS A 68 -14.12 5.85 2.21
CA HIS A 68 -14.36 5.03 1.03
C HIS A 68 -13.83 3.62 1.24
N PRO A 69 -14.47 2.81 2.11
CA PRO A 69 -14.02 1.44 2.39
C PRO A 69 -14.06 0.57 1.15
N GLU A 70 -15.09 0.77 0.34
CA GLU A 70 -15.27 0.01 -0.88
C GLU A 70 -14.27 0.43 -1.95
N ASP A 71 -14.15 1.74 -2.16
CA ASP A 71 -13.23 2.28 -3.17
C ASP A 71 -11.80 1.89 -2.81
N ALA A 72 -11.39 2.24 -1.60
CA ALA A 72 -10.05 1.93 -1.11
C ALA A 72 -9.72 0.45 -1.25
N ALA A 73 -10.59 -0.40 -0.74
CA ALA A 73 -10.37 -1.84 -0.81
C ALA A 73 -10.29 -2.29 -2.25
N SER A 74 -11.11 -1.70 -3.09
CA SER A 74 -11.13 -2.09 -4.48
C SER A 74 -9.83 -1.66 -5.17
N LEU A 75 -9.24 -0.54 -4.76
CA LEU A 75 -7.98 -0.09 -5.33
C LEU A 75 -6.87 -1.05 -4.92
N LEU A 76 -6.84 -1.42 -3.64
CA LEU A 76 -5.85 -2.34 -3.12
C LEU A 76 -6.02 -3.72 -3.75
N GLU A 77 -7.26 -4.03 -4.11
CA GLU A 77 -7.56 -5.28 -4.80
C GLU A 77 -6.80 -5.36 -6.12
N LEU A 78 -6.81 -4.25 -6.85
CA LEU A 78 -6.21 -4.23 -8.18
C LEU A 78 -4.76 -3.76 -8.18
N CYS A 79 -4.39 -2.89 -7.23
CA CYS A 79 -3.02 -2.38 -7.17
C CYS A 79 -2.28 -2.86 -5.91
N PRO A 80 -1.55 -3.97 -6.03
CA PRO A 80 -0.87 -4.62 -4.89
C PRO A 80 0.32 -3.85 -4.32
N GLN A 81 0.81 -2.81 -5.01
CA GLN A 81 1.97 -2.07 -4.50
C GLN A 81 1.57 -1.36 -3.21
N LEU A 82 0.36 -0.85 -3.18
CA LEU A 82 -0.14 -0.09 -2.05
C LEU A 82 -0.46 -1.02 -0.88
N SER A 83 -1.07 -2.16 -1.21
CA SER A 83 -1.29 -3.23 -0.25
C SER A 83 -0.04 -3.49 0.62
N PHE A 84 1.10 -3.71 -0.03
CA PHE A 84 2.34 -3.98 0.70
C PHE A 84 3.01 -2.69 1.17
N VAL A 85 2.79 -1.59 0.46
CA VAL A 85 3.22 -0.27 0.93
C VAL A 85 2.73 -0.05 2.36
N THR A 86 1.43 -0.24 2.54
CA THR A 86 0.81 -0.08 3.84
C THR A 86 1.40 -1.08 4.82
N ALA A 87 1.51 -2.32 4.38
CA ALA A 87 2.01 -3.42 5.21
C ALA A 87 3.32 -3.07 5.90
N GLU A 88 4.33 -2.67 5.12
CA GLU A 88 5.64 -2.46 5.71
C GLU A 88 5.70 -1.18 6.54
N LEU A 89 4.89 -0.19 6.20
CA LEU A 89 4.80 1.02 7.02
C LEU A 89 4.17 0.67 8.37
N LEU A 90 3.20 -0.24 8.33
CA LEU A 90 2.61 -0.79 9.54
C LEU A 90 3.68 -1.50 10.37
N LEU A 91 4.48 -2.32 9.70
CA LEU A 91 5.53 -3.10 10.33
C LEU A 91 6.56 -2.20 11.01
N THR A 92 7.07 -1.23 10.27
CA THR A 92 8.17 -0.40 10.75
C THR A 92 7.77 0.45 11.96
N ASN A 93 6.49 0.83 12.04
CA ASN A 93 6.01 1.58 13.19
C ASN A 93 5.63 0.66 14.35
N GLY A 94 5.51 -0.62 14.06
CA GLY A 94 5.18 -1.58 15.08
C GLY A 94 3.69 -1.60 15.38
N ILE A 95 2.91 -0.98 14.50
CA ILE A 95 1.45 -1.03 14.57
C ILE A 95 0.99 -2.47 14.63
N CYS A 96 1.48 -3.25 13.69
CA CYS A 96 1.22 -4.68 13.66
C CYS A 96 2.43 -5.40 13.09
N LYS A 97 2.49 -6.71 13.29
CA LYS A 97 3.63 -7.50 12.83
C LYS A 97 3.22 -8.32 11.61
N VAL A 98 4.19 -9.01 11.01
CA VAL A 98 3.90 -9.88 9.87
C VAL A 98 2.78 -10.87 10.19
N ASP A 99 2.85 -11.47 11.37
CA ASP A 99 1.86 -12.46 11.79
C ASP A 99 0.48 -11.82 11.97
N ASP A 100 0.44 -10.50 12.07
CA ASP A 100 -0.82 -9.77 12.16
C ASP A 100 -1.34 -9.43 10.76
N LEU A 101 -0.47 -9.55 9.76
CA LEU A 101 -0.84 -9.26 8.37
C LEU A 101 -1.31 -10.53 7.66
N ILE A 102 -1.02 -11.68 8.24
CA ILE A 102 -1.47 -12.95 7.70
C ILE A 102 -2.99 -13.13 7.83
N PRO A 103 -3.65 -12.60 8.89
CA PRO A 103 -5.11 -12.43 8.90
C PRO A 103 -5.63 -11.63 7.70
N LEU A 104 -4.73 -10.90 7.04
CA LEU A 104 -5.07 -10.15 5.82
C LEU A 104 -4.86 -11.06 4.61
N ALA A 105 -5.08 -12.33 4.81
CA ALA A 105 -4.86 -13.34 3.78
C ALA A 105 -5.92 -14.42 3.90
N GLU B 6 -10.91 11.71 -3.82
CA GLU B 6 -9.81 11.26 -4.67
C GLU B 6 -8.60 10.82 -3.84
N LEU B 7 -7.56 10.43 -4.56
CA LEU B 7 -6.29 10.03 -3.97
C LEU B 7 -5.41 11.25 -3.70
N PRO B 8 -4.73 11.26 -2.55
CA PRO B 8 -3.73 12.25 -2.23
C PRO B 8 -2.39 11.94 -2.91
N THR B 9 -1.70 13.01 -3.28
CA THR B 9 -0.48 12.93 -4.10
C THR B 9 0.58 12.03 -3.50
N GLU B 10 0.73 12.05 -2.18
CA GLU B 10 1.72 11.21 -1.50
C GLU B 10 1.51 9.74 -1.86
N VAL B 11 0.25 9.31 -1.82
CA VAL B 11 -0.11 7.97 -2.24
C VAL B 11 0.30 7.73 -3.69
N LEU B 12 -0.14 8.62 -4.57
CA LEU B 12 0.18 8.52 -6.00
C LEU B 12 1.68 8.36 -6.22
N ASP B 13 2.47 9.24 -5.62
CA ASP B 13 3.92 9.21 -5.77
C ASP B 13 4.48 7.90 -5.24
N LEU B 14 4.02 7.49 -4.06
CA LEU B 14 4.55 6.31 -3.41
C LEU B 14 4.25 5.05 -4.21
N LEU B 15 3.08 5.01 -4.85
CA LEU B 15 2.72 3.85 -5.66
C LEU B 15 3.66 3.73 -6.85
N SER B 16 4.07 4.88 -7.36
CA SER B 16 4.83 4.92 -8.58
C SER B 16 6.35 4.94 -8.36
N VAL B 17 6.79 5.26 -7.14
CA VAL B 17 8.22 5.22 -6.85
C VAL B 17 8.71 3.79 -6.64
N ILE B 18 7.77 2.86 -6.57
CA ILE B 18 8.10 1.44 -6.43
C ILE B 18 7.68 0.66 -7.67
N PRO B 19 8.11 -0.61 -7.79
CA PRO B 19 7.77 -1.47 -8.92
C PRO B 19 6.27 -1.60 -9.19
N LYS B 20 5.97 -1.90 -10.44
CA LYS B 20 4.61 -2.15 -10.89
C LYS B 20 4.03 -3.42 -10.27
N ARG B 21 2.71 -3.46 -10.16
CA ARG B 21 1.97 -4.63 -9.70
C ARG B 21 2.45 -5.94 -10.34
N GLN B 22 3.07 -5.86 -11.51
CA GLN B 22 3.48 -7.06 -12.25
C GLN B 22 4.74 -7.66 -11.63
N TYR B 23 5.43 -6.87 -10.83
CA TYR B 23 6.65 -7.32 -10.17
C TYR B 23 6.33 -7.90 -8.80
N PHE B 24 5.04 -8.00 -8.50
CA PHE B 24 4.61 -8.57 -7.23
C PHE B 24 4.08 -9.99 -7.45
N ASN B 25 2.75 -10.12 -7.43
CA ASN B 25 2.08 -11.40 -7.67
C ASN B 25 2.56 -12.51 -6.73
N THR B 26 2.98 -12.12 -5.53
CA THR B 26 3.40 -13.09 -4.54
C THR B 26 2.77 -12.75 -3.19
N ASN B 27 2.12 -13.75 -2.58
CA ASN B 27 1.42 -13.58 -1.30
C ASN B 27 0.21 -12.66 -1.47
N LEU B 28 0.47 -11.36 -1.51
CA LEU B 28 -0.55 -10.33 -1.76
C LEU B 28 -1.61 -10.28 -0.66
N LEU B 29 -1.53 -9.26 0.18
CA LEU B 29 -2.48 -9.09 1.26
C LEU B 29 -3.85 -8.71 0.71
N ASP B 30 -4.86 -9.48 1.07
CA ASP B 30 -6.25 -9.20 0.71
C ASP B 30 -6.67 -7.79 1.09
N ALA B 31 -6.78 -6.97 0.05
CA ALA B 31 -7.32 -5.61 0.11
C ALA B 31 -8.49 -5.45 1.06
N GLN B 32 -9.52 -6.25 0.87
CA GLN B 32 -10.76 -6.11 1.63
C GLN B 32 -10.47 -6.21 3.12
N LYS B 33 -9.73 -7.22 3.51
CA LYS B 33 -9.43 -7.44 4.91
C LYS B 33 -8.49 -6.35 5.41
N LEU B 34 -7.56 -5.94 4.57
CA LEU B 34 -6.59 -4.89 4.90
C LEU B 34 -7.29 -3.57 5.18
N VAL B 35 -8.21 -3.19 4.32
CA VAL B 35 -8.93 -1.93 4.50
C VAL B 35 -9.77 -1.98 5.78
N ASN B 36 -10.52 -3.05 5.97
CA ASN B 36 -11.33 -3.22 7.17
C ASN B 36 -10.42 -3.23 8.40
N PHE B 37 -9.25 -3.83 8.24
CA PHE B 37 -8.24 -3.85 9.28
C PHE B 37 -7.76 -2.44 9.58
N LEU B 38 -7.55 -1.66 8.53
CA LEU B 38 -6.96 -0.33 8.65
C LEU B 38 -7.96 0.68 9.21
N ASN B 39 -9.16 0.70 8.63
CA ASN B 39 -10.12 1.75 8.97
C ASN B 39 -10.80 1.50 10.32
N ASP B 40 -11.08 0.25 10.63
CA ASP B 40 -11.72 -0.08 11.89
C ASP B 40 -10.71 -0.46 12.95
N GLN B 41 -9.85 -1.40 12.63
CA GLN B 41 -9.02 -2.05 13.64
C GLN B 41 -7.65 -1.38 13.83
N VAL B 42 -7.29 -0.45 12.95
CA VAL B 42 -5.98 0.18 13.03
C VAL B 42 -6.07 1.60 13.57
N GLU B 43 -5.18 1.88 14.52
CA GLU B 43 -5.02 3.20 15.10
C GLU B 43 -3.63 3.70 14.74
N ILE B 44 -3.57 4.65 13.82
CA ILE B 44 -2.30 5.15 13.31
C ILE B 44 -1.54 5.96 14.37
N PRO B 45 -0.36 5.48 14.77
CA PRO B 45 0.47 6.14 15.80
C PRO B 45 0.92 7.51 15.33
N ALA A 15 -10.37 -1.92 -17.10
CA ALA A 15 -10.43 -1.34 -15.76
C ALA A 15 -11.20 -0.02 -15.77
N ASN A 16 -12.46 -0.08 -16.16
CA ASN A 16 -13.32 1.10 -16.20
C ASN A 16 -13.50 1.69 -14.80
N PHE A 17 -13.33 0.84 -13.79
CA PHE A 17 -13.34 1.30 -12.40
C PHE A 17 -12.27 2.36 -12.17
N LEU A 18 -11.04 2.05 -12.60
CA LEU A 18 -9.95 2.99 -12.46
C LEU A 18 -10.12 4.15 -13.44
N SER A 19 -10.57 3.84 -14.64
CA SER A 19 -10.75 4.85 -15.68
C SER A 19 -11.80 5.89 -15.26
N GLN A 20 -12.64 5.53 -14.30
CA GLN A 20 -13.69 6.42 -13.84
C GLN A 20 -13.28 7.20 -12.58
N LYS A 21 -12.90 6.49 -11.53
CA LYS A 21 -12.68 7.12 -10.23
C LYS A 21 -11.20 7.19 -9.84
N PHE A 22 -10.32 6.59 -10.64
CA PHE A 22 -8.89 6.60 -10.32
C PHE A 22 -8.04 6.85 -11.56
N PRO A 23 -8.22 7.99 -12.24
CA PRO A 23 -7.45 8.32 -13.44
C PRO A 23 -6.14 9.01 -13.10
N GLU A 24 -5.79 9.00 -11.82
CA GLU A 24 -4.58 9.65 -11.34
C GLU A 24 -3.49 8.63 -11.09
N LEU A 25 -3.77 7.37 -11.37
CA LEU A 25 -2.83 6.30 -11.08
C LEU A 25 -1.63 6.31 -12.01
N PRO A 26 -0.43 6.37 -11.42
CA PRO A 26 0.82 6.21 -12.14
C PRO A 26 1.16 4.73 -12.30
N SER A 27 1.94 4.39 -13.31
CA SER A 27 2.21 2.99 -13.63
C SER A 27 3.35 2.44 -12.80
N GLY A 28 4.15 3.34 -12.24
CA GLY A 28 5.24 2.94 -11.38
C GLY A 28 6.54 2.83 -12.12
N ILE A 29 7.62 2.55 -11.39
CA ILE A 29 8.95 2.47 -11.98
C ILE A 29 9.16 1.15 -12.72
N ASP A 30 10.19 1.12 -13.55
CA ASP A 30 10.66 -0.13 -14.13
C ASP A 30 11.80 -0.66 -13.26
N VAL A 31 11.88 -1.97 -13.12
CA VAL A 31 12.81 -2.57 -12.19
C VAL A 31 13.68 -3.59 -12.90
N ASN A 32 14.97 -3.53 -12.64
CA ASN A 32 15.91 -4.44 -13.24
C ASN A 32 15.93 -5.74 -12.44
N ILE A 33 14.97 -6.60 -12.73
CA ILE A 33 14.74 -7.80 -11.94
C ILE A 33 15.70 -8.94 -12.31
N ASN A 34 16.85 -8.58 -12.85
CA ASN A 34 17.93 -9.54 -13.03
C ASN A 34 18.95 -9.35 -11.91
N MET A 35 18.95 -8.14 -11.35
CA MET A 35 19.89 -7.77 -10.30
C MET A 35 19.23 -7.84 -8.93
N THR A 36 17.91 -7.74 -8.92
CA THR A 36 17.18 -7.63 -7.68
C THR A 36 15.71 -7.99 -7.90
N THR A 37 15.02 -8.31 -6.82
CA THR A 37 13.61 -8.61 -6.89
C THR A 37 12.78 -7.40 -6.48
N PRO A 38 11.57 -7.25 -7.03
CA PRO A 38 10.72 -6.08 -6.77
C PRO A 38 10.60 -5.77 -5.28
N ALA A 39 10.34 -6.82 -4.49
CA ALA A 39 10.11 -6.70 -3.05
C ALA A 39 11.28 -6.03 -2.33
N MET A 40 12.49 -6.29 -2.82
CA MET A 40 13.69 -5.70 -2.21
C MET A 40 13.66 -4.18 -2.31
N MET A 41 13.31 -3.67 -3.49
CA MET A 41 13.25 -2.22 -3.70
C MET A 41 12.01 -1.65 -3.02
N ILE A 42 10.95 -2.44 -2.98
CA ILE A 42 9.71 -2.08 -2.29
C ILE A 42 9.97 -1.88 -0.81
N SER A 43 10.84 -2.69 -0.25
CA SER A 43 11.05 -2.69 1.18
C SER A 43 11.95 -1.54 1.54
N SER A 44 12.94 -1.31 0.69
CA SER A 44 13.87 -0.21 0.89
C SER A 44 13.12 1.12 0.85
N GLU A 45 12.50 1.44 -0.29
CA GLU A 45 11.67 2.65 -0.42
C GLU A 45 10.79 2.94 0.79
N LEU A 46 9.91 2.01 1.13
CA LEU A 46 8.97 2.23 2.21
C LEU A 46 9.69 2.45 3.53
N ALA A 47 10.60 1.55 3.86
CA ALA A 47 11.34 1.61 5.10
C ALA A 47 12.32 2.79 5.18
N LYS A 48 12.74 3.33 4.02
CA LYS A 48 13.67 4.46 4.04
C LYS A 48 12.93 5.80 4.06
N LYS A 49 11.60 5.73 4.12
CA LYS A 49 10.81 6.91 4.42
C LYS A 49 10.91 7.16 5.92
N PRO A 50 11.28 8.37 6.34
CA PRO A 50 11.37 8.71 7.76
C PRO A 50 10.06 8.47 8.48
N LYS A 51 10.10 8.03 9.73
CA LYS A 51 8.90 7.58 10.46
C LYS A 51 7.73 8.54 10.28
N GLU A 52 8.02 9.83 10.24
CA GLU A 52 7.02 10.86 9.96
C GLU A 52 6.18 10.52 8.73
N VAL A 53 6.86 10.21 7.62
CA VAL A 53 6.20 9.92 6.35
C VAL A 53 5.28 8.71 6.45
N GLN A 54 5.82 7.61 6.93
CA GLN A 54 5.07 6.37 7.01
C GLN A 54 3.79 6.55 7.84
N LEU A 55 3.89 7.28 8.95
CA LEU A 55 2.72 7.64 9.74
C LEU A 55 1.79 8.60 9.00
N LYS A 56 2.35 9.70 8.50
CA LYS A 56 1.55 10.71 7.83
C LYS A 56 0.79 10.13 6.65
N PHE A 57 1.43 9.23 5.92
CA PHE A 57 0.81 8.57 4.79
C PHE A 57 -0.35 7.70 5.27
N LEU A 58 -0.04 6.80 6.20
CA LEU A 58 -1.02 5.82 6.67
C LEU A 58 -2.20 6.47 7.37
N GLN A 59 -1.97 7.60 8.03
CA GLN A 59 -3.02 8.28 8.78
C GLN A 59 -4.02 8.89 7.82
N LYS A 60 -3.55 9.72 6.92
CA LYS A 60 -4.44 10.34 5.94
C LYS A 60 -5.00 9.29 4.98
N PHE A 61 -4.19 8.29 4.68
CA PHE A 61 -4.64 7.13 3.90
C PHE A 61 -5.83 6.47 4.58
N GLN A 62 -5.72 6.23 5.89
CA GLN A 62 -6.83 5.64 6.65
C GLN A 62 -8.09 6.48 6.52
N GLU A 63 -7.94 7.79 6.61
CA GLU A 63 -9.08 8.69 6.45
C GLU A 63 -9.75 8.45 5.10
N TRP A 64 -8.95 8.50 4.04
CA TRP A 64 -9.42 8.14 2.70
C TRP A 64 -10.09 6.77 2.67
N THR A 65 -9.49 5.75 3.27
CA THR A 65 -10.04 4.40 3.25
C THR A 65 -11.35 4.33 4.02
N ARG A 66 -11.46 5.12 5.08
CA ARG A 66 -12.70 5.20 5.85
C ARG A 66 -13.77 5.94 5.06
N ALA A 67 -13.36 6.95 4.30
CA ALA A 67 -14.26 7.69 3.43
C ALA A 67 -14.78 6.81 2.30
N HIS A 68 -13.94 5.90 1.82
CA HIS A 68 -14.32 5.02 0.72
C HIS A 68 -13.89 3.58 1.01
N PRO A 69 -14.53 2.89 1.98
CA PRO A 69 -14.17 1.50 2.32
C PRO A 69 -14.30 0.56 1.13
N GLU A 70 -15.17 0.91 0.20
CA GLU A 70 -15.38 0.11 -0.99
C GLU A 70 -14.31 0.44 -2.02
N ASP A 71 -14.23 1.72 -2.37
CA ASP A 71 -13.29 2.21 -3.39
C ASP A 71 -11.85 1.88 -3.00
N ALA A 72 -11.46 2.27 -1.79
CA ALA A 72 -10.12 2.02 -1.28
C ALA A 72 -9.75 0.55 -1.35
N ALA A 73 -10.62 -0.31 -0.81
CA ALA A 73 -10.36 -1.74 -0.84
C ALA A 73 -10.32 -2.22 -2.27
N SER A 74 -11.18 -1.67 -3.11
CA SER A 74 -11.20 -2.01 -4.51
C SER A 74 -9.86 -1.65 -5.18
N LEU A 75 -9.27 -0.49 -4.85
CA LEU A 75 -7.97 -0.12 -5.39
C LEU A 75 -6.89 -1.08 -4.91
N LEU A 76 -6.89 -1.36 -3.61
CA LEU A 76 -5.90 -2.27 -3.02
C LEU A 76 -6.08 -3.68 -3.58
N GLU A 77 -7.30 -3.96 -4.00
CA GLU A 77 -7.65 -5.26 -4.55
C GLU A 77 -6.99 -5.44 -5.91
N LEU A 78 -6.89 -4.35 -6.66
CA LEU A 78 -6.34 -4.39 -8.01
C LEU A 78 -4.85 -4.05 -8.02
N CYS A 79 -4.45 -3.02 -7.29
CA CYS A 79 -3.06 -2.57 -7.28
C CYS A 79 -2.35 -3.02 -6.00
N PRO A 80 -1.52 -4.07 -6.09
CA PRO A 80 -0.82 -4.66 -4.93
C PRO A 80 0.30 -3.80 -4.37
N GLN A 81 0.70 -2.73 -5.07
CA GLN A 81 1.78 -1.88 -4.58
C GLN A 81 1.37 -1.23 -3.28
N LEU A 82 0.12 -0.83 -3.23
CA LEU A 82 -0.40 -0.07 -2.11
C LEU A 82 -0.77 -1.00 -0.96
N SER A 83 -1.27 -2.19 -1.30
CA SER A 83 -1.50 -3.24 -0.32
C SER A 83 -0.26 -3.46 0.56
N PHE A 84 0.90 -3.67 -0.06
CA PHE A 84 2.12 -3.93 0.70
C PHE A 84 2.81 -2.64 1.12
N VAL A 85 2.54 -1.55 0.43
CA VAL A 85 2.94 -0.22 0.89
C VAL A 85 2.47 -0.05 2.34
N THR A 86 1.19 -0.30 2.55
CA THR A 86 0.60 -0.20 3.88
C THR A 86 1.27 -1.19 4.82
N ALA A 87 1.41 -2.44 4.36
CA ALA A 87 1.99 -3.51 5.15
C ALA A 87 3.36 -3.17 5.73
N GLU A 88 4.31 -2.84 4.87
CA GLU A 88 5.68 -2.57 5.32
C GLU A 88 5.72 -1.35 6.23
N LEU A 89 4.85 -0.37 5.97
CA LEU A 89 4.79 0.83 6.78
C LEU A 89 4.19 0.53 8.16
N LEU A 90 3.25 -0.39 8.19
CA LEU A 90 2.67 -0.85 9.47
C LEU A 90 3.76 -1.52 10.31
N LEU A 91 4.61 -2.28 9.64
CA LEU A 91 5.69 -3.02 10.30
C LEU A 91 6.75 -2.07 10.86
N THR A 92 7.26 -1.20 10.00
CA THR A 92 8.36 -0.32 10.39
C THR A 92 7.99 0.61 11.55
N ASN A 93 6.73 1.04 11.61
CA ASN A 93 6.28 1.89 12.70
C ASN A 93 5.99 1.09 13.97
N GLY A 94 5.69 -0.20 13.80
CA GLY A 94 5.34 -1.03 14.92
C GLY A 94 3.85 -1.00 15.20
N ILE A 95 3.11 -0.32 14.33
CA ILE A 95 1.65 -0.33 14.38
C ILE A 95 1.11 -1.76 14.41
N CYS A 96 1.65 -2.60 13.53
CA CYS A 96 1.22 -3.98 13.42
C CYS A 96 2.42 -4.86 13.10
N LYS A 97 2.35 -6.14 13.45
CA LYS A 97 3.45 -7.05 13.22
C LYS A 97 3.18 -7.90 11.98
N VAL A 98 4.19 -8.63 11.51
CA VAL A 98 4.02 -9.52 10.37
C VAL A 98 2.87 -10.51 10.63
N ASP A 99 2.84 -11.02 11.86
CA ASP A 99 1.85 -12.00 12.28
C ASP A 99 0.43 -11.40 12.26
N ASP A 100 0.37 -10.07 12.25
CA ASP A 100 -0.91 -9.36 12.21
C ASP A 100 -1.35 -9.13 10.77
N LEU A 101 -0.42 -9.30 9.84
CA LEU A 101 -0.68 -9.01 8.43
C LEU A 101 -1.01 -10.27 7.65
N ILE A 102 -0.42 -11.38 8.07
CA ILE A 102 -0.75 -12.69 7.49
C ILE A 102 -2.27 -12.97 7.47
N PRO A 103 -3.02 -12.62 8.55
CA PRO A 103 -4.49 -12.66 8.52
C PRO A 103 -5.09 -11.94 7.31
N LEU A 104 -4.43 -10.89 6.85
CA LEU A 104 -4.87 -10.16 5.66
C LEU A 104 -4.60 -11.01 4.43
N ALA A 105 -3.44 -11.67 4.44
CA ALA A 105 -2.97 -12.47 3.32
C ALA A 105 -3.77 -13.77 3.17
N GLU B 6 -10.68 11.85 -3.41
CA GLU B 6 -10.09 10.59 -3.83
C GLU B 6 -8.63 10.49 -3.40
N LEU B 7 -7.77 10.00 -4.28
CA LEU B 7 -6.38 9.74 -3.92
C LEU B 7 -5.62 11.02 -3.62
N PRO B 8 -5.01 11.09 -2.43
CA PRO B 8 -4.19 12.22 -2.02
C PRO B 8 -2.80 12.17 -2.64
N THR B 9 -2.22 13.34 -2.86
CA THR B 9 -0.94 13.50 -3.56
C THR B 9 0.13 12.48 -3.14
N GLU B 10 0.38 12.39 -1.84
CA GLU B 10 1.42 11.53 -1.29
C GLU B 10 1.27 10.09 -1.73
N VAL B 11 0.02 9.63 -1.82
CA VAL B 11 -0.26 8.26 -2.23
C VAL B 11 0.19 8.01 -3.66
N LEU B 12 -0.25 8.88 -4.57
CA LEU B 12 0.16 8.80 -5.97
C LEU B 12 1.66 8.61 -6.11
N ASP B 13 2.43 9.47 -5.45
CA ASP B 13 3.88 9.41 -5.49
C ASP B 13 4.39 8.07 -4.98
N LEU B 14 3.88 7.62 -3.85
CA LEU B 14 4.37 6.41 -3.21
C LEU B 14 4.05 5.17 -4.04
N LEU B 15 2.96 5.23 -4.79
CA LEU B 15 2.57 4.11 -5.64
C LEU B 15 3.57 3.94 -6.77
N SER B 16 4.01 5.07 -7.31
CA SER B 16 4.86 5.07 -8.48
C SER B 16 6.35 4.92 -8.16
N VAL B 17 6.75 5.23 -6.92
CA VAL B 17 8.15 5.09 -6.55
C VAL B 17 8.59 3.63 -6.48
N ILE B 18 7.61 2.73 -6.44
CA ILE B 18 7.89 1.30 -6.42
C ILE B 18 7.50 0.65 -7.75
N PRO B 19 7.97 -0.58 -8.00
CA PRO B 19 7.72 -1.31 -9.24
C PRO B 19 6.24 -1.41 -9.64
N LYS B 20 6.04 -1.79 -10.90
CA LYS B 20 4.71 -1.92 -11.48
C LYS B 20 3.96 -3.11 -10.88
N ARG B 21 2.66 -2.93 -10.69
CA ARG B 21 1.79 -3.89 -9.98
C ARG B 21 1.85 -5.31 -10.55
N GLN B 22 2.31 -5.47 -11.77
CA GLN B 22 2.37 -6.78 -12.40
C GLN B 22 3.56 -7.58 -11.86
N TYR B 23 4.62 -6.88 -11.51
CA TYR B 23 5.83 -7.52 -10.98
C TYR B 23 5.71 -7.86 -9.50
N PHE B 24 4.48 -7.88 -8.99
CA PHE B 24 4.28 -8.14 -7.57
C PHE B 24 4.05 -9.62 -7.29
N ASN B 25 5.08 -10.40 -7.51
CA ASN B 25 5.10 -11.79 -7.10
C ASN B 25 5.55 -11.84 -5.65
N THR B 26 4.74 -12.46 -4.79
CA THR B 26 4.92 -12.34 -3.34
C THR B 26 3.73 -12.98 -2.60
N ASN B 27 3.57 -12.61 -1.33
CA ASN B 27 2.53 -13.21 -0.49
C ASN B 27 1.15 -12.68 -0.86
N LEU B 28 1.07 -11.36 -1.03
CA LEU B 28 -0.18 -10.67 -1.41
C LEU B 28 -1.20 -10.64 -0.26
N LEU B 29 -1.58 -9.43 0.14
CA LEU B 29 -2.55 -9.24 1.22
C LEU B 29 -3.91 -8.87 0.64
N ASP B 30 -4.94 -9.62 1.01
CA ASP B 30 -6.31 -9.27 0.65
C ASP B 30 -6.66 -7.85 1.10
N ALA B 31 -6.98 -7.03 0.11
CA ALA B 31 -7.32 -5.64 0.29
C ALA B 31 -8.49 -5.41 1.22
N GLN B 32 -9.51 -6.23 1.07
CA GLN B 32 -10.75 -6.04 1.81
C GLN B 32 -10.47 -6.23 3.29
N LYS B 33 -9.59 -7.17 3.57
CA LYS B 33 -9.14 -7.39 4.93
C LYS B 33 -8.37 -6.16 5.40
N LEU B 34 -7.37 -5.78 4.62
CA LEU B 34 -6.51 -4.65 4.95
C LEU B 34 -7.30 -3.37 5.22
N VAL B 35 -8.34 -3.13 4.45
CA VAL B 35 -9.12 -1.91 4.60
C VAL B 35 -9.99 -1.97 5.86
N ASN B 36 -10.68 -3.07 6.05
CA ASN B 36 -11.48 -3.27 7.26
C ASN B 36 -10.58 -3.26 8.48
N PHE B 37 -9.37 -3.75 8.29
CA PHE B 37 -8.35 -3.78 9.32
C PHE B 37 -7.86 -2.36 9.64
N LEU B 38 -7.61 -1.60 8.58
CA LEU B 38 -7.08 -0.25 8.72
C LEU B 38 -8.13 0.70 9.27
N ASN B 39 -9.36 0.50 8.81
CA ASN B 39 -10.47 1.36 9.16
C ASN B 39 -11.06 1.03 10.54
N ASP B 40 -11.26 -0.26 10.82
CA ASP B 40 -11.90 -0.66 12.08
C ASP B 40 -10.89 -1.01 13.17
N GLN B 41 -9.74 -1.56 12.78
CA GLN B 41 -8.83 -2.13 13.77
C GLN B 41 -7.60 -1.26 14.02
N VAL B 42 -7.29 -0.34 13.12
CA VAL B 42 -6.03 0.38 13.21
C VAL B 42 -6.23 1.85 13.59
N GLU B 43 -5.33 2.33 14.43
CA GLU B 43 -5.24 3.74 14.80
C GLU B 43 -3.81 4.19 14.56
N ILE B 44 -3.60 5.00 13.53
CA ILE B 44 -2.24 5.35 13.11
C ILE B 44 -1.58 6.30 14.11
N PRO B 45 -0.42 5.90 14.64
CA PRO B 45 0.42 6.74 15.49
C PRO B 45 0.67 8.11 14.87
N ALA A 15 -7.61 -1.27 -18.04
CA ALA A 15 -7.93 -0.84 -16.67
C ALA A 15 -8.96 0.28 -16.68
N ASN A 16 -10.07 0.03 -17.37
CA ASN A 16 -11.17 1.00 -17.48
C ASN A 16 -11.69 1.40 -16.10
N PHE A 17 -11.70 0.45 -15.18
CA PHE A 17 -12.11 0.70 -13.80
C PHE A 17 -11.29 1.84 -13.20
N LEU A 18 -9.99 1.80 -13.43
CA LEU A 18 -9.10 2.81 -12.90
C LEU A 18 -9.32 4.14 -13.62
N SER A 19 -9.49 4.08 -14.94
CA SER A 19 -9.69 5.31 -15.71
C SER A 19 -11.03 5.97 -15.36
N GLN A 20 -11.86 5.26 -14.59
CA GLN A 20 -13.12 5.83 -14.13
C GLN A 20 -12.95 6.56 -12.78
N LYS A 21 -12.54 5.83 -11.75
CA LYS A 21 -12.53 6.39 -10.39
C LYS A 21 -11.11 6.66 -9.87
N PHE A 22 -10.10 6.22 -10.60
CA PHE A 22 -8.72 6.37 -10.16
C PHE A 22 -7.84 6.85 -11.30
N PRO A 23 -8.13 8.03 -11.87
CA PRO A 23 -7.47 8.51 -13.08
C PRO A 23 -6.08 9.06 -12.84
N GLU A 24 -5.70 9.17 -11.58
CA GLU A 24 -4.43 9.78 -11.21
C GLU A 24 -3.36 8.73 -10.95
N LEU A 25 -3.69 7.46 -11.18
CA LEU A 25 -2.78 6.37 -10.90
C LEU A 25 -1.56 6.37 -11.82
N PRO A 26 -0.38 6.22 -11.23
CA PRO A 26 0.85 5.95 -11.94
C PRO A 26 1.00 4.44 -12.18
N SER A 27 1.74 4.08 -13.21
CA SER A 27 1.88 2.68 -13.59
C SER A 27 2.93 1.97 -12.74
N GLY A 28 3.95 2.71 -12.33
CA GLY A 28 5.00 2.14 -11.52
C GLY A 28 6.33 2.10 -12.25
N ILE A 29 7.38 1.69 -11.56
CA ILE A 29 8.71 1.64 -12.14
C ILE A 29 9.00 0.28 -12.77
N ASP A 30 10.02 0.24 -13.62
CA ASP A 30 10.53 -1.02 -14.15
C ASP A 30 11.74 -1.45 -13.34
N VAL A 31 11.65 -2.62 -12.74
CA VAL A 31 12.66 -3.09 -11.83
C VAL A 31 13.41 -4.24 -12.47
N ASN A 32 14.67 -4.01 -12.77
CA ASN A 32 15.52 -5.04 -13.33
C ASN A 32 15.76 -6.16 -12.31
N ILE A 33 14.80 -7.08 -12.25
CA ILE A 33 14.78 -8.14 -11.25
C ILE A 33 15.77 -9.26 -11.56
N ASN A 34 16.84 -8.91 -12.26
CA ASN A 34 17.95 -9.83 -12.45
C ASN A 34 19.08 -9.46 -11.50
N MET A 35 19.00 -8.24 -10.95
CA MET A 35 20.02 -7.76 -10.01
C MET A 35 19.41 -7.48 -8.65
N THR A 36 18.12 -7.17 -8.64
CA THR A 36 17.43 -6.86 -7.39
C THR A 36 15.97 -7.33 -7.48
N THR A 37 15.49 -7.96 -6.43
CA THR A 37 14.14 -8.49 -6.41
C THR A 37 13.13 -7.43 -5.99
N PRO A 38 11.87 -7.55 -6.41
CA PRO A 38 10.85 -6.52 -6.17
C PRO A 38 10.77 -6.11 -4.71
N ALA A 39 10.73 -7.12 -3.83
CA ALA A 39 10.57 -6.91 -2.39
C ALA A 39 11.67 -6.01 -1.83
N MET A 40 12.87 -6.10 -2.39
CA MET A 40 14.00 -5.31 -1.90
C MET A 40 13.73 -3.82 -2.10
N MET A 41 13.27 -3.46 -3.28
CA MET A 41 12.93 -2.07 -3.57
C MET A 41 11.70 -1.63 -2.79
N ILE A 42 10.76 -2.56 -2.63
CA ILE A 42 9.51 -2.29 -1.92
C ILE A 42 9.77 -1.95 -0.46
N SER A 43 10.55 -2.77 0.23
CA SER A 43 10.67 -2.64 1.66
C SER A 43 11.63 -1.51 1.99
N SER A 44 12.64 -1.32 1.14
CA SER A 44 13.61 -0.27 1.37
C SER A 44 12.93 1.09 1.27
N GLU A 45 12.39 1.43 0.10
CA GLU A 45 11.62 2.67 -0.06
C GLU A 45 10.69 2.96 1.12
N LEU A 46 9.83 2.01 1.43
CA LEU A 46 8.84 2.20 2.48
C LEU A 46 9.49 2.44 3.85
N ALA A 47 10.30 1.49 4.27
CA ALA A 47 10.94 1.55 5.58
C ALA A 47 12.00 2.66 5.69
N LYS A 48 12.51 3.15 4.57
CA LYS A 48 13.54 4.17 4.59
C LYS A 48 12.92 5.56 4.70
N LYS A 49 11.72 5.72 4.13
CA LYS A 49 10.98 6.97 4.27
C LYS A 49 10.76 7.26 5.74
N PRO A 50 11.28 8.41 6.21
CA PRO A 50 11.22 8.82 7.62
C PRO A 50 9.81 8.77 8.18
N LYS A 51 9.72 8.45 9.47
CA LYS A 51 8.46 8.13 10.14
C LYS A 51 7.36 9.14 9.83
N GLU A 52 7.72 10.40 9.68
CA GLU A 52 6.78 11.45 9.27
C GLU A 52 5.91 10.99 8.10
N VAL A 53 6.55 10.47 7.06
CA VAL A 53 5.84 10.04 5.86
C VAL A 53 4.93 8.85 6.12
N GLN A 54 5.47 7.78 6.69
CA GLN A 54 4.68 6.58 6.95
C GLN A 54 3.49 6.92 7.86
N LEU A 55 3.72 7.79 8.82
CA LEU A 55 2.64 8.29 9.66
C LEU A 55 1.63 9.09 8.87
N LYS A 56 2.09 10.17 8.24
CA LYS A 56 1.20 11.10 7.57
C LYS A 56 0.43 10.45 6.43
N PHE A 57 1.13 9.65 5.61
CA PHE A 57 0.47 8.87 4.57
C PHE A 57 -0.60 8.01 5.19
N LEU A 58 -0.20 7.10 6.07
CA LEU A 58 -1.12 6.11 6.63
C LEU A 58 -2.27 6.73 7.40
N GLN A 59 -2.01 7.79 8.15
CA GLN A 59 -3.05 8.40 8.98
C GLN A 59 -4.19 8.95 8.15
N LYS A 60 -3.87 9.79 7.18
CA LYS A 60 -4.93 10.38 6.37
C LYS A 60 -5.35 9.47 5.22
N PHE A 61 -4.48 8.55 4.84
CA PHE A 61 -4.86 7.47 3.91
C PHE A 61 -5.91 6.60 4.58
N GLN A 62 -5.71 6.30 5.86
CA GLN A 62 -6.71 5.63 6.67
C GLN A 62 -8.05 6.37 6.63
N GLU A 63 -8.01 7.68 6.81
CA GLU A 63 -9.21 8.48 6.64
C GLU A 63 -9.83 8.23 5.27
N TRP A 64 -9.01 8.36 4.23
CA TRP A 64 -9.42 8.08 2.86
C TRP A 64 -10.10 6.71 2.74
N THR A 65 -9.47 5.67 3.29
CA THR A 65 -10.00 4.32 3.19
C THR A 65 -11.30 4.16 3.99
N ARG A 66 -11.43 4.95 5.05
CA ARG A 66 -12.64 4.91 5.87
C ARG A 66 -13.77 5.68 5.20
N ALA A 67 -13.45 6.80 4.59
CA ALA A 67 -14.44 7.59 3.89
C ALA A 67 -14.83 6.94 2.56
N HIS A 68 -13.99 6.06 2.07
CA HIS A 68 -14.25 5.37 0.81
C HIS A 68 -13.79 3.91 0.90
N PRO A 69 -14.45 3.08 1.75
CA PRO A 69 -14.04 1.69 1.98
C PRO A 69 -14.11 0.83 0.73
N GLU A 70 -15.02 1.15 -0.17
CA GLU A 70 -15.13 0.44 -1.43
C GLU A 70 -13.96 0.81 -2.31
N ASP A 71 -13.80 2.11 -2.56
CA ASP A 71 -12.73 2.62 -3.41
C ASP A 71 -11.38 2.13 -2.93
N ALA A 72 -11.12 2.32 -1.65
CA ALA A 72 -9.92 1.83 -1.00
C ALA A 72 -9.63 0.37 -1.33
N ALA A 73 -10.56 -0.51 -0.96
CA ALA A 73 -10.37 -1.93 -1.15
C ALA A 73 -10.30 -2.29 -2.62
N SER A 74 -11.10 -1.62 -3.43
CA SER A 74 -11.05 -1.80 -4.87
C SER A 74 -9.64 -1.53 -5.39
N LEU A 75 -9.02 -0.41 -4.99
CA LEU A 75 -7.68 -0.07 -5.44
C LEU A 75 -6.66 -1.09 -4.95
N LEU A 76 -6.74 -1.42 -3.67
CA LEU A 76 -5.82 -2.37 -3.05
C LEU A 76 -5.94 -3.76 -3.67
N GLU A 77 -7.14 -4.08 -4.15
CA GLU A 77 -7.41 -5.38 -4.74
C GLU A 77 -6.80 -5.47 -6.14
N LEU A 78 -6.72 -4.32 -6.80
CA LEU A 78 -6.20 -4.29 -8.16
C LEU A 78 -4.70 -3.94 -8.18
N CYS A 79 -4.30 -2.96 -7.38
CA CYS A 79 -2.92 -2.53 -7.33
C CYS A 79 -2.25 -2.97 -6.02
N PRO A 80 -1.49 -4.06 -6.06
CA PRO A 80 -0.89 -4.67 -4.87
C PRO A 80 0.30 -3.88 -4.31
N GLN A 81 0.74 -2.82 -4.99
CA GLN A 81 1.85 -2.03 -4.48
C GLN A 81 1.41 -1.34 -3.20
N LEU A 82 0.15 -0.95 -3.18
CA LEU A 82 -0.41 -0.21 -2.06
C LEU A 82 -0.75 -1.16 -0.90
N SER A 83 -1.23 -2.35 -1.24
CA SER A 83 -1.43 -3.42 -0.27
C SER A 83 -0.18 -3.62 0.61
N PHE A 84 0.99 -3.75 -0.03
CA PHE A 84 2.23 -3.95 0.71
C PHE A 84 2.84 -2.64 1.18
N VAL A 85 2.54 -1.55 0.47
CA VAL A 85 2.88 -0.21 0.94
C VAL A 85 2.42 -0.06 2.39
N THR A 86 1.15 -0.36 2.61
CA THR A 86 0.57 -0.27 3.93
C THR A 86 1.25 -1.24 4.87
N ALA A 87 1.41 -2.49 4.42
CA ALA A 87 2.03 -3.55 5.20
C ALA A 87 3.37 -3.11 5.82
N GLU A 88 4.34 -2.74 4.99
CA GLU A 88 5.68 -2.42 5.47
C GLU A 88 5.66 -1.18 6.38
N LEU A 89 4.81 -0.21 6.04
CA LEU A 89 4.71 1.00 6.85
C LEU A 89 4.11 0.68 8.21
N LEU A 90 3.19 -0.29 8.23
CA LEU A 90 2.65 -0.80 9.48
C LEU A 90 3.74 -1.49 10.29
N LEU A 91 4.55 -2.29 9.62
CA LEU A 91 5.64 -3.04 10.24
C LEU A 91 6.65 -2.11 10.89
N THR A 92 7.11 -1.13 10.14
CA THR A 92 8.13 -0.21 10.60
C THR A 92 7.58 0.69 11.73
N ASN A 93 6.30 1.01 11.68
CA ASN A 93 5.67 1.77 12.76
C ASN A 93 5.49 0.92 14.01
N GLY A 94 5.48 -0.39 13.84
CA GLY A 94 5.44 -1.29 14.96
C GLY A 94 4.04 -1.58 15.46
N ILE A 95 3.05 -0.91 14.88
CA ILE A 95 1.65 -1.14 15.24
C ILE A 95 1.22 -2.56 14.85
N CYS A 96 1.66 -3.00 13.68
CA CYS A 96 1.33 -4.32 13.20
C CYS A 96 2.58 -5.05 12.75
N LYS A 97 2.64 -6.36 12.99
CA LYS A 97 3.79 -7.16 12.62
C LYS A 97 3.40 -8.11 11.49
N VAL A 98 4.37 -8.88 11.00
CA VAL A 98 4.11 -9.82 9.90
C VAL A 98 2.93 -10.73 10.22
N ASP A 99 2.89 -11.23 11.45
CA ASP A 99 1.83 -12.14 11.89
C ASP A 99 0.47 -11.45 11.93
N ASP A 100 0.47 -10.12 11.90
CA ASP A 100 -0.79 -9.36 11.89
C ASP A 100 -1.27 -9.14 10.46
N LEU A 101 -0.42 -9.44 9.49
CA LEU A 101 -0.73 -9.22 8.08
C LEU A 101 -1.26 -10.51 7.44
N ILE A 102 -0.81 -11.62 7.99
CA ILE A 102 -1.30 -12.94 7.57
C ILE A 102 -2.82 -13.11 7.77
N PRO A 103 -3.43 -12.54 8.84
CA PRO A 103 -4.89 -12.45 8.95
C PRO A 103 -5.52 -11.68 7.79
N LEU A 104 -4.75 -10.78 7.18
CA LEU A 104 -5.22 -10.05 6.00
C LEU A 104 -5.17 -10.97 4.80
N ALA A 105 -4.17 -11.84 4.80
CA ALA A 105 -4.05 -12.85 3.77
C ALA A 105 -5.17 -13.87 3.90
N GLU B 6 -9.55 12.99 -5.37
CA GLU B 6 -9.61 11.61 -4.91
C GLU B 6 -8.36 11.19 -4.15
N LEU B 7 -7.38 10.64 -4.85
CA LEU B 7 -6.14 10.20 -4.24
C LEU B 7 -5.20 11.37 -3.95
N PRO B 8 -4.81 11.51 -2.69
CA PRO B 8 -3.92 12.58 -2.24
C PRO B 8 -2.44 12.35 -2.62
N THR B 9 -1.69 13.44 -2.58
CA THR B 9 -0.28 13.48 -2.98
C THR B 9 0.56 12.27 -2.54
N GLU B 10 0.62 12.02 -1.22
CA GLU B 10 1.48 10.99 -0.64
C GLU B 10 1.22 9.62 -1.27
N VAL B 11 -0.02 9.36 -1.62
CA VAL B 11 -0.39 8.09 -2.22
C VAL B 11 0.22 7.94 -3.60
N LEU B 12 -0.09 8.89 -4.49
CA LEU B 12 0.43 8.89 -5.86
C LEU B 12 1.93 8.57 -5.91
N ASP B 13 2.72 9.39 -5.20
CA ASP B 13 4.18 9.21 -5.17
C ASP B 13 4.56 7.82 -4.72
N LEU B 14 3.95 7.37 -3.63
CA LEU B 14 4.36 6.14 -2.99
C LEU B 14 4.04 4.93 -3.86
N LEU B 15 2.96 5.01 -4.61
CA LEU B 15 2.58 3.89 -5.47
C LEU B 15 3.58 3.73 -6.60
N SER B 16 4.08 4.86 -7.09
CA SER B 16 4.96 4.85 -8.24
C SER B 16 6.43 4.63 -7.87
N VAL B 17 6.82 4.90 -6.64
CA VAL B 17 8.22 4.75 -6.23
C VAL B 17 8.62 3.29 -6.06
N ILE B 18 7.65 2.38 -6.18
CA ILE B 18 7.92 0.96 -6.01
C ILE B 18 7.50 0.14 -7.24
N PRO B 19 7.87 -1.15 -7.28
CA PRO B 19 7.51 -2.07 -8.37
C PRO B 19 6.02 -2.05 -8.75
N LYS B 20 5.77 -2.43 -9.99
CA LYS B 20 4.43 -2.51 -10.54
C LYS B 20 3.68 -3.72 -10.01
N ARG B 21 2.36 -3.70 -10.22
CA ARG B 21 1.49 -4.85 -9.92
C ARG B 21 1.99 -6.16 -10.53
N GLN B 22 2.85 -6.07 -11.54
CA GLN B 22 3.36 -7.26 -12.24
C GLN B 22 4.45 -7.95 -11.42
N TYR B 23 4.83 -7.33 -10.32
CA TYR B 23 5.91 -7.84 -9.48
C TYR B 23 5.36 -8.46 -8.20
N PHE B 24 4.05 -8.42 -8.05
CA PHE B 24 3.40 -8.94 -6.85
C PHE B 24 2.65 -10.22 -7.17
N ASN B 25 3.32 -11.36 -7.09
CA ASN B 25 2.73 -12.62 -7.50
C ASN B 25 2.97 -13.73 -6.47
N THR B 26 3.19 -13.33 -5.22
CA THR B 26 3.53 -14.31 -4.19
C THR B 26 3.15 -13.78 -2.79
N ASN B 27 2.16 -14.43 -2.18
CA ASN B 27 1.73 -14.12 -0.80
C ASN B 27 1.24 -12.68 -0.69
N LEU B 28 -0.02 -12.45 -1.06
CA LEU B 28 -0.54 -11.09 -1.13
C LEU B 28 -1.58 -10.85 -0.04
N LEU B 29 -1.69 -9.61 0.41
CA LEU B 29 -2.64 -9.26 1.46
C LEU B 29 -3.98 -8.86 0.86
N ASP B 30 -5.02 -9.63 1.15
CA ASP B 30 -6.37 -9.31 0.70
C ASP B 30 -6.80 -7.91 1.12
N ALA B 31 -7.07 -7.10 0.11
CA ALA B 31 -7.51 -5.71 0.26
C ALA B 31 -8.69 -5.54 1.21
N GLN B 32 -9.67 -6.44 1.15
CA GLN B 32 -10.90 -6.25 1.92
C GLN B 32 -10.60 -6.42 3.39
N LYS B 33 -9.74 -7.37 3.67
CA LYS B 33 -9.26 -7.58 5.02
C LYS B 33 -8.49 -6.35 5.49
N LEU B 34 -7.52 -5.96 4.68
CA LEU B 34 -6.64 -4.83 4.99
C LEU B 34 -7.40 -3.53 5.23
N VAL B 35 -8.45 -3.29 4.45
CA VAL B 35 -9.20 -2.05 4.57
C VAL B 35 -9.99 -2.03 5.86
N ASN B 36 -10.76 -3.08 6.09
CA ASN B 36 -11.56 -3.17 7.30
C ASN B 36 -10.68 -3.23 8.53
N PHE B 37 -9.52 -3.84 8.37
CA PHE B 37 -8.50 -3.89 9.42
C PHE B 37 -7.98 -2.48 9.71
N LEU B 38 -7.59 -1.77 8.66
CA LEU B 38 -7.03 -0.42 8.79
C LEU B 38 -8.07 0.57 9.31
N ASN B 39 -9.30 0.44 8.83
CA ASN B 39 -10.35 1.38 9.21
C ASN B 39 -10.72 1.25 10.68
N ASP B 40 -10.96 0.02 11.12
CA ASP B 40 -11.52 -0.23 12.44
C ASP B 40 -10.44 -0.51 13.50
N GLN B 41 -9.52 -1.42 13.19
CA GLN B 41 -8.66 -2.02 14.21
C GLN B 41 -7.28 -1.38 14.26
N VAL B 42 -6.99 -0.48 13.35
CA VAL B 42 -5.67 0.15 13.30
C VAL B 42 -5.75 1.63 13.65
N GLU B 43 -4.74 2.09 14.37
CA GLU B 43 -4.55 3.52 14.62
C GLU B 43 -3.11 3.87 14.34
N ILE B 44 -2.86 4.66 13.31
CA ILE B 44 -1.51 5.04 12.97
C ILE B 44 -0.98 6.02 14.01
N PRO B 45 0.19 5.71 14.59
CA PRO B 45 0.72 6.47 15.74
C PRO B 45 0.89 7.95 15.44
N ALA A 15 -10.60 -1.05 -16.85
CA ALA A 15 -10.93 -0.49 -15.55
C ALA A 15 -11.48 0.93 -15.69
N ASN A 16 -12.76 1.04 -16.02
CA ASN A 16 -13.41 2.33 -16.17
C ASN A 16 -13.45 3.06 -14.83
N PHE A 17 -13.83 2.32 -13.79
CA PHE A 17 -13.90 2.85 -12.43
C PHE A 17 -12.60 3.54 -12.02
N LEU A 18 -11.48 2.87 -12.28
CA LEU A 18 -10.18 3.40 -11.92
C LEU A 18 -9.64 4.39 -12.95
N SER A 19 -10.31 4.48 -14.08
CA SER A 19 -9.94 5.43 -15.11
C SER A 19 -10.53 6.82 -14.85
N GLN A 20 -11.82 6.87 -14.50
CA GLN A 20 -12.49 8.16 -14.33
C GLN A 20 -12.55 8.62 -12.88
N LYS A 21 -12.84 7.69 -11.97
CA LYS A 21 -13.00 8.04 -10.56
C LYS A 21 -11.66 8.06 -9.86
N PHE A 22 -10.76 7.21 -10.33
CA PHE A 22 -9.36 7.28 -9.96
C PHE A 22 -8.60 7.79 -11.17
N PRO A 23 -7.60 8.66 -10.97
CA PRO A 23 -6.97 9.40 -12.07
C PRO A 23 -5.72 8.75 -12.67
N GLU A 24 -4.66 8.63 -11.90
CA GLU A 24 -3.34 8.38 -12.44
C GLU A 24 -2.64 7.16 -11.81
N LEU A 25 -3.43 6.17 -11.42
CA LEU A 25 -2.91 4.99 -10.70
C LEU A 25 -1.62 4.44 -11.30
N PRO A 26 -0.50 4.64 -10.59
CA PRO A 26 0.82 4.15 -11.02
C PRO A 26 0.90 2.62 -11.01
N SER A 27 1.78 2.09 -11.85
CA SER A 27 1.92 0.64 -11.99
C SER A 27 3.21 0.13 -11.34
N GLY A 28 4.13 1.04 -11.02
CA GLY A 28 5.37 0.66 -10.41
C GLY A 28 6.59 0.84 -11.32
N ILE A 29 7.77 0.89 -10.72
CA ILE A 29 9.02 1.03 -11.45
C ILE A 29 9.48 -0.30 -12.00
N ASP A 30 10.27 -0.27 -13.05
CA ASP A 30 10.87 -1.49 -13.58
C ASP A 30 12.09 -1.83 -12.75
N VAL A 31 12.17 -3.07 -12.32
CA VAL A 31 13.18 -3.48 -11.35
C VAL A 31 14.09 -4.52 -11.96
N ASN A 32 15.36 -4.17 -12.12
CA ASN A 32 16.37 -5.09 -12.57
C ASN A 32 16.65 -6.15 -11.50
N ILE A 33 15.89 -7.23 -11.56
CA ILE A 33 15.92 -8.27 -10.55
C ILE A 33 17.11 -9.22 -10.76
N ASN A 34 18.12 -8.72 -11.47
CA ASN A 34 19.37 -9.44 -11.63
C ASN A 34 20.33 -9.04 -10.50
N MET A 35 20.01 -7.94 -9.84
CA MET A 35 20.85 -7.43 -8.77
C MET A 35 20.03 -7.15 -7.51
N THR A 36 18.77 -6.79 -7.71
CA THR A 36 17.89 -6.44 -6.61
C THR A 36 16.50 -7.03 -6.83
N THR A 37 15.98 -7.67 -5.79
CA THR A 37 14.67 -8.30 -5.88
C THR A 37 13.58 -7.31 -5.48
N PRO A 38 12.33 -7.52 -5.95
CA PRO A 38 11.22 -6.62 -5.62
C PRO A 38 11.10 -6.41 -4.12
N ALA A 39 11.18 -7.52 -3.37
CA ALA A 39 11.07 -7.49 -1.92
C ALA A 39 12.05 -6.50 -1.30
N MET A 40 13.27 -6.48 -1.80
CA MET A 40 14.30 -5.59 -1.29
C MET A 40 13.92 -4.13 -1.55
N MET A 41 13.49 -3.85 -2.78
CA MET A 41 13.11 -2.50 -3.17
C MET A 41 11.91 -2.02 -2.35
N ILE A 42 10.93 -2.92 -2.19
CA ILE A 42 9.71 -2.63 -1.44
C ILE A 42 10.02 -2.28 0.01
N SER A 43 10.86 -3.08 0.64
CA SER A 43 11.03 -3.00 2.08
C SER A 43 11.95 -1.84 2.44
N SER A 44 12.91 -1.58 1.55
CA SER A 44 13.83 -0.49 1.77
C SER A 44 13.12 0.84 1.54
N GLU A 45 12.66 1.09 0.30
CA GLU A 45 11.91 2.31 0.01
C GLU A 45 10.96 2.71 1.12
N LEU A 46 10.05 1.83 1.48
CA LEU A 46 9.03 2.17 2.45
C LEU A 46 9.64 2.51 3.82
N ALA A 47 10.40 1.56 4.37
CA ALA A 47 10.92 1.69 5.73
C ALA A 47 12.10 2.68 5.87
N LYS A 48 12.77 3.02 4.78
CA LYS A 48 13.97 3.87 4.86
C LYS A 48 13.60 5.34 4.98
N LYS A 49 12.32 5.66 4.83
CA LYS A 49 11.88 7.03 4.92
C LYS A 49 11.54 7.37 6.37
N PRO A 50 11.95 8.58 6.82
CA PRO A 50 11.73 9.05 8.20
C PRO A 50 10.28 8.87 8.64
N LYS A 51 10.11 8.49 9.91
CA LYS A 51 8.80 8.10 10.46
C LYS A 51 7.65 9.01 10.03
N GLU A 52 7.89 10.32 10.00
CA GLU A 52 6.83 11.27 9.69
C GLU A 52 6.14 10.94 8.36
N VAL A 53 6.91 10.50 7.36
CA VAL A 53 6.34 10.11 6.07
C VAL A 53 5.25 9.04 6.20
N GLN A 54 5.59 7.92 6.84
CA GLN A 54 4.62 6.84 6.95
C GLN A 54 3.44 7.25 7.82
N LEU A 55 3.68 8.15 8.76
CA LEU A 55 2.61 8.67 9.59
C LEU A 55 1.70 9.57 8.75
N LYS A 56 2.32 10.44 7.94
CA LYS A 56 1.58 11.29 7.00
C LYS A 56 0.71 10.44 6.10
N PHE A 57 1.36 9.49 5.44
CA PHE A 57 0.70 8.64 4.46
C PHE A 57 -0.42 7.86 5.12
N LEU A 58 -0.06 7.05 6.12
CA LEU A 58 -1.01 6.13 6.73
C LEU A 58 -2.17 6.84 7.39
N GLN A 59 -1.96 8.05 7.93
CA GLN A 59 -3.05 8.79 8.56
C GLN A 59 -4.10 9.20 7.56
N LYS A 60 -3.70 10.03 6.61
CA LYS A 60 -4.63 10.53 5.60
C LYS A 60 -5.17 9.38 4.75
N PHE A 61 -4.35 8.35 4.55
CA PHE A 61 -4.78 7.14 3.87
C PHE A 61 -5.88 6.45 4.69
N GLN A 62 -5.62 6.23 5.98
CA GLN A 62 -6.60 5.64 6.88
C GLN A 62 -7.91 6.42 6.83
N GLU A 63 -7.83 7.73 7.00
CA GLU A 63 -9.00 8.61 6.90
C GLU A 63 -9.75 8.35 5.60
N TRP A 64 -9.01 8.50 4.49
CA TRP A 64 -9.52 8.18 3.16
C TRP A 64 -10.22 6.82 3.12
N THR A 65 -9.59 5.79 3.70
CA THR A 65 -10.16 4.45 3.65
C THR A 65 -11.38 4.29 4.56
N ARG A 66 -11.42 5.06 5.64
CA ARG A 66 -12.52 4.96 6.60
C ARG A 66 -13.81 5.48 5.99
N ALA A 67 -13.70 6.56 5.23
CA ALA A 67 -14.86 7.14 4.58
C ALA A 67 -15.13 6.44 3.25
N HIS A 68 -14.14 5.68 2.79
CA HIS A 68 -14.21 5.04 1.48
C HIS A 68 -13.67 3.61 1.55
N PRO A 69 -14.34 2.71 2.30
CA PRO A 69 -13.89 1.33 2.43
C PRO A 69 -14.07 0.56 1.13
N GLU A 70 -14.96 1.06 0.30
CA GLU A 70 -15.23 0.45 -0.99
C GLU A 70 -14.18 0.90 -2.00
N ASP A 71 -13.99 2.21 -2.10
CA ASP A 71 -13.00 2.80 -2.99
C ASP A 71 -11.61 2.25 -2.69
N ALA A 72 -11.22 2.37 -1.42
CA ALA A 72 -9.92 1.92 -0.96
C ALA A 72 -9.65 0.46 -1.31
N ALA A 73 -10.56 -0.41 -0.91
CA ALA A 73 -10.39 -1.83 -1.15
C ALA A 73 -10.38 -2.13 -2.64
N SER A 74 -11.21 -1.42 -3.39
CA SER A 74 -11.18 -1.53 -4.85
C SER A 74 -9.78 -1.25 -5.38
N LEU A 75 -9.16 -0.14 -4.94
CA LEU A 75 -7.81 0.20 -5.38
C LEU A 75 -6.79 -0.85 -4.94
N LEU A 76 -6.86 -1.23 -3.66
CA LEU A 76 -5.91 -2.19 -3.11
C LEU A 76 -6.07 -3.56 -3.74
N GLU A 77 -7.27 -3.88 -4.19
CA GLU A 77 -7.51 -5.17 -4.82
C GLU A 77 -6.81 -5.26 -6.16
N LEU A 78 -6.83 -4.19 -6.92
CA LEU A 78 -6.24 -4.22 -8.25
C LEU A 78 -4.77 -3.77 -8.23
N CYS A 79 -4.40 -2.89 -7.31
CA CYS A 79 -3.02 -2.42 -7.22
C CYS A 79 -2.33 -2.96 -5.96
N PRO A 80 -1.63 -4.09 -6.08
CA PRO A 80 -1.00 -4.78 -4.94
C PRO A 80 0.18 -4.03 -4.33
N GLN A 81 0.70 -3.01 -5.01
CA GLN A 81 1.85 -2.28 -4.49
C GLN A 81 1.45 -1.54 -3.22
N LEU A 82 0.23 -1.02 -3.22
CA LEU A 82 -0.27 -0.24 -2.09
C LEU A 82 -0.62 -1.16 -0.93
N SER A 83 -1.20 -2.31 -1.24
CA SER A 83 -1.45 -3.36 -0.26
C SER A 83 -0.20 -3.60 0.61
N PHE A 84 0.94 -3.82 -0.03
CA PHE A 84 2.18 -4.09 0.71
C PHE A 84 2.87 -2.79 1.14
N VAL A 85 2.59 -1.69 0.45
CA VAL A 85 3.01 -0.37 0.92
C VAL A 85 2.51 -0.16 2.34
N THR A 86 1.23 -0.40 2.54
CA THR A 86 0.63 -0.26 3.85
C THR A 86 1.29 -1.22 4.83
N ALA A 87 1.41 -2.48 4.41
CA ALA A 87 2.02 -3.53 5.22
C ALA A 87 3.34 -3.09 5.86
N GLU A 88 4.30 -2.71 5.03
CA GLU A 88 5.64 -2.36 5.52
C GLU A 88 5.60 -1.13 6.43
N LEU A 89 4.77 -0.16 6.07
CA LEU A 89 4.66 1.06 6.86
C LEU A 89 4.03 0.75 8.22
N LEU A 90 3.13 -0.23 8.24
CA LEU A 90 2.57 -0.76 9.48
C LEU A 90 3.67 -1.38 10.34
N LEU A 91 4.53 -2.15 9.67
CA LEU A 91 5.60 -2.89 10.34
C LEU A 91 6.62 -1.95 10.96
N THR A 92 7.09 -0.98 10.18
CA THR A 92 8.12 -0.07 10.63
C THR A 92 7.64 0.82 11.78
N ASN A 93 6.35 1.17 11.77
CA ASN A 93 5.77 1.93 12.88
C ASN A 93 5.56 1.06 14.12
N GLY A 94 5.45 -0.25 13.91
CA GLY A 94 5.35 -1.16 15.03
C GLY A 94 3.92 -1.49 15.42
N ILE A 95 2.96 -0.75 14.85
CA ILE A 95 1.55 -0.96 15.14
C ILE A 95 1.16 -2.41 14.83
N CYS A 96 1.53 -2.88 13.66
CA CYS A 96 1.21 -4.24 13.25
C CYS A 96 2.48 -5.01 12.94
N LYS A 97 2.48 -6.29 13.25
CA LYS A 97 3.63 -7.15 13.00
C LYS A 97 3.37 -8.02 11.77
N VAL A 98 4.40 -8.72 11.30
CA VAL A 98 4.25 -9.61 10.16
C VAL A 98 3.11 -10.61 10.39
N ASP A 99 3.06 -11.16 11.60
CA ASP A 99 2.06 -12.16 11.95
C ASP A 99 0.65 -11.55 12.03
N ASP A 100 0.58 -10.22 12.08
CA ASP A 100 -0.70 -9.53 12.08
C ASP A 100 -1.19 -9.27 10.66
N LEU A 101 -0.29 -9.47 9.71
CA LEU A 101 -0.60 -9.20 8.31
C LEU A 101 -1.02 -10.46 7.60
N ILE A 102 -0.43 -11.58 7.99
CA ILE A 102 -0.78 -12.88 7.44
C ILE A 102 -2.30 -13.16 7.51
N PRO A 103 -3.01 -12.78 8.60
CA PRO A 103 -4.49 -12.82 8.64
C PRO A 103 -5.16 -12.16 7.43
N LEU A 104 -4.51 -11.14 6.87
CA LEU A 104 -5.04 -10.48 5.67
C LEU A 104 -4.96 -11.43 4.48
N ALA A 105 -3.95 -12.30 4.53
CA ALA A 105 -3.71 -13.30 3.49
C ALA A 105 -4.45 -14.59 3.77
N GLU B 6 -10.98 11.02 -4.97
CA GLU B 6 -9.61 11.37 -5.40
C GLU B 6 -8.59 10.51 -4.64
N LEU B 7 -7.34 10.94 -4.67
CA LEU B 7 -6.26 10.27 -3.99
C LEU B 7 -5.27 11.29 -3.47
N PRO B 8 -4.72 11.09 -2.27
CA PRO B 8 -3.70 11.96 -1.76
C PRO B 8 -2.37 11.69 -2.43
N THR B 9 -1.72 12.78 -2.80
CA THR B 9 -0.52 12.77 -3.62
C THR B 9 0.57 11.83 -3.06
N GLU B 10 0.65 11.72 -1.73
CA GLU B 10 1.60 10.80 -1.10
C GLU B 10 1.47 9.40 -1.66
N VAL B 11 0.22 8.96 -1.77
CA VAL B 11 -0.08 7.61 -2.26
C VAL B 11 0.41 7.44 -3.69
N LEU B 12 -0.07 8.31 -4.57
CA LEU B 12 0.31 8.29 -5.98
C LEU B 12 1.82 8.19 -6.17
N ASP B 13 2.56 9.10 -5.54
CA ASP B 13 4.02 9.09 -5.66
C ASP B 13 4.60 7.78 -5.16
N LEU B 14 4.09 7.32 -4.02
CA LEU B 14 4.62 6.12 -3.39
C LEU B 14 4.36 4.88 -4.23
N LEU B 15 3.21 4.84 -4.90
CA LEU B 15 2.85 3.68 -5.72
C LEU B 15 3.80 3.57 -6.90
N SER B 16 4.23 4.72 -7.41
CA SER B 16 5.09 4.75 -8.57
C SER B 16 6.56 4.50 -8.24
N VAL B 17 6.97 4.77 -6.99
CA VAL B 17 8.39 4.65 -6.64
C VAL B 17 8.81 3.21 -6.32
N ILE B 18 7.86 2.29 -6.22
CA ILE B 18 8.19 0.90 -5.92
C ILE B 18 7.96 -0.01 -7.12
N PRO B 19 8.49 -1.25 -7.06
CA PRO B 19 8.37 -2.25 -8.13
C PRO B 19 7.00 -2.34 -8.80
N LYS B 20 7.04 -2.73 -10.08
CA LYS B 20 5.86 -3.07 -10.84
C LYS B 20 5.02 -4.10 -10.10
N ARG B 21 3.74 -3.80 -9.98
CA ARG B 21 2.77 -4.63 -9.25
C ARG B 21 2.74 -6.11 -9.68
N GLN B 22 3.47 -6.49 -10.72
CA GLN B 22 3.49 -7.90 -11.15
C GLN B 22 4.60 -8.65 -10.42
N TYR B 23 5.46 -7.89 -9.74
CA TYR B 23 6.50 -8.46 -8.89
C TYR B 23 5.93 -8.84 -7.52
N PHE B 24 4.64 -8.61 -7.35
CA PHE B 24 3.96 -8.86 -6.07
C PHE B 24 3.18 -10.16 -6.12
N ASN B 25 3.49 -11.01 -7.09
CA ASN B 25 2.72 -12.24 -7.32
C ASN B 25 3.06 -13.35 -6.32
N THR B 26 3.10 -13.02 -5.04
CA THR B 26 3.30 -14.00 -4.00
C THR B 26 2.70 -13.52 -2.68
N ASN B 27 2.07 -14.44 -1.94
CA ASN B 27 1.43 -14.13 -0.67
C ASN B 27 0.21 -13.23 -0.86
N LEU B 28 0.47 -11.91 -0.99
CA LEU B 28 -0.58 -10.90 -1.16
C LEU B 28 -1.44 -10.73 0.10
N LEU B 29 -1.70 -9.48 0.43
CA LEU B 29 -2.62 -9.14 1.50
C LEU B 29 -3.91 -8.65 0.88
N ASP B 30 -4.97 -9.43 0.99
CA ASP B 30 -6.23 -9.08 0.35
C ASP B 30 -6.79 -7.77 0.87
N ALA B 31 -7.04 -6.89 -0.09
CA ALA B 31 -7.51 -5.53 0.12
C ALA B 31 -8.67 -5.44 1.09
N GLN B 32 -9.63 -6.32 0.93
CA GLN B 32 -10.86 -6.25 1.70
C GLN B 32 -10.58 -6.43 3.17
N LYS B 33 -9.70 -7.37 3.47
CA LYS B 33 -9.22 -7.57 4.82
C LYS B 33 -8.53 -6.30 5.30
N LEU B 34 -7.51 -5.89 4.55
CA LEU B 34 -6.66 -4.77 4.93
C LEU B 34 -7.43 -3.47 5.13
N VAL B 35 -8.46 -3.23 4.34
CA VAL B 35 -9.20 -1.99 4.43
C VAL B 35 -10.07 -1.97 5.68
N ASN B 36 -10.83 -3.03 5.88
CA ASN B 36 -11.67 -3.14 7.06
C ASN B 36 -10.81 -3.20 8.31
N PHE B 37 -9.64 -3.80 8.16
CA PHE B 37 -8.64 -3.88 9.22
C PHE B 37 -8.11 -2.47 9.56
N LEU B 38 -7.66 -1.76 8.54
CA LEU B 38 -7.03 -0.45 8.72
C LEU B 38 -8.04 0.59 9.21
N ASN B 39 -9.22 0.54 8.65
CA ASN B 39 -10.27 1.52 8.93
C ASN B 39 -10.83 1.34 10.35
N ASP B 40 -11.26 0.14 10.69
CA ASP B 40 -11.93 -0.09 11.97
C ASP B 40 -10.99 -0.55 13.08
N GLN B 41 -10.04 -1.41 12.74
CA GLN B 41 -9.23 -2.10 13.76
C GLN B 41 -7.87 -1.44 13.97
N VAL B 42 -7.43 -0.60 13.04
CA VAL B 42 -6.13 0.03 13.15
C VAL B 42 -6.26 1.49 13.55
N GLU B 43 -5.31 1.93 14.35
CA GLU B 43 -5.19 3.33 14.70
C GLU B 43 -3.77 3.77 14.39
N ILE B 44 -3.61 4.51 13.30
CA ILE B 44 -2.29 4.89 12.83
C ILE B 44 -1.66 5.93 13.75
N PRO B 45 -0.35 5.83 14.01
CA PRO B 45 0.37 6.82 14.78
C PRO B 45 0.66 8.08 13.95
N ALA A 15 -13.03 -4.30 -12.55
CA ALA A 15 -11.76 -3.62 -12.85
C ALA A 15 -11.99 -2.21 -13.40
N ASN A 16 -13.05 -2.05 -14.21
CA ASN A 16 -13.40 -0.75 -14.77
C ASN A 16 -13.85 0.22 -13.68
N PHE A 17 -13.97 -0.27 -12.46
CA PHE A 17 -14.19 0.58 -11.31
C PHE A 17 -13.09 1.65 -11.25
N LEU A 18 -11.88 1.27 -11.66
CA LEU A 18 -10.77 2.21 -11.72
C LEU A 18 -11.01 3.22 -12.85
N SER A 19 -11.68 2.80 -13.91
CA SER A 19 -12.03 3.68 -15.00
C SER A 19 -12.94 4.81 -14.51
N GLN A 20 -13.68 4.53 -13.46
CA GLN A 20 -14.59 5.50 -12.85
C GLN A 20 -13.83 6.49 -11.96
N LYS A 21 -13.16 5.99 -10.94
CA LYS A 21 -12.61 6.85 -9.89
C LYS A 21 -11.08 6.96 -9.95
N PHE A 22 -10.42 5.97 -10.52
CA PHE A 22 -8.97 5.90 -10.45
C PHE A 22 -8.33 5.78 -11.85
N PRO A 23 -8.62 6.72 -12.77
CA PRO A 23 -8.14 6.65 -14.14
C PRO A 23 -6.77 7.30 -14.30
N GLU A 24 -6.17 7.68 -13.19
CA GLU A 24 -4.90 8.38 -13.20
C GLU A 24 -3.88 7.67 -12.32
N LEU A 25 -4.04 6.36 -12.19
CA LEU A 25 -3.14 5.55 -11.39
C LEU A 25 -1.76 5.44 -12.02
N PRO A 26 -0.71 5.59 -11.20
CA PRO A 26 0.68 5.40 -11.63
C PRO A 26 1.00 3.93 -11.82
N SER A 27 1.82 3.62 -12.82
CA SER A 27 2.13 2.24 -13.14
C SER A 27 3.33 1.74 -12.35
N GLY A 28 4.16 2.66 -11.89
CA GLY A 28 5.36 2.28 -11.18
C GLY A 28 6.62 2.58 -11.98
N ILE A 29 7.78 2.26 -11.43
CA ILE A 29 9.05 2.44 -12.11
C ILE A 29 9.48 1.15 -12.80
N ASP A 30 10.40 1.28 -13.74
CA ASP A 30 11.11 0.12 -14.27
C ASP A 30 12.37 -0.09 -13.46
N VAL A 31 12.75 -1.34 -13.29
CA VAL A 31 13.79 -1.70 -12.36
C VAL A 31 14.77 -2.63 -13.04
N ASN A 32 16.03 -2.53 -12.68
CA ASN A 32 17.04 -3.38 -13.28
C ASN A 32 17.03 -4.72 -12.54
N ILE A 33 16.05 -5.55 -12.89
CA ILE A 33 15.74 -6.75 -12.12
C ILE A 33 16.68 -7.90 -12.43
N ASN A 34 17.82 -7.57 -13.02
CA ASN A 34 18.87 -8.55 -13.28
C ASN A 34 19.92 -8.43 -12.20
N MET A 35 19.94 -7.28 -11.55
CA MET A 35 20.91 -6.99 -10.50
C MET A 35 20.21 -6.74 -9.17
N THR A 36 18.93 -6.40 -9.23
CA THR A 36 18.18 -6.07 -8.04
C THR A 36 16.75 -6.64 -8.15
N THR A 37 16.13 -6.95 -7.02
CA THR A 37 14.80 -7.51 -7.02
C THR A 37 13.76 -6.45 -6.69
N PRO A 38 12.59 -6.51 -7.36
CA PRO A 38 11.50 -5.55 -7.16
C PRO A 38 10.99 -5.56 -5.72
N ALA A 39 11.05 -6.74 -5.08
CA ALA A 39 10.63 -6.89 -3.70
C ALA A 39 11.55 -6.10 -2.77
N MET A 40 12.85 -6.26 -2.97
CA MET A 40 13.84 -5.53 -2.20
C MET A 40 13.65 -4.03 -2.35
N MET A 41 13.30 -3.60 -3.56
CA MET A 41 13.02 -2.20 -3.82
C MET A 41 11.77 -1.75 -3.07
N ILE A 42 10.76 -2.62 -3.02
CA ILE A 42 9.51 -2.33 -2.30
C ILE A 42 9.79 -2.01 -0.85
N SER A 43 10.50 -2.89 -0.18
CA SER A 43 10.58 -2.82 1.27
C SER A 43 11.59 -1.77 1.66
N SER A 44 12.58 -1.55 0.77
CA SER A 44 13.59 -0.53 1.01
C SER A 44 12.95 0.85 1.01
N GLU A 45 12.41 1.27 -0.13
CA GLU A 45 11.69 2.54 -0.24
C GLU A 45 10.76 2.81 0.94
N LEU A 46 9.94 1.83 1.29
CA LEU A 46 8.98 2.03 2.35
C LEU A 46 9.66 2.21 3.70
N ALA A 47 10.55 1.28 4.04
CA ALA A 47 11.24 1.29 5.32
C ALA A 47 12.27 2.42 5.45
N LYS A 48 12.71 2.99 4.34
CA LYS A 48 13.72 4.04 4.37
C LYS A 48 13.09 5.41 4.66
N LYS A 49 11.76 5.48 4.53
CA LYS A 49 11.05 6.73 4.73
C LYS A 49 11.13 7.17 6.18
N PRO A 50 11.47 8.45 6.41
CA PRO A 50 11.42 9.04 7.75
C PRO A 50 10.03 8.89 8.34
N LYS A 51 9.97 8.53 9.62
CA LYS A 51 8.73 8.12 10.27
C LYS A 51 7.56 9.09 10.03
N GLU A 52 7.86 10.38 9.87
CA GLU A 52 6.84 11.35 9.53
C GLU A 52 6.02 10.91 8.32
N VAL A 53 6.71 10.41 7.30
CA VAL A 53 6.05 9.96 6.06
C VAL A 53 5.14 8.77 6.29
N GLN A 54 5.67 7.71 6.92
CA GLN A 54 4.87 6.50 7.15
C GLN A 54 3.67 6.84 8.03
N LEU A 55 3.86 7.76 8.96
CA LEU A 55 2.76 8.29 9.76
C LEU A 55 1.77 9.04 8.88
N LYS A 56 2.26 10.08 8.20
CA LYS A 56 1.43 10.96 7.39
C LYS A 56 0.64 10.18 6.37
N PHE A 57 1.31 9.27 5.68
CA PHE A 57 0.68 8.47 4.65
C PHE A 57 -0.40 7.61 5.25
N LEU A 58 -0.02 6.77 6.21
CA LEU A 58 -0.94 5.79 6.78
C LEU A 58 -2.15 6.44 7.46
N GLN A 59 -1.98 7.62 8.06
CA GLN A 59 -3.07 8.28 8.77
C GLN A 59 -4.04 8.93 7.80
N LYS A 60 -3.50 9.74 6.91
CA LYS A 60 -4.29 10.36 5.86
C LYS A 60 -4.99 9.31 5.01
N PHE A 61 -4.23 8.31 4.60
CA PHE A 61 -4.76 7.16 3.87
C PHE A 61 -5.86 6.47 4.69
N GLN A 62 -5.61 6.28 5.99
CA GLN A 62 -6.61 5.73 6.90
C GLN A 62 -7.91 6.52 6.85
N GLU A 63 -7.81 7.83 6.91
CA GLU A 63 -8.98 8.69 6.74
C GLU A 63 -9.69 8.35 5.44
N TRP A 64 -8.96 8.50 4.34
CA TRP A 64 -9.46 8.19 3.00
C TRP A 64 -10.15 6.82 2.91
N THR A 65 -9.48 5.77 3.41
CA THR A 65 -10.01 4.42 3.27
C THR A 65 -11.24 4.17 4.14
N ARG A 66 -11.41 4.97 5.18
CA ARG A 66 -12.60 4.87 6.01
C ARG A 66 -13.78 5.58 5.37
N ALA A 67 -13.49 6.69 4.70
CA ALA A 67 -14.52 7.42 3.96
C ALA A 67 -14.90 6.68 2.69
N HIS A 68 -13.93 5.97 2.11
CA HIS A 68 -14.15 5.22 0.89
C HIS A 68 -13.62 3.79 1.02
N PRO A 69 -14.28 2.96 1.84
CA PRO A 69 -13.82 1.59 2.13
C PRO A 69 -13.77 0.71 0.89
N GLU A 70 -14.84 0.71 0.10
CA GLU A 70 -14.89 -0.13 -1.07
C GLU A 70 -13.92 0.41 -2.12
N ASP A 71 -13.82 1.72 -2.20
CA ASP A 71 -12.90 2.37 -3.14
C ASP A 71 -11.48 1.93 -2.87
N ALA A 72 -11.07 2.15 -1.63
CA ALA A 72 -9.74 1.76 -1.15
C ALA A 72 -9.48 0.29 -1.38
N ALA A 73 -10.38 -0.55 -0.89
CA ALA A 73 -10.20 -1.98 -0.98
C ALA A 73 -10.14 -2.43 -2.43
N SER A 74 -11.00 -1.87 -3.27
CA SER A 74 -10.98 -2.21 -4.69
C SER A 74 -9.64 -1.85 -5.32
N LEU A 75 -9.06 -0.72 -4.94
CA LEU A 75 -7.78 -0.29 -5.46
C LEU A 75 -6.66 -1.20 -4.96
N LEU A 76 -6.70 -1.51 -3.66
CA LEU A 76 -5.72 -2.40 -3.05
C LEU A 76 -5.82 -3.80 -3.63
N GLU A 77 -7.03 -4.16 -4.06
CA GLU A 77 -7.29 -5.45 -4.67
C GLU A 77 -6.53 -5.60 -5.97
N LEU A 78 -6.55 -4.56 -6.78
CA LEU A 78 -5.98 -4.66 -8.12
C LEU A 78 -4.55 -4.11 -8.19
N CYS A 79 -4.21 -3.11 -7.37
CA CYS A 79 -2.86 -2.55 -7.38
C CYS A 79 -2.06 -3.01 -6.16
N PRO A 80 -1.21 -4.03 -6.34
CA PRO A 80 -0.49 -4.69 -5.24
C PRO A 80 0.59 -3.83 -4.57
N GLN A 81 1.02 -2.75 -5.23
CA GLN A 81 2.10 -1.94 -4.66
C GLN A 81 1.62 -1.26 -3.38
N LEU A 82 0.34 -0.90 -3.37
CA LEU A 82 -0.24 -0.17 -2.25
C LEU A 82 -0.58 -1.11 -1.09
N SER A 83 -1.15 -2.27 -1.41
CA SER A 83 -1.36 -3.34 -0.43
C SER A 83 -0.11 -3.55 0.43
N PHE A 84 1.05 -3.70 -0.20
CA PHE A 84 2.30 -3.91 0.53
C PHE A 84 2.92 -2.59 1.01
N VAL A 85 2.66 -1.50 0.29
CA VAL A 85 3.03 -0.18 0.77
C VAL A 85 2.50 0.00 2.19
N THR A 86 1.22 -0.32 2.38
CA THR A 86 0.59 -0.23 3.68
C THR A 86 1.22 -1.24 4.64
N ALA A 87 1.47 -2.45 4.14
CA ALA A 87 2.04 -3.53 4.95
C ALA A 87 3.33 -3.09 5.65
N GLU A 88 4.35 -2.74 4.86
CA GLU A 88 5.64 -2.34 5.41
C GLU A 88 5.50 -1.15 6.35
N LEU A 89 4.70 -0.16 5.97
CA LEU A 89 4.54 1.03 6.78
C LEU A 89 3.87 0.69 8.11
N LEU A 90 2.95 -0.27 8.10
CA LEU A 90 2.35 -0.79 9.32
C LEU A 90 3.43 -1.39 10.22
N LEU A 91 4.34 -2.12 9.59
CA LEU A 91 5.43 -2.78 10.30
C LEU A 91 6.35 -1.75 10.94
N THR A 92 6.62 -0.65 10.21
CA THR A 92 7.55 0.37 10.65
C THR A 92 7.09 1.03 11.94
N ASN A 93 5.79 1.34 12.01
CA ASN A 93 5.23 2.03 13.15
C ASN A 93 5.03 1.11 14.36
N GLY A 94 5.17 -0.19 14.14
CA GLY A 94 5.12 -1.14 15.24
C GLY A 94 3.71 -1.55 15.61
N ILE A 95 2.72 -0.85 15.06
CA ILE A 95 1.32 -1.17 15.32
C ILE A 95 1.00 -2.61 14.90
N CYS A 96 1.34 -2.96 13.66
CA CYS A 96 1.06 -4.29 13.14
C CYS A 96 2.35 -4.98 12.72
N LYS A 97 2.41 -6.29 12.91
CA LYS A 97 3.58 -7.05 12.49
C LYS A 97 3.19 -7.99 11.35
N VAL A 98 4.17 -8.70 10.80
CA VAL A 98 3.92 -9.58 9.66
C VAL A 98 2.83 -10.59 9.99
N ASP A 99 2.89 -11.17 11.18
CA ASP A 99 1.92 -12.16 11.63
C ASP A 99 0.51 -11.57 11.66
N ASP A 100 0.43 -10.25 11.79
CA ASP A 100 -0.87 -9.57 11.87
C ASP A 100 -1.39 -9.21 10.49
N LEU A 101 -0.55 -9.40 9.48
CA LEU A 101 -0.90 -9.09 8.10
C LEU A 101 -1.41 -10.33 7.38
N ILE A 102 -0.94 -11.47 7.83
CA ILE A 102 -1.39 -12.76 7.32
C ILE A 102 -2.91 -12.98 7.49
N PRO A 103 -3.51 -12.62 8.64
CA PRO A 103 -4.98 -12.65 8.81
C PRO A 103 -5.71 -11.78 7.79
N LEU A 104 -5.01 -10.80 7.23
CA LEU A 104 -5.57 -9.99 6.16
C LEU A 104 -5.64 -10.81 4.89
N ALA A 105 -4.59 -11.57 4.67
CA ALA A 105 -4.47 -12.44 3.51
C ALA A 105 -5.46 -13.60 3.59
N GLU B 6 -9.21 11.92 -5.89
CA GLU B 6 -9.70 10.89 -4.97
C GLU B 6 -8.56 10.47 -4.07
N LEU B 7 -7.47 10.07 -4.70
CA LEU B 7 -6.25 9.76 -3.99
C LEU B 7 -5.45 11.02 -3.76
N PRO B 8 -4.87 11.14 -2.57
CA PRO B 8 -3.97 12.24 -2.27
C PRO B 8 -2.60 11.99 -2.91
N THR B 9 -1.97 13.07 -3.31
CA THR B 9 -0.75 13.03 -4.12
C THR B 9 0.38 12.22 -3.48
N GLU B 10 0.44 12.20 -2.15
CA GLU B 10 1.41 11.36 -1.44
C GLU B 10 1.29 9.89 -1.88
N VAL B 11 0.05 9.43 -1.98
CA VAL B 11 -0.23 8.07 -2.42
C VAL B 11 0.24 7.89 -3.86
N LEU B 12 -0.19 8.79 -4.74
CA LEU B 12 0.24 8.77 -6.13
C LEU B 12 1.75 8.64 -6.26
N ASP B 13 2.49 9.52 -5.59
CA ASP B 13 3.95 9.46 -5.62
C ASP B 13 4.45 8.11 -5.16
N LEU B 14 3.94 7.64 -4.02
CA LEU B 14 4.46 6.44 -3.40
C LEU B 14 4.21 5.20 -4.25
N LEU B 15 3.06 5.16 -4.92
CA LEU B 15 2.74 4.03 -5.77
C LEU B 15 3.70 3.95 -6.95
N SER B 16 4.13 5.11 -7.41
CA SER B 16 4.98 5.18 -8.59
C SER B 16 6.48 5.14 -8.26
N VAL B 17 6.86 5.50 -7.03
CA VAL B 17 8.28 5.49 -6.67
C VAL B 17 8.80 4.06 -6.52
N ILE B 18 7.89 3.11 -6.44
CA ILE B 18 8.26 1.70 -6.39
C ILE B 18 8.02 1.03 -7.74
N PRO B 19 8.62 -0.15 -7.96
CA PRO B 19 8.47 -0.91 -9.21
C PRO B 19 7.02 -1.03 -9.69
N LYS B 20 6.89 -1.22 -11.00
CA LYS B 20 5.61 -1.45 -11.64
C LYS B 20 4.86 -2.60 -11.00
N ARG B 21 3.57 -2.38 -10.79
CA ARG B 21 2.70 -3.32 -10.09
C ARG B 21 2.67 -4.72 -10.72
N GLN B 22 3.19 -4.86 -11.94
CA GLN B 22 3.14 -6.13 -12.64
C GLN B 22 4.31 -7.02 -12.21
N TYR B 23 5.38 -6.37 -11.78
CA TYR B 23 6.53 -7.08 -11.21
C TYR B 23 6.19 -7.65 -9.83
N PHE B 24 4.94 -7.47 -9.44
CA PHE B 24 4.43 -7.99 -8.18
C PHE B 24 3.38 -9.07 -8.45
N ASN B 25 2.68 -9.50 -7.41
CA ASN B 25 1.65 -10.52 -7.55
C ASN B 25 0.30 -10.00 -7.06
N THR B 26 -0.76 -10.45 -7.70
CA THR B 26 -2.11 -10.04 -7.35
C THR B 26 -2.70 -11.02 -6.34
N ASN B 27 -2.07 -11.08 -5.16
CA ASN B 27 -2.32 -12.14 -4.18
C ASN B 27 -1.50 -11.91 -2.93
N LEU B 28 -1.26 -10.64 -2.61
CA LEU B 28 -0.36 -10.29 -1.52
C LEU B 28 -1.12 -10.25 -0.20
N LEU B 29 -1.82 -9.14 0.01
CA LEU B 29 -2.69 -9.01 1.18
C LEU B 29 -4.09 -8.65 0.72
N ASP B 30 -5.04 -9.51 1.04
CA ASP B 30 -6.45 -9.27 0.69
C ASP B 30 -6.92 -7.89 1.16
N ALA B 31 -7.03 -7.01 0.19
CA ALA B 31 -7.40 -5.61 0.36
C ALA B 31 -8.56 -5.40 1.32
N GLN B 32 -9.66 -6.11 1.10
CA GLN B 32 -10.89 -5.89 1.88
C GLN B 32 -10.61 -6.04 3.36
N LYS B 33 -9.85 -7.06 3.70
CA LYS B 33 -9.52 -7.34 5.08
C LYS B 33 -8.65 -6.22 5.63
N LEU B 34 -7.65 -5.83 4.85
CA LEU B 34 -6.72 -4.75 5.21
C LEU B 34 -7.46 -3.43 5.42
N VAL B 35 -8.44 -3.16 4.58
CA VAL B 35 -9.19 -1.91 4.66
C VAL B 35 -10.03 -1.89 5.93
N ASN B 36 -10.77 -2.96 6.16
CA ASN B 36 -11.59 -3.08 7.35
C ASN B 36 -10.70 -3.11 8.60
N PHE B 37 -9.51 -3.63 8.43
CA PHE B 37 -8.52 -3.70 9.50
C PHE B 37 -8.04 -2.30 9.88
N LEU B 38 -7.58 -1.54 8.88
CA LEU B 38 -7.08 -0.19 9.09
C LEU B 38 -8.22 0.74 9.55
N ASN B 39 -9.42 0.44 9.07
CA ASN B 39 -10.61 1.21 9.43
C ASN B 39 -10.93 1.04 10.91
N ASP B 40 -11.16 -0.19 11.32
CA ASP B 40 -11.70 -0.47 12.65
C ASP B 40 -10.61 -0.74 13.70
N GLN B 41 -9.61 -1.54 13.35
CA GLN B 41 -8.73 -2.12 14.34
C GLN B 41 -7.38 -1.41 14.42
N VAL B 42 -7.04 -0.59 13.43
CA VAL B 42 -5.71 0.01 13.41
C VAL B 42 -5.77 1.48 13.80
N GLU B 43 -4.76 1.92 14.53
CA GLU B 43 -4.58 3.33 14.85
C GLU B 43 -3.12 3.70 14.60
N ILE B 44 -2.89 4.50 13.57
CA ILE B 44 -1.53 4.91 13.21
C ILE B 44 -1.05 5.94 14.22
N PRO B 45 0.12 5.73 14.83
CA PRO B 45 0.61 6.57 15.93
C PRO B 45 0.75 8.03 15.53
N ALA A 15 -9.91 -2.88 -16.43
CA ALA A 15 -10.08 -2.16 -15.18
C ALA A 15 -10.83 -0.86 -15.41
N ASN A 16 -12.16 -0.96 -15.57
CA ASN A 16 -13.01 0.20 -15.77
C ASN A 16 -13.04 1.04 -14.49
N PHE A 17 -12.84 0.36 -13.37
CA PHE A 17 -12.81 0.98 -12.06
C PHE A 17 -11.72 2.05 -11.99
N LEU A 18 -10.55 1.74 -12.53
CA LEU A 18 -9.42 2.67 -12.46
C LEU A 18 -9.56 3.76 -13.52
N SER A 19 -9.97 3.38 -14.72
CA SER A 19 -10.08 4.34 -15.81
C SER A 19 -11.08 5.46 -15.50
N GLN A 20 -12.04 5.16 -14.62
CA GLN A 20 -13.05 6.15 -14.24
C GLN A 20 -12.65 6.91 -12.96
N LYS A 21 -12.29 6.18 -11.91
CA LYS A 21 -12.07 6.79 -10.60
C LYS A 21 -10.60 7.11 -10.34
N PHE A 22 -9.71 6.31 -10.88
CA PHE A 22 -8.29 6.44 -10.58
C PHE A 22 -7.46 6.48 -11.86
N PRO A 23 -7.71 7.46 -12.76
CA PRO A 23 -7.11 7.49 -14.09
C PRO A 23 -5.68 8.04 -14.07
N GLU A 24 -5.25 8.51 -12.91
CA GLU A 24 -3.95 9.11 -12.78
C GLU A 24 -3.01 8.22 -11.95
N LEU A 25 -3.26 6.92 -11.99
CA LEU A 25 -2.42 5.96 -11.30
C LEU A 25 -1.10 5.75 -12.02
N PRO A 26 -0.02 5.59 -11.26
CA PRO A 26 1.30 5.30 -11.80
C PRO A 26 1.52 3.80 -11.97
N SER A 27 2.44 3.43 -12.85
CA SER A 27 2.64 2.04 -13.21
C SER A 27 3.75 1.37 -12.37
N GLY A 28 4.68 2.17 -11.86
CA GLY A 28 5.78 1.62 -11.09
C GLY A 28 7.12 1.88 -11.75
N ILE A 29 8.19 1.69 -10.97
CA ILE A 29 9.55 1.94 -11.44
C ILE A 29 10.09 0.75 -12.23
N ASP A 30 11.30 0.93 -12.76
CA ASP A 30 12.07 -0.16 -13.32
C ASP A 30 12.96 -0.74 -12.23
N VAL A 31 13.10 -2.06 -12.21
CA VAL A 31 13.84 -2.73 -11.15
C VAL A 31 14.84 -3.71 -11.75
N ASN A 32 16.02 -3.77 -11.18
CA ASN A 32 17.04 -4.69 -11.67
C ASN A 32 16.89 -6.03 -10.98
N ILE A 33 15.93 -6.81 -11.45
CA ILE A 33 15.50 -8.01 -10.75
C ILE A 33 16.44 -9.20 -10.98
N ASN A 34 17.66 -8.92 -11.44
CA ASN A 34 18.66 -9.96 -11.57
C ASN A 34 19.52 -10.02 -10.31
N MET A 35 19.48 -8.94 -9.53
CA MET A 35 20.26 -8.86 -8.29
C MET A 35 19.39 -8.35 -7.14
N THR A 36 18.37 -7.58 -7.49
CA THR A 36 17.46 -7.03 -6.49
C THR A 36 16.04 -7.54 -6.72
N THR A 37 15.48 -8.15 -5.70
CA THR A 37 14.12 -8.64 -5.78
C THR A 37 13.14 -7.50 -5.51
N PRO A 38 12.05 -7.42 -6.29
CA PRO A 38 11.11 -6.28 -6.24
C PRO A 38 10.68 -5.93 -4.82
N ALA A 39 10.27 -6.95 -4.07
CA ALA A 39 9.75 -6.74 -2.73
C ALA A 39 10.80 -6.16 -1.78
N MET A 40 12.06 -6.49 -2.01
CA MET A 40 13.12 -6.02 -1.10
C MET A 40 13.36 -4.53 -1.32
N MET A 41 13.29 -4.09 -2.57
CA MET A 41 13.34 -2.67 -2.85
C MET A 41 12.10 -2.00 -2.31
N ILE A 42 10.98 -2.71 -2.36
CA ILE A 42 9.73 -2.22 -1.79
C ILE A 42 9.90 -1.84 -0.33
N SER A 43 10.65 -2.64 0.43
CA SER A 43 10.79 -2.40 1.84
C SER A 43 11.72 -1.23 2.04
N SER A 44 12.92 -1.33 1.45
CA SER A 44 13.91 -0.26 1.46
C SER A 44 13.34 1.07 0.95
N GLU A 45 12.23 1.01 0.23
CA GLU A 45 11.71 2.21 -0.42
C GLU A 45 10.83 2.95 0.56
N LEU A 46 10.02 2.19 1.27
CA LEU A 46 9.13 2.73 2.28
C LEU A 46 9.92 3.02 3.56
N ALA A 47 10.89 2.15 3.82
CA ALA A 47 11.66 2.19 5.05
C ALA A 47 12.83 3.17 5.00
N LYS A 48 13.18 3.70 3.82
CA LYS A 48 14.23 4.71 3.78
C LYS A 48 13.59 6.10 3.90
N LYS A 49 12.28 6.12 4.08
CA LYS A 49 11.54 7.34 4.34
C LYS A 49 11.57 7.65 5.83
N PRO A 50 11.73 8.93 6.21
CA PRO A 50 11.70 9.36 7.60
C PRO A 50 10.33 9.13 8.23
N LYS A 51 10.34 8.63 9.48
CA LYS A 51 9.15 8.21 10.24
C LYS A 51 7.89 9.07 9.97
N GLU A 52 8.09 10.37 9.80
CA GLU A 52 7.01 11.29 9.47
C GLU A 52 6.15 10.76 8.31
N VAL A 53 6.82 10.34 7.24
CA VAL A 53 6.15 9.94 6.01
C VAL A 53 5.20 8.76 6.20
N GLN A 54 5.71 7.65 6.72
CA GLN A 54 4.87 6.47 6.93
C GLN A 54 3.64 6.80 7.76
N LEU A 55 3.86 7.53 8.85
CA LEU A 55 2.76 7.92 9.73
C LEU A 55 1.79 8.86 9.03
N LYS A 56 2.32 9.88 8.37
CA LYS A 56 1.49 10.87 7.71
C LYS A 56 0.73 10.25 6.55
N PHE A 57 1.36 9.34 5.84
CA PHE A 57 0.71 8.62 4.77
C PHE A 57 -0.38 7.74 5.34
N LEU A 58 -0.03 6.89 6.30
CA LEU A 58 -0.95 5.90 6.85
C LEU A 58 -2.19 6.54 7.51
N GLN A 59 -2.03 7.69 8.16
CA GLN A 59 -3.14 8.33 8.86
C GLN A 59 -4.07 9.01 7.88
N LYS A 60 -3.49 9.85 7.05
CA LYS A 60 -4.22 10.53 6.00
C LYS A 60 -4.91 9.52 5.08
N PHE A 61 -4.16 8.49 4.69
CA PHE A 61 -4.71 7.37 3.91
C PHE A 61 -5.85 6.69 4.68
N GLN A 62 -5.65 6.48 5.98
CA GLN A 62 -6.71 5.92 6.84
C GLN A 62 -8.01 6.70 6.70
N GLU A 63 -7.95 8.03 6.83
CA GLU A 63 -9.15 8.84 6.66
C GLU A 63 -9.76 8.61 5.28
N TRP A 64 -8.92 8.71 4.25
CA TRP A 64 -9.33 8.39 2.89
C TRP A 64 -10.06 7.04 2.81
N THR A 65 -9.48 5.99 3.38
CA THR A 65 -10.06 4.65 3.27
C THR A 65 -11.26 4.46 4.20
N ARG A 66 -11.37 5.27 5.24
CA ARG A 66 -12.54 5.20 6.10
C ARG A 66 -13.73 5.89 5.45
N ALA A 67 -13.46 6.90 4.64
CA ALA A 67 -14.47 7.53 3.82
C ALA A 67 -14.72 6.72 2.55
N HIS A 68 -13.75 5.87 2.20
CA HIS A 68 -13.84 5.06 0.98
C HIS A 68 -13.46 3.60 1.23
N PRO A 69 -14.18 2.87 2.10
CA PRO A 69 -13.85 1.47 2.39
C PRO A 69 -14.07 0.56 1.18
N GLU A 70 -14.91 1.00 0.27
CA GLU A 70 -15.19 0.25 -0.93
C GLU A 70 -14.14 0.59 -2.00
N ASP A 71 -13.92 1.90 -2.21
CA ASP A 71 -12.98 2.37 -3.22
C ASP A 71 -11.57 1.90 -2.88
N ALA A 72 -11.19 2.09 -1.62
CA ALA A 72 -9.86 1.71 -1.15
C ALA A 72 -9.60 0.23 -1.35
N ALA A 73 -10.51 -0.59 -0.84
CA ALA A 73 -10.35 -2.03 -0.93
C ALA A 73 -10.30 -2.49 -2.37
N SER A 74 -11.09 -1.84 -3.22
CA SER A 74 -11.08 -2.18 -4.64
C SER A 74 -9.75 -1.78 -5.28
N LEU A 75 -9.20 -0.63 -4.89
CA LEU A 75 -7.94 -0.16 -5.44
C LEU A 75 -6.79 -1.04 -4.97
N LEU A 76 -6.79 -1.36 -3.68
CA LEU A 76 -5.74 -2.16 -3.09
C LEU A 76 -5.71 -3.56 -3.71
N GLU A 77 -6.89 -4.11 -3.97
CA GLU A 77 -6.99 -5.46 -4.51
C GLU A 77 -6.40 -5.51 -5.91
N LEU A 78 -6.59 -4.44 -6.66
CA LEU A 78 -6.15 -4.40 -8.04
C LEU A 78 -4.70 -3.94 -8.14
N CYS A 79 -4.25 -3.11 -7.19
CA CYS A 79 -2.88 -2.61 -7.19
C CYS A 79 -2.15 -3.05 -5.92
N PRO A 80 -1.39 -4.16 -5.98
CA PRO A 80 -0.72 -4.73 -4.81
C PRO A 80 0.41 -3.86 -4.24
N GLN A 81 0.87 -2.84 -4.99
CA GLN A 81 1.98 -2.01 -4.50
C GLN A 81 1.56 -1.26 -3.23
N LEU A 82 0.32 -0.78 -3.22
CA LEU A 82 -0.20 -0.01 -2.11
C LEU A 82 -0.55 -0.90 -0.92
N SER A 83 -1.27 -1.98 -1.22
CA SER A 83 -1.52 -3.03 -0.23
C SER A 83 -0.27 -3.39 0.58
N PHE A 84 0.86 -3.60 -0.09
CA PHE A 84 2.09 -3.96 0.61
C PHE A 84 2.79 -2.71 1.16
N VAL A 85 2.58 -1.57 0.52
CA VAL A 85 3.03 -0.29 1.07
C VAL A 85 2.51 -0.15 2.50
N THR A 86 1.21 -0.35 2.66
CA THR A 86 0.59 -0.27 3.97
C THR A 86 1.23 -1.27 4.92
N ALA A 87 1.33 -2.52 4.47
CA ALA A 87 1.89 -3.61 5.26
C ALA A 87 3.27 -3.24 5.83
N GLU A 88 4.17 -2.81 4.96
CA GLU A 88 5.53 -2.48 5.37
C GLU A 88 5.54 -1.26 6.30
N LEU A 89 4.79 -0.23 5.97
CA LEU A 89 4.74 0.96 6.82
C LEU A 89 4.18 0.62 8.20
N LEU A 90 3.23 -0.31 8.24
CA LEU A 90 2.73 -0.85 9.51
C LEU A 90 3.88 -1.46 10.29
N LEU A 91 4.74 -2.18 9.57
CA LEU A 91 5.89 -2.85 10.17
C LEU A 91 6.97 -1.85 10.57
N THR A 92 7.06 -0.72 9.89
CA THR A 92 8.09 0.27 10.19
C THR A 92 7.89 0.86 11.59
N ASN A 93 6.65 1.24 11.87
CA ASN A 93 6.33 1.88 13.14
C ASN A 93 6.04 0.87 14.23
N GLY A 94 5.62 -0.33 13.84
CA GLY A 94 5.26 -1.33 14.82
C GLY A 94 3.77 -1.34 15.11
N ILE A 95 3.02 -0.58 14.32
CA ILE A 95 1.55 -0.57 14.39
C ILE A 95 1.03 -2.01 14.34
N CYS A 96 1.50 -2.73 13.34
CA CYS A 96 1.13 -4.11 13.14
C CYS A 96 2.39 -4.93 12.91
N LYS A 97 2.32 -6.21 13.18
CA LYS A 97 3.45 -7.09 12.94
C LYS A 97 3.18 -7.95 11.72
N VAL A 98 4.16 -8.72 11.30
CA VAL A 98 3.95 -9.65 10.19
C VAL A 98 2.79 -10.60 10.54
N ASP A 99 2.74 -10.96 11.82
CA ASP A 99 1.69 -11.82 12.37
C ASP A 99 0.30 -11.27 12.08
N ASP A 100 0.19 -9.94 12.01
CA ASP A 100 -1.10 -9.29 11.82
C ASP A 100 -1.43 -9.14 10.34
N LEU A 101 -0.42 -9.31 9.50
CA LEU A 101 -0.58 -9.06 8.07
C LEU A 101 -1.10 -10.30 7.35
N ILE A 102 -0.62 -11.46 7.75
CA ILE A 102 -1.03 -12.70 7.11
C ILE A 102 -2.53 -12.98 7.24
N PRO A 103 -3.16 -12.74 8.41
CA PRO A 103 -4.62 -12.85 8.56
C PRO A 103 -5.38 -11.93 7.61
N LEU A 104 -4.71 -10.87 7.13
CA LEU A 104 -5.31 -9.98 6.14
C LEU A 104 -5.46 -10.73 4.83
N ALA A 105 -4.46 -11.53 4.51
CA ALA A 105 -4.48 -12.32 3.29
C ALA A 105 -5.30 -13.59 3.48
N GLU B 6 -9.59 12.34 -5.53
CA GLU B 6 -10.02 11.08 -4.96
C GLU B 6 -8.89 10.55 -4.10
N LEU B 7 -7.80 10.22 -4.76
CA LEU B 7 -6.59 9.84 -4.07
C LEU B 7 -5.77 11.07 -3.74
N PRO B 8 -5.34 11.20 -2.49
CA PRO B 8 -4.35 12.17 -2.11
C PRO B 8 -3.07 11.95 -2.90
N THR B 9 -2.52 13.02 -3.42
CA THR B 9 -1.44 12.98 -4.39
C THR B 9 -0.19 12.28 -3.87
N GLU B 10 0.03 12.37 -2.56
CA GLU B 10 1.17 11.71 -1.93
C GLU B 10 1.16 10.21 -2.19
N VAL B 11 -0.03 9.62 -2.10
CA VAL B 11 -0.21 8.20 -2.41
C VAL B 11 0.27 7.88 -3.82
N LEU B 12 -0.11 8.73 -4.77
CA LEU B 12 0.29 8.55 -6.16
C LEU B 12 1.80 8.48 -6.31
N ASP B 13 2.51 9.42 -5.70
CA ASP B 13 3.97 9.44 -5.76
C ASP B 13 4.54 8.16 -5.18
N LEU B 14 3.99 7.74 -4.06
CA LEU B 14 4.48 6.55 -3.38
C LEU B 14 4.32 5.31 -4.23
N LEU B 15 3.19 5.20 -4.93
CA LEU B 15 2.93 4.03 -5.76
C LEU B 15 3.94 3.97 -6.91
N SER B 16 4.42 5.13 -7.30
CA SER B 16 5.32 5.22 -8.45
C SER B 16 6.79 5.16 -8.05
N VAL B 17 7.11 5.23 -6.76
CA VAL B 17 8.49 5.09 -6.33
C VAL B 17 8.85 3.63 -6.07
N ILE B 18 7.89 2.73 -6.26
CA ILE B 18 8.14 1.31 -6.03
C ILE B 18 7.96 0.50 -7.31
N PRO B 19 8.44 -0.76 -7.32
CA PRO B 19 8.37 -1.65 -8.50
C PRO B 19 6.97 -1.82 -9.05
N LYS B 20 6.89 -2.02 -10.36
CA LYS B 20 5.63 -2.33 -11.02
C LYS B 20 5.04 -3.61 -10.44
N ARG B 21 3.75 -3.53 -10.11
CA ARG B 21 3.03 -4.64 -9.46
C ARG B 21 3.05 -5.95 -10.27
N GLN B 22 3.56 -5.91 -11.49
CA GLN B 22 3.64 -7.12 -12.30
C GLN B 22 4.92 -7.90 -11.97
N TYR B 23 5.92 -7.18 -11.48
CA TYR B 23 7.21 -7.79 -11.11
C TYR B 23 7.08 -8.71 -9.90
N PHE B 24 5.92 -8.73 -9.26
CA PHE B 24 5.71 -9.60 -8.12
C PHE B 24 4.31 -10.18 -8.10
N ASN B 25 4.02 -10.95 -7.05
CA ASN B 25 2.75 -11.63 -6.91
C ASN B 25 1.60 -10.65 -6.75
N THR B 26 0.40 -11.14 -7.04
CA THR B 26 -0.79 -10.34 -6.95
C THR B 26 -1.51 -10.60 -5.63
N ASN B 27 -1.79 -11.87 -5.37
CA ASN B 27 -2.33 -12.29 -4.08
C ASN B 27 -1.30 -12.14 -2.97
N LEU B 28 -1.08 -10.90 -2.54
CA LEU B 28 -0.18 -10.62 -1.43
C LEU B 28 -0.97 -10.64 -0.12
N LEU B 29 -1.90 -9.71 -0.05
CA LEU B 29 -2.78 -9.54 1.09
C LEU B 29 -4.17 -9.26 0.58
N ASP B 30 -5.19 -9.55 1.37
CA ASP B 30 -6.55 -9.33 0.90
C ASP B 30 -6.96 -7.92 1.24
N ALA B 31 -6.84 -7.04 0.25
CA ALA B 31 -7.24 -5.63 0.35
C ALA B 31 -8.47 -5.37 1.20
N GLN B 32 -9.50 -6.20 1.04
CA GLN B 32 -10.72 -5.97 1.77
C GLN B 32 -10.45 -6.11 3.24
N LYS B 33 -9.85 -7.23 3.61
CA LYS B 33 -9.54 -7.51 5.01
C LYS B 33 -8.63 -6.42 5.58
N LEU B 34 -7.72 -5.93 4.74
CA LEU B 34 -6.81 -4.85 5.12
C LEU B 34 -7.58 -3.57 5.37
N VAL B 35 -8.58 -3.31 4.55
CA VAL B 35 -9.42 -2.13 4.71
C VAL B 35 -10.34 -2.29 5.92
N ASN B 36 -10.93 -3.48 6.07
CA ASN B 36 -11.74 -3.77 7.25
C ASN B 36 -10.88 -3.56 8.48
N PHE B 37 -9.62 -3.95 8.34
CA PHE B 37 -8.64 -3.90 9.41
C PHE B 37 -8.21 -2.46 9.72
N LEU B 38 -7.92 -1.67 8.68
CA LEU B 38 -7.32 -0.35 8.87
C LEU B 38 -8.37 0.67 9.28
N ASN B 39 -9.62 0.39 8.93
CA ASN B 39 -10.73 1.30 9.22
C ASN B 39 -11.31 0.99 10.60
N ASP B 40 -11.50 -0.29 10.89
CA ASP B 40 -12.17 -0.70 12.12
C ASP B 40 -11.18 -1.02 13.25
N GLN B 41 -10.02 -1.58 12.91
CA GLN B 41 -9.17 -2.18 13.93
C GLN B 41 -7.82 -1.48 14.11
N VAL B 42 -7.45 -0.57 13.21
CA VAL B 42 -6.14 0.05 13.27
C VAL B 42 -6.23 1.53 13.65
N GLU B 43 -5.25 1.99 14.41
CA GLU B 43 -5.12 3.39 14.75
C GLU B 43 -3.67 3.79 14.55
N ILE B 44 -3.41 4.63 13.57
CA ILE B 44 -2.04 4.96 13.20
C ILE B 44 -1.43 5.90 14.24
N PRO B 45 -0.34 5.45 14.88
CA PRO B 45 0.38 6.21 15.90
C PRO B 45 0.66 7.65 15.51
N ALA A 15 -10.42 -3.09 -16.39
CA ALA A 15 -9.98 -2.18 -15.36
C ALA A 15 -10.68 -0.82 -15.51
N ASN A 16 -11.98 -0.88 -15.74
CA ASN A 16 -12.79 0.35 -15.86
C ASN A 16 -12.77 1.14 -14.56
N PHE A 17 -12.69 0.43 -13.45
CA PHE A 17 -12.60 1.02 -12.12
C PHE A 17 -11.42 1.98 -12.02
N LEU A 18 -10.26 1.54 -12.50
CA LEU A 18 -9.07 2.37 -12.46
C LEU A 18 -9.15 3.48 -13.50
N SER A 19 -9.42 3.12 -14.73
CA SER A 19 -9.42 4.07 -15.84
C SER A 19 -10.41 5.22 -15.62
N GLN A 20 -11.36 5.03 -14.71
CA GLN A 20 -12.30 6.09 -14.37
C GLN A 20 -11.80 6.87 -13.16
N LYS A 21 -11.65 6.19 -12.04
CA LYS A 21 -11.40 6.85 -10.76
C LYS A 21 -9.91 7.05 -10.50
N PHE A 22 -9.10 6.09 -10.95
CA PHE A 22 -7.67 6.10 -10.67
C PHE A 22 -6.86 5.94 -11.95
N PRO A 23 -7.00 6.88 -12.91
CA PRO A 23 -6.41 6.72 -14.25
C PRO A 23 -4.96 7.16 -14.32
N GLU A 24 -4.41 7.59 -13.20
CA GLU A 24 -3.04 8.07 -13.15
C GLU A 24 -2.21 7.25 -12.18
N LEU A 25 -2.58 6.00 -11.99
CA LEU A 25 -1.86 5.11 -11.10
C LEU A 25 -0.48 4.78 -11.63
N PRO A 26 0.57 5.14 -10.88
CA PRO A 26 1.93 4.74 -11.20
C PRO A 26 2.08 3.23 -11.10
N SER A 27 2.99 2.68 -11.88
CA SER A 27 3.12 1.24 -11.98
C SER A 27 4.33 0.75 -11.19
N GLY A 28 5.11 1.68 -10.67
CA GLY A 28 6.27 1.31 -9.91
C GLY A 28 7.57 1.56 -10.65
N ILE A 29 8.67 1.38 -9.94
CA ILE A 29 10.01 1.52 -10.49
C ILE A 29 10.47 0.23 -11.14
N ASP A 30 11.32 0.34 -12.15
CA ASP A 30 11.97 -0.85 -12.69
C ASP A 30 13.11 -1.22 -11.76
N VAL A 31 13.28 -2.50 -11.51
CA VAL A 31 14.20 -2.95 -10.47
C VAL A 31 15.25 -3.86 -11.05
N ASN A 32 16.47 -3.74 -10.56
CA ASN A 32 17.56 -4.57 -11.04
C ASN A 32 17.65 -5.83 -10.18
N ILE A 33 16.79 -6.79 -10.52
CA ILE A 33 16.66 -8.03 -9.74
C ILE A 33 17.79 -9.02 -10.05
N ASN A 34 18.93 -8.46 -10.46
CA ASN A 34 20.14 -9.25 -10.65
C ASN A 34 20.82 -9.48 -9.31
N MET A 35 20.34 -8.75 -8.31
CA MET A 35 20.88 -8.83 -6.96
C MET A 35 19.79 -8.60 -5.92
N THR A 36 19.23 -7.39 -5.92
CA THR A 36 18.18 -7.05 -4.98
C THR A 36 16.83 -7.64 -5.42
N THR A 37 15.97 -7.89 -4.47
CA THR A 37 14.66 -8.46 -4.75
C THR A 37 13.57 -7.40 -4.57
N PRO A 38 12.40 -7.60 -5.19
CA PRO A 38 11.30 -6.63 -5.10
C PRO A 38 10.95 -6.30 -3.65
N ALA A 39 10.80 -7.34 -2.82
CA ALA A 39 10.45 -7.18 -1.42
C ALA A 39 11.54 -6.43 -0.65
N MET A 40 12.79 -6.67 -1.03
CA MET A 40 13.92 -6.06 -0.37
C MET A 40 13.89 -4.55 -0.62
N MET A 41 13.62 -4.19 -1.86
CA MET A 41 13.48 -2.79 -2.22
C MET A 41 12.31 -2.17 -1.47
N ILE A 42 11.14 -2.84 -1.53
CA ILE A 42 9.94 -2.31 -0.87
C ILE A 42 10.19 -2.00 0.61
N SER A 43 11.04 -2.79 1.26
CA SER A 43 11.22 -2.65 2.68
C SER A 43 12.14 -1.45 2.91
N SER A 44 13.05 -1.25 1.97
CA SER A 44 14.06 -0.20 2.05
C SER A 44 13.46 1.10 1.52
N GLU A 45 12.35 0.99 0.82
CA GLU A 45 11.80 2.13 0.09
C GLU A 45 10.88 2.90 1.00
N LEU A 46 10.09 2.17 1.74
CA LEU A 46 9.15 2.76 2.67
C LEU A 46 9.90 3.20 3.93
N ALA A 47 10.90 2.40 4.32
CA ALA A 47 11.64 2.63 5.55
C ALA A 47 12.85 3.58 5.41
N LYS A 48 13.28 3.93 4.19
CA LYS A 48 14.43 4.82 4.06
C LYS A 48 14.01 6.29 4.19
N LYS A 49 12.72 6.54 4.05
CA LYS A 49 12.21 7.90 4.20
C LYS A 49 11.65 8.10 5.60
N PRO A 50 11.86 9.30 6.17
CA PRO A 50 11.51 9.63 7.56
C PRO A 50 10.08 9.24 7.94
N LYS A 51 9.93 8.75 9.17
CA LYS A 51 8.66 8.24 9.69
C LYS A 51 7.51 9.25 9.55
N GLU A 52 7.82 10.54 9.47
CA GLU A 52 6.79 11.54 9.21
C GLU A 52 6.02 11.19 7.94
N VAL A 53 6.73 10.69 6.94
CA VAL A 53 6.12 10.24 5.69
C VAL A 53 5.04 9.19 5.92
N GLN A 54 5.40 8.10 6.58
CA GLN A 54 4.45 7.01 6.78
C GLN A 54 3.27 7.49 7.61
N LEU A 55 3.51 8.37 8.58
CA LEU A 55 2.45 8.90 9.43
C LEU A 55 1.56 9.86 8.62
N LYS A 56 2.19 10.67 7.77
CA LYS A 56 1.49 11.57 6.87
C LYS A 56 0.59 10.78 5.94
N PHE A 57 1.20 9.82 5.26
CA PHE A 57 0.52 8.95 4.32
C PHE A 57 -0.59 8.20 5.02
N LEU A 58 -0.25 7.46 6.05
CA LEU A 58 -1.19 6.54 6.69
C LEU A 58 -2.37 7.25 7.35
N GLN A 59 -2.17 8.44 7.91
CA GLN A 59 -3.26 9.15 8.60
C GLN A 59 -4.25 9.67 7.59
N LYS A 60 -3.72 10.43 6.65
CA LYS A 60 -4.53 10.96 5.56
C LYS A 60 -5.19 9.82 4.79
N PHE A 61 -4.41 8.80 4.46
CA PHE A 61 -4.90 7.63 3.76
C PHE A 61 -6.02 6.97 4.54
N GLN A 62 -5.79 6.78 5.84
CA GLN A 62 -6.81 6.21 6.72
C GLN A 62 -8.13 6.93 6.56
N GLU A 63 -8.12 8.25 6.69
CA GLU A 63 -9.35 9.02 6.55
C GLU A 63 -9.94 8.83 5.16
N TRP A 64 -9.10 8.92 4.15
CA TRP A 64 -9.48 8.64 2.76
C TRP A 64 -10.23 7.31 2.65
N THR A 65 -9.73 6.26 3.29
CA THR A 65 -10.34 4.94 3.18
C THR A 65 -11.52 4.77 4.15
N ARG A 66 -11.54 5.48 5.27
CA ARG A 66 -12.72 5.49 6.12
C ARG A 66 -13.92 6.07 5.36
N ALA A 67 -13.68 7.12 4.60
CA ALA A 67 -14.72 7.77 3.82
C ALA A 67 -15.32 6.82 2.78
N HIS A 68 -14.45 6.21 1.99
CA HIS A 68 -14.89 5.25 0.99
C HIS A 68 -14.06 3.97 1.07
N PRO A 69 -14.51 3.02 1.91
CA PRO A 69 -13.83 1.73 2.08
C PRO A 69 -13.89 0.88 0.81
N GLU A 70 -14.88 1.13 -0.03
CA GLU A 70 -15.03 0.41 -1.29
C GLU A 70 -13.94 0.84 -2.27
N ASP A 71 -13.76 2.16 -2.42
CA ASP A 71 -12.71 2.71 -3.27
C ASP A 71 -11.36 2.16 -2.85
N ALA A 72 -11.05 2.32 -1.57
CA ALA A 72 -9.79 1.86 -1.00
C ALA A 72 -9.54 0.39 -1.27
N ALA A 73 -10.42 -0.47 -0.77
CA ALA A 73 -10.22 -1.91 -0.86
C ALA A 73 -10.12 -2.37 -2.29
N SER A 74 -10.92 -1.80 -3.17
CA SER A 74 -10.88 -2.18 -4.57
C SER A 74 -9.50 -1.86 -5.17
N LEU A 75 -8.93 -0.72 -4.80
CA LEU A 75 -7.64 -0.31 -5.31
C LEU A 75 -6.52 -1.17 -4.73
N LEU A 76 -6.58 -1.38 -3.42
CA LEU A 76 -5.57 -2.18 -2.72
C LEU A 76 -5.53 -3.62 -3.24
N GLU A 77 -6.70 -4.13 -3.61
CA GLU A 77 -6.83 -5.52 -4.02
C GLU A 77 -6.47 -5.69 -5.49
N LEU A 78 -6.51 -4.59 -6.24
CA LEU A 78 -6.14 -4.63 -7.65
C LEU A 78 -4.69 -4.18 -7.86
N CYS A 79 -4.23 -3.24 -7.04
CA CYS A 79 -2.86 -2.76 -7.13
C CYS A 79 -2.06 -3.21 -5.90
N PRO A 80 -1.15 -4.19 -6.07
CA PRO A 80 -0.50 -4.85 -4.94
C PRO A 80 0.61 -4.03 -4.28
N GLN A 81 1.05 -2.94 -4.91
CA GLN A 81 2.12 -2.14 -4.31
C GLN A 81 1.60 -1.38 -3.10
N LEU A 82 0.31 -1.03 -3.13
CA LEU A 82 -0.28 -0.22 -2.06
C LEU A 82 -0.71 -1.11 -0.89
N SER A 83 -1.39 -2.23 -1.17
CA SER A 83 -1.68 -3.23 -0.14
C SER A 83 -0.44 -3.57 0.69
N PHE A 84 0.70 -3.77 0.02
CA PHE A 84 1.94 -4.05 0.75
C PHE A 84 2.60 -2.78 1.29
N VAL A 85 2.43 -1.66 0.59
CA VAL A 85 2.88 -0.37 1.10
C VAL A 85 2.32 -0.14 2.49
N THR A 86 1.01 -0.36 2.63
CA THR A 86 0.34 -0.22 3.91
C THR A 86 0.96 -1.18 4.91
N ALA A 87 1.11 -2.43 4.49
CA ALA A 87 1.69 -3.49 5.32
C ALA A 87 3.04 -3.07 5.91
N GLU A 88 4.02 -2.80 5.05
CA GLU A 88 5.37 -2.49 5.52
C GLU A 88 5.41 -1.21 6.37
N LEU A 89 4.58 -0.22 6.04
CA LEU A 89 4.50 0.99 6.86
C LEU A 89 3.92 0.66 8.24
N LEU A 90 2.98 -0.27 8.27
CA LEU A 90 2.47 -0.80 9.52
C LEU A 90 3.60 -1.48 10.30
N LEU A 91 4.41 -2.25 9.58
CA LEU A 91 5.50 -3.02 10.17
C LEU A 91 6.51 -2.10 10.83
N THR A 92 6.94 -1.07 10.11
CA THR A 92 7.98 -0.16 10.60
C THR A 92 7.53 0.64 11.81
N ASN A 93 6.24 1.00 11.88
CA ASN A 93 5.74 1.73 13.05
C ASN A 93 5.50 0.79 14.23
N GLY A 94 5.49 -0.51 13.96
CA GLY A 94 5.39 -1.48 15.04
C GLY A 94 3.96 -1.75 15.46
N ILE A 95 3.00 -1.24 14.70
CA ILE A 95 1.59 -1.51 14.99
C ILE A 95 1.29 -3.00 14.84
N CYS A 96 1.65 -3.54 13.69
CA CYS A 96 1.44 -4.95 13.39
C CYS A 96 2.68 -5.49 12.70
N LYS A 97 2.83 -6.81 12.69
CA LYS A 97 3.98 -7.43 12.06
C LYS A 97 3.55 -8.29 10.89
N VAL A 98 4.51 -8.90 10.20
CA VAL A 98 4.20 -9.70 9.00
C VAL A 98 3.18 -10.79 9.31
N ASP A 99 3.30 -11.39 10.49
CA ASP A 99 2.42 -12.47 10.91
C ASP A 99 1.01 -11.95 11.20
N ASP A 100 0.86 -10.63 11.31
CA ASP A 100 -0.44 -9.97 11.48
C ASP A 100 -1.05 -9.69 10.10
N LEU A 101 -0.26 -9.90 9.07
CA LEU A 101 -0.68 -9.60 7.70
C LEU A 101 -1.25 -10.84 7.02
N ILE A 102 -0.65 -11.97 7.32
CA ILE A 102 -1.15 -13.26 6.85
C ILE A 102 -2.62 -13.52 7.26
N PRO A 103 -3.07 -13.11 8.47
CA PRO A 103 -4.51 -13.13 8.80
C PRO A 103 -5.35 -12.32 7.80
N LEU A 104 -4.73 -11.34 7.17
CA LEU A 104 -5.39 -10.58 6.11
C LEU A 104 -5.42 -11.42 4.84
N ALA A 105 -4.33 -12.14 4.60
CA ALA A 105 -4.20 -12.99 3.43
C ALA A 105 -4.94 -14.30 3.64
N GLU B 6 -9.79 12.44 -4.98
CA GLU B 6 -9.33 11.05 -5.16
C GLU B 6 -8.13 10.71 -4.25
N LEU B 7 -7.02 10.27 -4.86
CA LEU B 7 -5.84 9.82 -4.12
C LEU B 7 -4.94 10.98 -3.71
N PRO B 8 -4.44 10.93 -2.46
CA PRO B 8 -3.40 11.84 -1.97
C PRO B 8 -2.12 11.80 -2.81
N THR B 9 -1.49 12.95 -2.90
CA THR B 9 -0.18 13.10 -3.52
C THR B 9 0.84 12.12 -2.93
N GLU B 10 0.80 11.94 -1.62
CA GLU B 10 1.66 10.99 -0.93
C GLU B 10 1.52 9.60 -1.52
N VAL B 11 0.28 9.18 -1.75
CA VAL B 11 0.00 7.87 -2.33
C VAL B 11 0.63 7.75 -3.72
N LEU B 12 0.30 8.70 -4.59
CA LEU B 12 0.83 8.73 -5.95
C LEU B 12 2.36 8.56 -5.97
N ASP B 13 3.06 9.44 -5.24
CA ASP B 13 4.52 9.38 -5.16
C ASP B 13 4.98 8.01 -4.70
N LEU B 14 4.36 7.51 -3.65
CA LEU B 14 4.79 6.27 -3.02
C LEU B 14 4.61 5.07 -3.94
N LEU B 15 3.49 5.03 -4.66
CA LEU B 15 3.23 3.88 -5.53
C LEU B 15 4.25 3.83 -6.66
N SER B 16 4.77 4.99 -7.01
CA SER B 16 5.76 5.08 -8.08
C SER B 16 7.19 4.79 -7.60
N VAL B 17 7.48 5.02 -6.32
CA VAL B 17 8.86 4.84 -5.83
C VAL B 17 9.19 3.39 -5.50
N ILE B 18 8.21 2.51 -5.55
CA ILE B 18 8.44 1.10 -5.25
C ILE B 18 8.35 0.24 -6.50
N PRO B 19 8.96 -0.96 -6.48
CA PRO B 19 8.96 -1.92 -7.58
C PRO B 19 7.64 -2.03 -8.34
N LYS B 20 7.76 -2.30 -9.63
CA LYS B 20 6.62 -2.51 -10.52
C LYS B 20 5.65 -3.55 -9.95
N ARG B 21 4.36 -3.23 -10.05
CA ARG B 21 3.25 -4.07 -9.56
C ARG B 21 3.27 -5.51 -10.12
N GLN B 22 4.16 -5.77 -11.07
CA GLN B 22 4.26 -7.08 -11.71
C GLN B 22 5.24 -7.98 -10.95
N TYR B 23 6.21 -7.35 -10.30
CA TYR B 23 7.23 -8.05 -9.53
C TYR B 23 6.65 -8.73 -8.29
N PHE B 24 5.34 -8.66 -8.13
CA PHE B 24 4.68 -9.27 -6.99
C PHE B 24 3.91 -10.52 -7.43
N ASN B 25 2.63 -10.59 -7.03
CA ASN B 25 1.77 -11.75 -7.32
C ASN B 25 2.26 -12.98 -6.56
N THR B 26 2.45 -12.80 -5.26
CA THR B 26 2.85 -13.89 -4.37
C THR B 26 2.42 -13.57 -2.94
N ASN B 27 1.47 -14.37 -2.45
CA ASN B 27 0.91 -14.22 -1.11
C ASN B 27 -0.03 -13.02 -1.07
N LEU B 28 0.54 -11.81 -1.07
CA LEU B 28 -0.23 -10.57 -1.12
C LEU B 28 -1.14 -10.44 0.10
N LEU B 29 -2.02 -9.46 0.07
CA LEU B 29 -2.92 -9.20 1.19
C LEU B 29 -4.32 -8.89 0.68
N ASP B 30 -5.30 -9.67 1.10
CA ASP B 30 -6.71 -9.37 0.87
C ASP B 30 -7.02 -7.96 1.35
N ALA B 31 -7.17 -7.06 0.40
CA ALA B 31 -7.43 -5.65 0.68
C ALA B 31 -8.66 -5.44 1.52
N GLN B 32 -9.75 -6.13 1.20
CA GLN B 32 -10.99 -5.96 1.94
C GLN B 32 -10.77 -6.24 3.42
N LYS B 33 -9.93 -7.22 3.71
CA LYS B 33 -9.61 -7.53 5.09
C LYS B 33 -8.77 -6.41 5.69
N LEU B 34 -7.74 -6.02 4.95
CA LEU B 34 -6.83 -4.95 5.36
C LEU B 34 -7.55 -3.62 5.61
N VAL B 35 -8.56 -3.34 4.81
CA VAL B 35 -9.28 -2.08 4.93
C VAL B 35 -10.13 -2.06 6.18
N ASN B 36 -10.87 -3.13 6.40
CA ASN B 36 -11.69 -3.25 7.60
C ASN B 36 -10.80 -3.39 8.82
N PHE B 37 -9.62 -3.97 8.60
CA PHE B 37 -8.60 -4.08 9.64
C PHE B 37 -8.10 -2.70 10.03
N LEU B 38 -7.67 -1.93 9.04
CA LEU B 38 -7.13 -0.60 9.25
C LEU B 38 -8.22 0.35 9.75
N ASN B 39 -9.46 0.12 9.32
CA ASN B 39 -10.58 0.95 9.71
C ASN B 39 -10.92 0.78 11.19
N ASP B 40 -11.31 -0.43 11.55
CA ASP B 40 -11.88 -0.69 12.87
C ASP B 40 -10.82 -1.13 13.88
N GLN B 41 -9.81 -1.84 13.40
CA GLN B 41 -8.88 -2.51 14.30
C GLN B 41 -7.51 -1.83 14.36
N VAL B 42 -7.29 -0.84 13.51
CA VAL B 42 -6.00 -0.16 13.49
C VAL B 42 -6.17 1.36 13.61
N GLU B 43 -5.21 1.99 14.25
CA GLU B 43 -5.17 3.44 14.38
C GLU B 43 -3.73 3.87 14.25
N ILE B 44 -3.46 4.75 13.30
CA ILE B 44 -2.09 5.14 12.98
C ILE B 44 -1.45 5.94 14.10
N PRO B 45 -0.20 5.60 14.47
CA PRO B 45 0.52 6.26 15.55
C PRO B 45 0.92 7.69 15.18
N ALA A 15 -11.04 -1.97 -16.24
CA ALA A 15 -11.16 -1.21 -15.01
C ALA A 15 -11.86 0.12 -15.25
N ASN A 16 -13.17 0.07 -15.46
CA ASN A 16 -13.97 1.28 -15.67
C ASN A 16 -13.93 2.16 -14.42
N PHE A 17 -14.09 1.52 -13.27
CA PHE A 17 -14.03 2.19 -11.98
C PHE A 17 -12.74 2.99 -11.84
N LEU A 18 -11.62 2.37 -12.18
CA LEU A 18 -10.35 3.05 -12.05
C LEU A 18 -10.18 4.13 -13.11
N SER A 19 -10.61 3.88 -14.33
CA SER A 19 -10.48 4.88 -15.39
C SER A 19 -11.34 6.11 -15.09
N GLN A 20 -12.23 5.98 -14.11
CA GLN A 20 -13.08 7.10 -13.69
C GLN A 20 -12.44 7.92 -12.58
N LYS A 21 -12.05 7.28 -11.47
CA LYS A 21 -11.53 8.02 -10.31
C LYS A 21 -10.02 7.91 -10.18
N PHE A 22 -9.46 6.87 -10.79
CA PHE A 22 -8.05 6.55 -10.59
C PHE A 22 -7.34 6.37 -11.94
N PRO A 23 -7.31 7.41 -12.79
CA PRO A 23 -6.84 7.29 -14.17
C PRO A 23 -5.32 7.43 -14.30
N GLU A 24 -4.65 7.64 -13.19
CA GLU A 24 -3.22 7.88 -13.19
C GLU A 24 -2.49 6.93 -12.25
N LEU A 25 -3.06 5.75 -12.07
CA LEU A 25 -2.45 4.73 -11.22
C LEU A 25 -1.13 4.24 -11.80
N PRO A 26 -0.06 4.27 -10.98
CA PRO A 26 1.26 3.79 -11.37
C PRO A 26 1.30 2.27 -11.54
N SER A 27 2.14 1.81 -12.46
CA SER A 27 2.20 0.39 -12.80
C SER A 27 3.27 -0.33 -11.96
N GLY A 28 4.16 0.44 -11.36
CA GLY A 28 5.23 -0.12 -10.57
C GLY A 28 6.55 -0.17 -11.32
N ILE A 29 7.63 -0.36 -10.58
CA ILE A 29 8.96 -0.43 -11.18
C ILE A 29 9.36 -1.88 -11.44
N ASP A 30 10.17 -2.08 -12.46
CA ASP A 30 10.75 -3.39 -12.75
C ASP A 30 11.89 -3.63 -11.77
N VAL A 31 11.87 -4.79 -11.13
CA VAL A 31 12.77 -5.07 -10.03
C VAL A 31 13.61 -6.30 -10.33
N ASN A 32 14.90 -6.17 -10.10
CA ASN A 32 15.81 -7.28 -10.30
C ASN A 32 15.71 -8.27 -9.14
N ILE A 33 14.70 -9.13 -9.22
CA ILE A 33 14.42 -10.11 -8.19
C ILE A 33 15.42 -11.26 -8.24
N ASN A 34 16.40 -11.13 -9.12
CA ASN A 34 17.52 -12.05 -9.19
C ASN A 34 18.57 -11.65 -8.15
N MET A 35 18.26 -10.61 -7.38
CA MET A 35 19.15 -10.11 -6.34
C MET A 35 18.36 -9.70 -5.11
N THR A 36 17.26 -8.99 -5.35
CA THR A 36 16.43 -8.50 -4.27
C THR A 36 14.98 -8.91 -4.47
N THR A 37 14.35 -9.44 -3.44
CA THR A 37 12.94 -9.78 -3.52
C THR A 37 12.10 -8.52 -3.54
N PRO A 38 10.93 -8.53 -4.21
CA PRO A 38 10.12 -7.32 -4.36
C PRO A 38 9.74 -6.72 -3.02
N ALA A 39 9.32 -7.59 -2.10
CA ALA A 39 8.90 -7.18 -0.75
C ALA A 39 10.06 -6.54 0.03
N MET A 40 11.28 -6.84 -0.38
CA MET A 40 12.45 -6.38 0.36
C MET A 40 12.75 -4.96 -0.10
N MET A 41 12.74 -4.79 -1.41
CA MET A 41 12.85 -3.48 -2.04
C MET A 41 11.74 -2.59 -1.51
N ILE A 42 10.52 -3.14 -1.47
CA ILE A 42 9.37 -2.41 -0.94
C ILE A 42 9.65 -1.84 0.43
N SER A 43 10.24 -2.64 1.33
CA SER A 43 10.39 -2.21 2.70
C SER A 43 11.51 -1.17 2.77
N SER A 44 12.66 -1.50 2.19
CA SER A 44 13.80 -0.57 2.11
C SER A 44 13.39 0.78 1.54
N GLU A 45 12.35 0.80 0.72
CA GLU A 45 11.97 2.02 0.01
C GLU A 45 11.17 2.90 0.97
N LEU A 46 10.31 2.25 1.74
CA LEU A 46 9.44 2.93 2.67
C LEU A 46 10.20 3.27 3.95
N ALA A 47 11.04 2.34 4.35
CA ALA A 47 11.73 2.40 5.63
C ALA A 47 12.99 3.26 5.59
N LYS A 48 13.44 3.65 4.41
CA LYS A 48 14.60 4.53 4.33
C LYS A 48 14.15 5.98 4.39
N LYS A 49 12.84 6.18 4.53
CA LYS A 49 12.25 7.50 4.64
C LYS A 49 11.99 7.83 6.11
N PRO A 50 12.03 9.12 6.46
CA PRO A 50 11.76 9.59 7.84
C PRO A 50 10.38 9.16 8.33
N LYS A 51 10.34 8.71 9.59
CA LYS A 51 9.13 8.20 10.25
C LYS A 51 7.89 9.06 10.01
N GLU A 52 8.05 10.38 9.89
CA GLU A 52 6.88 11.22 9.67
C GLU A 52 6.18 10.86 8.36
N VAL A 53 6.95 10.54 7.32
CA VAL A 53 6.38 10.16 6.01
C VAL A 53 5.35 9.05 6.13
N GLN A 54 5.75 7.94 6.74
CA GLN A 54 4.87 6.79 6.86
C GLN A 54 3.63 7.17 7.66
N LEU A 55 3.81 8.01 8.67
CA LEU A 55 2.70 8.43 9.52
C LEU A 55 1.77 9.37 8.77
N LYS A 56 2.34 10.30 8.03
CA LYS A 56 1.56 11.24 7.21
C LYS A 56 0.73 10.48 6.19
N PHE A 57 1.41 9.61 5.44
CA PHE A 57 0.76 8.77 4.46
C PHE A 57 -0.30 7.92 5.14
N LEU A 58 0.09 7.20 6.18
CA LEU A 58 -0.80 6.28 6.85
C LEU A 58 -2.01 6.96 7.47
N GLN A 59 -1.87 8.16 8.05
CA GLN A 59 -3.02 8.83 8.68
C GLN A 59 -4.06 9.14 7.64
N LYS A 60 -3.67 9.95 6.67
CA LYS A 60 -4.57 10.40 5.64
C LYS A 60 -5.14 9.22 4.87
N PHE A 61 -4.29 8.23 4.60
CA PHE A 61 -4.73 7.01 3.93
C PHE A 61 -5.76 6.27 4.77
N GLN A 62 -5.42 6.04 6.04
CA GLN A 62 -6.31 5.38 7.00
C GLN A 62 -7.70 6.04 7.05
N GLU A 63 -7.73 7.37 6.99
CA GLU A 63 -9.00 8.09 6.96
C GLU A 63 -9.67 7.93 5.59
N TRP A 64 -8.90 8.19 4.54
CA TRP A 64 -9.33 7.96 3.16
C TRP A 64 -10.02 6.60 3.00
N THR A 65 -9.41 5.55 3.53
CA THR A 65 -9.94 4.20 3.36
C THR A 65 -11.15 3.94 4.27
N ARG A 66 -11.24 4.66 5.39
CA ARG A 66 -12.40 4.53 6.27
C ARG A 66 -13.62 5.18 5.67
N ALA A 67 -13.45 6.38 5.12
CA ALA A 67 -14.54 7.09 4.50
C ALA A 67 -14.85 6.57 3.10
N HIS A 68 -13.97 5.72 2.57
CA HIS A 68 -14.17 5.14 1.24
C HIS A 68 -13.76 3.67 1.21
N PRO A 69 -14.38 2.80 2.03
CA PRO A 69 -13.99 1.39 2.10
C PRO A 69 -14.11 0.68 0.75
N GLU A 70 -15.17 0.98 0.02
CA GLU A 70 -15.41 0.35 -1.28
C GLU A 70 -14.37 0.83 -2.29
N ASP A 71 -14.19 2.15 -2.38
CA ASP A 71 -13.20 2.74 -3.29
C ASP A 71 -11.82 2.20 -2.97
N ALA A 72 -11.47 2.29 -1.70
CA ALA A 72 -10.17 1.87 -1.20
C ALA A 72 -9.88 0.41 -1.52
N ALA A 73 -10.78 -0.48 -1.09
CA ALA A 73 -10.56 -1.90 -1.27
C ALA A 73 -10.50 -2.28 -2.73
N SER A 74 -11.27 -1.61 -3.57
CA SER A 74 -11.22 -1.87 -5.00
C SER A 74 -9.84 -1.51 -5.55
N LEU A 75 -9.28 -0.40 -5.07
CA LEU A 75 -7.98 0.06 -5.52
C LEU A 75 -6.89 -0.85 -5.00
N LEU A 76 -6.95 -1.16 -3.71
CA LEU A 76 -5.94 -2.00 -3.07
C LEU A 76 -5.86 -3.39 -3.70
N GLU A 77 -6.99 -3.87 -4.17
CA GLU A 77 -7.06 -5.22 -4.70
C GLU A 77 -6.39 -5.27 -6.08
N LEU A 78 -6.68 -4.30 -6.92
CA LEU A 78 -6.11 -4.31 -8.25
C LEU A 78 -4.72 -3.65 -8.26
N CYS A 79 -4.43 -2.84 -7.25
CA CYS A 79 -3.12 -2.23 -7.10
C CYS A 79 -2.52 -2.60 -5.74
N PRO A 80 -1.88 -3.77 -5.65
CA PRO A 80 -1.42 -4.31 -4.37
C PRO A 80 -0.11 -3.73 -3.86
N GLN A 81 0.53 -2.83 -4.61
CA GLN A 81 1.74 -2.18 -4.10
C GLN A 81 1.35 -1.29 -2.94
N LEU A 82 0.12 -0.80 -2.99
CA LEU A 82 -0.41 0.05 -1.96
C LEU A 82 -0.76 -0.76 -0.72
N SER A 83 -1.56 -1.81 -0.93
CA SER A 83 -1.84 -2.80 0.11
C SER A 83 -0.56 -3.18 0.88
N PHE A 84 0.52 -3.46 0.15
CA PHE A 84 1.77 -3.86 0.79
C PHE A 84 2.55 -2.65 1.31
N VAL A 85 2.39 -1.51 0.64
CA VAL A 85 3.03 -0.27 1.08
C VAL A 85 2.50 0.10 2.46
N THR A 86 1.21 -0.13 2.66
CA THR A 86 0.58 0.12 3.94
C THR A 86 1.12 -0.88 4.96
N ALA A 87 1.23 -2.13 4.53
CA ALA A 87 1.73 -3.22 5.37
C ALA A 87 3.08 -2.88 5.98
N GLU A 88 4.05 -2.54 5.14
CA GLU A 88 5.39 -2.25 5.60
C GLU A 88 5.42 -1.04 6.53
N LEU A 89 4.66 0.00 6.22
CA LEU A 89 4.59 1.17 7.09
C LEU A 89 3.92 0.83 8.42
N LEU A 90 3.02 -0.14 8.38
CA LEU A 90 2.41 -0.68 9.59
C LEU A 90 3.46 -1.40 10.43
N LEU A 91 4.48 -1.91 9.75
CA LEU A 91 5.58 -2.62 10.39
C LEU A 91 6.63 -1.64 10.91
N THR A 92 6.75 -0.50 10.24
CA THR A 92 7.76 0.49 10.60
C THR A 92 7.43 1.11 11.96
N ASN A 93 6.17 1.47 12.15
CA ASN A 93 5.73 2.07 13.40
C ASN A 93 5.49 1.01 14.46
N GLY A 94 5.22 -0.21 14.03
CA GLY A 94 5.10 -1.31 14.96
C GLY A 94 3.70 -1.51 15.48
N ILE A 95 2.74 -0.78 14.91
CA ILE A 95 1.34 -0.95 15.28
C ILE A 95 0.87 -2.35 14.89
N CYS A 96 1.34 -2.81 13.74
CA CYS A 96 1.02 -4.15 13.28
C CYS A 96 2.32 -4.92 13.06
N LYS A 97 2.25 -6.24 13.14
CA LYS A 97 3.41 -7.07 12.90
C LYS A 97 3.18 -7.94 11.66
N VAL A 98 4.25 -8.51 11.12
CA VAL A 98 4.15 -9.30 9.89
C VAL A 98 3.12 -10.42 10.04
N ASP A 99 3.17 -11.11 11.18
CA ASP A 99 2.31 -12.25 11.44
C ASP A 99 0.85 -11.83 11.60
N ASP A 100 0.62 -10.54 11.84
CA ASP A 100 -0.74 -10.01 11.98
C ASP A 100 -1.29 -9.57 10.63
N LEU A 101 -0.41 -9.52 9.63
CA LEU A 101 -0.80 -9.10 8.30
C LEU A 101 -1.17 -10.30 7.44
N ILE A 102 -0.47 -11.40 7.64
CA ILE A 102 -0.74 -12.64 6.91
C ILE A 102 -2.21 -13.10 7.03
N PRO A 103 -2.88 -12.94 8.20
CA PRO A 103 -4.34 -13.16 8.32
C PRO A 103 -5.14 -12.45 7.22
N LEU A 104 -4.66 -11.29 6.76
CA LEU A 104 -5.31 -10.55 5.68
C LEU A 104 -5.24 -11.37 4.40
N ALA A 105 -4.21 -12.20 4.30
CA ALA A 105 -3.96 -13.04 3.13
C ALA A 105 -4.51 -14.44 3.33
N GLU B 6 -10.55 11.39 -4.24
CA GLU B 6 -9.41 11.14 -5.15
C GLU B 6 -8.26 10.43 -4.42
N LEU B 7 -7.14 10.27 -5.12
CA LEU B 7 -5.91 9.82 -4.49
C LEU B 7 -4.95 10.95 -4.22
N PRO B 8 -4.44 11.03 -3.00
CA PRO B 8 -3.36 11.95 -2.61
C PRO B 8 -2.12 11.78 -3.46
N THR B 9 -1.45 12.91 -3.72
CA THR B 9 -0.22 12.94 -4.50
C THR B 9 0.87 12.06 -3.87
N GLU B 10 0.90 12.00 -2.53
CA GLU B 10 1.86 11.16 -1.83
C GLU B 10 1.64 9.70 -2.21
N VAL B 11 0.37 9.27 -2.23
CA VAL B 11 0.03 7.91 -2.61
C VAL B 11 0.53 7.57 -4.02
N LEU B 12 0.22 8.43 -4.98
CA LEU B 12 0.62 8.21 -6.37
C LEU B 12 2.11 7.94 -6.51
N ASP B 13 2.93 8.85 -5.99
CA ASP B 13 4.38 8.69 -6.08
C ASP B 13 4.82 7.42 -5.37
N LEU B 14 4.23 7.17 -4.21
CA LEU B 14 4.60 6.02 -3.40
C LEU B 14 4.33 4.71 -4.14
N LEU B 15 3.27 4.68 -4.93
CA LEU B 15 2.93 3.49 -5.69
C LEU B 15 3.92 3.27 -6.81
N SER B 16 4.49 4.37 -7.31
CA SER B 16 5.40 4.31 -8.44
C SER B 16 6.86 4.13 -8.01
N VAL B 17 7.13 4.20 -6.71
CA VAL B 17 8.49 3.99 -6.23
C VAL B 17 8.73 2.54 -5.79
N ILE B 18 7.79 1.65 -6.08
CA ILE B 18 7.93 0.25 -5.67
C ILE B 18 7.55 -0.73 -6.80
N PRO B 19 7.96 -2.01 -6.65
CA PRO B 19 7.73 -3.09 -7.62
C PRO B 19 6.34 -3.15 -8.23
N LYS B 20 6.30 -3.72 -9.43
CA LYS B 20 5.09 -4.06 -10.14
C LYS B 20 4.29 -5.13 -9.40
N ARG B 21 2.98 -4.91 -9.33
CA ARG B 21 2.01 -5.86 -8.76
C ARG B 21 2.20 -7.32 -9.19
N GLN B 22 3.01 -7.56 -10.21
CA GLN B 22 3.13 -8.90 -10.79
C GLN B 22 4.17 -9.75 -10.04
N TYR B 23 5.05 -9.07 -9.31
CA TYR B 23 6.13 -9.76 -8.59
C TYR B 23 5.62 -10.51 -7.37
N PHE B 24 4.46 -10.13 -6.87
CA PHE B 24 3.93 -10.71 -5.63
C PHE B 24 2.47 -11.11 -5.78
N ASN B 25 2.04 -12.06 -4.93
CA ASN B 25 0.65 -12.50 -4.94
C ASN B 25 0.18 -12.88 -3.51
N THR B 26 0.54 -14.06 -3.01
CA THR B 26 0.34 -14.33 -1.57
C THR B 26 1.29 -13.45 -0.76
N ASN B 27 2.39 -13.10 -1.40
CA ASN B 27 3.28 -12.05 -0.90
C ASN B 27 2.59 -10.68 -0.96
N LEU B 28 1.39 -10.60 -0.40
CA LEU B 28 0.53 -9.43 -0.44
C LEU B 28 -0.50 -9.51 0.67
N LEU B 29 -1.49 -8.63 0.59
CA LEU B 29 -2.58 -8.58 1.54
C LEU B 29 -3.89 -8.42 0.77
N ASP B 30 -4.99 -8.87 1.35
CA ASP B 30 -6.27 -8.78 0.67
C ASP B 30 -6.94 -7.46 1.00
N ALA B 31 -7.02 -6.62 -0.02
CA ALA B 31 -7.66 -5.30 0.03
C ALA B 31 -8.88 -5.21 0.92
N GLN B 32 -9.80 -6.14 0.79
CA GLN B 32 -11.04 -6.05 1.53
C GLN B 32 -10.77 -6.14 3.00
N LYS B 33 -10.14 -7.22 3.42
CA LYS B 33 -9.89 -7.46 4.83
C LYS B 33 -8.92 -6.42 5.35
N LEU B 34 -8.07 -5.91 4.48
CA LEU B 34 -7.11 -4.88 4.86
C LEU B 34 -7.82 -3.57 5.14
N VAL B 35 -8.89 -3.31 4.40
CA VAL B 35 -9.63 -2.08 4.58
C VAL B 35 -10.37 -2.13 5.90
N ASN B 36 -11.08 -3.23 6.15
CA ASN B 36 -11.82 -3.36 7.40
C ASN B 36 -10.86 -3.55 8.58
N PHE B 37 -9.66 -4.03 8.28
CA PHE B 37 -8.62 -4.16 9.29
C PHE B 37 -8.04 -2.79 9.67
N LEU B 38 -7.76 -1.97 8.67
CA LEU B 38 -7.10 -0.68 8.91
C LEU B 38 -8.12 0.32 9.43
N ASN B 39 -9.32 0.21 8.88
CA ASN B 39 -10.46 1.00 9.28
C ASN B 39 -10.73 0.87 10.78
N ASP B 40 -11.05 -0.34 11.21
CA ASP B 40 -11.53 -0.53 12.58
C ASP B 40 -10.43 -0.91 13.56
N GLN B 41 -9.53 -1.79 13.15
CA GLN B 41 -8.62 -2.42 14.09
C GLN B 41 -7.31 -1.64 14.26
N VAL B 42 -7.01 -0.74 13.33
CA VAL B 42 -5.72 -0.09 13.34
C VAL B 42 -5.82 1.37 13.74
N GLU B 43 -4.82 1.83 14.45
CA GLU B 43 -4.71 3.21 14.87
C GLU B 43 -3.35 3.72 14.50
N ILE B 44 -3.29 4.65 13.57
CA ILE B 44 -2.02 5.16 13.09
C ILE B 44 -1.43 6.11 14.11
N PRO B 45 -0.16 5.90 14.48
CA PRO B 45 0.51 6.75 15.46
C PRO B 45 0.92 8.09 14.85
#